data_4FQU
#
_entry.id   4FQU
#
_cell.length_a   242.845
_cell.length_b   242.845
_cell.length_c   242.845
_cell.angle_alpha   90.00
_cell.angle_beta   90.00
_cell.angle_gamma   90.00
#
_symmetry.space_group_name_H-M   'P 21 3'
#
loop_
_entity.id
_entity.type
_entity.pdbx_description
1 polymer 'Putative glutathione transferase'
2 water water
#
_entity_poly.entity_id   1
_entity_poly.type   'polypeptide(L)'
_entity_poly.pdbx_seq_one_letter_code
;MGLLIDGVWRDAWYDTKSSGGRFVRKESQYRGGLDAGFRGEPGRYHLYAGFACPWAHRVLIMRALKGLEEMISVSMVNAY
MGENGWTFLPGDDVVPDSINGADYLYQVYTAADPTYTGRVTIPILWDKVEKRILNNESSEIIRILNSAFDDVGALPGDYY
PAEFRPEIDRINARVYETLNNGVYRSGFATTQEAYEEAFYPLFDTLDWLEEHLTGREWLVGDRLTEADIRLFPTLVRFDA
IYHGHFKCNLRRIADYPNLSRLVGKLASHERVAPTINLRHAKAHYYGSHPSVNPTGIVPVGPAQPLPGLTLQS
;
_entity_poly.pdbx_strand_id   A,B,C,D,E,F,G,H
#
# COMPACT_ATOMS: atom_id res chain seq x y z
N GLY A 2 -9.89 27.72 -15.88
CA GLY A 2 -9.14 28.80 -16.50
C GLY A 2 -9.76 30.19 -16.34
N LEU A 3 -9.00 31.14 -15.83
CA LEU A 3 -9.43 32.52 -15.76
C LEU A 3 -8.28 33.44 -16.09
N LEU A 4 -8.60 34.67 -16.45
CA LEU A 4 -7.54 35.65 -16.52
C LEU A 4 -7.52 36.33 -15.18
N ILE A 5 -6.37 36.34 -14.52
CA ILE A 5 -6.33 36.90 -13.17
C ILE A 5 -5.72 38.28 -13.09
N ASP A 6 -4.59 38.52 -13.71
CA ASP A 6 -4.21 39.91 -13.71
C ASP A 6 -3.58 40.08 -15.05
N GLY A 7 -4.24 39.57 -16.08
CA GLY A 7 -3.64 39.50 -17.38
C GLY A 7 -2.83 38.19 -17.44
N VAL A 8 -2.96 37.38 -16.40
CA VAL A 8 -2.23 36.16 -16.49
C VAL A 8 -3.16 35.00 -16.53
N TRP A 9 -2.83 33.98 -17.29
CA TRP A 9 -3.79 32.94 -17.44
C TRP A 9 -3.61 31.91 -16.35
N ARG A 10 -4.70 31.57 -15.66
CA ARG A 10 -4.62 30.67 -14.51
C ARG A 10 -5.63 29.54 -14.60
N ASP A 11 -5.17 28.32 -14.86
CA ASP A 11 -6.05 27.14 -14.74
C ASP A 11 -6.10 26.65 -13.27
N ALA A 12 -5.51 27.43 -12.38
CA ALA A 12 -5.48 27.13 -10.94
C ALA A 12 -6.41 28.04 -10.09
N TRP A 13 -7.53 27.48 -9.63
CA TRP A 13 -8.55 28.20 -8.82
C TRP A 13 -8.76 29.71 -9.09
N TYR A 14 -9.61 30.31 -8.26
CA TYR A 14 -10.15 31.65 -8.48
C TYR A 14 -9.82 32.75 -7.41
N ASP A 15 -8.73 32.61 -6.64
CA ASP A 15 -7.76 31.51 -6.71
C ASP A 15 -7.34 30.94 -5.32
N THR A 16 -6.17 31.35 -4.83
CA THR A 16 -5.63 30.92 -3.53
C THR A 16 -6.38 31.65 -2.42
N LYS A 17 -6.85 32.85 -2.73
CA LYS A 17 -7.56 33.67 -1.75
C LYS A 17 -8.21 34.89 -2.42
N SER A 18 -9.52 34.79 -2.66
CA SER A 18 -10.33 33.62 -2.26
C SER A 18 -11.81 33.81 -2.73
N SER A 19 -12.55 34.72 -2.08
CA SER A 19 -13.83 35.33 -2.54
C SER A 19 -14.27 36.68 -1.84
N GLY A 20 -13.35 37.45 -1.23
CA GLY A 20 -11.93 37.12 -1.11
C GLY A 20 -11.34 37.00 0.31
N GLY A 21 -10.05 37.33 0.46
CA GLY A 21 -9.11 37.57 -0.64
C GLY A 21 -9.47 38.50 -1.79
N ARG A 22 -9.54 37.93 -3.00
CA ARG A 22 -9.84 38.68 -4.23
C ARG A 22 -11.04 38.08 -4.95
N PHE A 23 -12.10 38.89 -5.10
CA PHE A 23 -13.31 38.53 -5.87
C PHE A 23 -13.11 38.70 -7.36
N VAL A 24 -13.55 37.70 -8.14
CA VAL A 24 -13.50 37.71 -9.61
C VAL A 24 -14.90 37.71 -10.31
N ARG A 25 -15.19 38.76 -11.09
CA ARG A 25 -16.46 38.92 -11.78
C ARG A 25 -16.53 37.88 -12.87
N LYS A 26 -17.59 37.08 -12.90
CA LYS A 26 -17.66 35.96 -13.86
C LYS A 26 -18.60 36.23 -15.04
N GLU A 27 -19.36 37.29 -14.95
CA GLU A 27 -20.30 37.64 -16.00
C GLU A 27 -19.60 38.16 -17.25
N SER A 28 -20.38 38.43 -18.30
CA SER A 28 -19.83 39.09 -19.47
C SER A 28 -19.55 40.55 -19.14
N GLN A 29 -18.28 40.96 -19.15
CA GLN A 29 -18.02 42.32 -18.72
C GLN A 29 -18.03 43.41 -19.80
N TYR A 30 -18.50 43.12 -21.01
CA TYR A 30 -18.40 44.09 -22.09
C TYR A 30 -19.77 44.21 -22.73
N ARG A 31 -20.56 45.19 -22.30
CA ARG A 31 -21.94 45.26 -22.73
C ARG A 31 -22.25 46.45 -23.60
N GLY A 32 -21.38 46.68 -24.59
CA GLY A 32 -21.51 47.82 -25.49
C GLY A 32 -22.37 47.48 -26.68
N GLY A 33 -22.37 48.36 -27.68
CA GLY A 33 -23.33 48.30 -28.79
C GLY A 33 -24.61 48.63 -28.10
N LEU A 34 -25.74 48.36 -28.68
CA LEU A 34 -26.90 48.24 -27.77
C LEU A 34 -27.56 49.52 -27.33
N ASP A 35 -26.77 50.57 -27.16
CA ASP A 35 -27.30 51.82 -26.61
C ASP A 35 -28.06 52.69 -27.61
N ALA A 36 -28.78 53.66 -27.06
CA ALA A 36 -29.76 54.46 -27.79
C ALA A 36 -29.64 54.35 -29.32
N GLY A 37 -28.75 55.16 -29.87
CA GLY A 37 -28.55 55.17 -31.29
C GLY A 37 -27.10 55.40 -31.51
N PHE A 38 -26.37 54.45 -32.09
CA PHE A 38 -26.81 53.10 -32.39
C PHE A 38 -25.99 52.52 -33.54
N ARG A 39 -25.22 51.49 -33.32
CA ARG A 39 -24.97 50.57 -34.48
C ARG A 39 -24.30 51.08 -35.85
N GLY A 40 -23.83 50.11 -36.62
CA GLY A 40 -22.54 50.22 -37.22
C GLY A 40 -22.41 49.84 -38.66
N GLU A 41 -21.33 49.17 -38.98
CA GLU A 41 -20.52 49.54 -40.10
C GLU A 41 -19.80 48.37 -40.75
N PRO A 42 -19.94 48.22 -42.07
CA PRO A 42 -19.26 47.14 -42.77
C PRO A 42 -17.78 47.23 -42.56
N GLY A 43 -17.09 46.12 -42.51
CA GLY A 43 -15.65 46.15 -42.27
C GLY A 43 -15.13 46.65 -40.92
N ARG A 44 -16.00 47.08 -40.01
CA ARG A 44 -15.54 47.64 -38.74
C ARG A 44 -15.43 46.58 -37.64
N TYR A 45 -16.39 45.67 -37.58
CA TYR A 45 -16.42 44.70 -36.47
C TYR A 45 -16.01 43.28 -36.83
N HIS A 46 -15.44 42.56 -35.86
CA HIS A 46 -14.84 41.22 -36.04
C HIS A 46 -15.42 40.27 -35.00
N LEU A 47 -15.91 39.10 -35.45
CA LEU A 47 -16.53 38.09 -34.57
C LEU A 47 -15.54 36.99 -34.22
N TYR A 48 -15.36 36.75 -32.93
CA TYR A 48 -14.59 35.59 -32.49
C TYR A 48 -15.61 34.52 -32.09
N ALA A 49 -15.44 33.29 -32.53
CA ALA A 49 -16.46 32.29 -32.22
C ALA A 49 -15.96 30.87 -32.49
N GLY A 50 -16.87 29.90 -32.55
CA GLY A 50 -16.46 28.55 -32.77
C GLY A 50 -17.64 27.65 -33.02
N PHE A 51 -17.35 26.39 -33.25
CA PHE A 51 -18.42 25.49 -33.62
C PHE A 51 -18.95 24.73 -32.40
N ALA A 52 -18.19 24.72 -31.30
CA ALA A 52 -18.59 23.92 -30.16
C ALA A 52 -19.64 24.65 -29.33
N CYS A 53 -19.32 25.88 -28.93
CA CYS A 53 -20.16 26.76 -28.09
C CYS A 53 -21.55 26.98 -28.65
N PRO A 54 -22.61 26.62 -27.92
CA PRO A 54 -23.96 26.91 -28.42
C PRO A 54 -24.33 28.37 -28.19
N TRP A 55 -23.49 29.06 -27.43
CA TRP A 55 -23.77 30.46 -27.18
C TRP A 55 -23.22 31.16 -28.38
N ALA A 56 -22.07 30.72 -28.89
CA ALA A 56 -21.49 31.40 -30.04
C ALA A 56 -22.31 31.11 -31.29
N HIS A 57 -22.83 29.88 -31.33
CA HIS A 57 -23.74 29.50 -32.42
C HIS A 57 -24.81 30.54 -32.60
N ARG A 58 -25.33 31.09 -31.50
CA ARG A 58 -26.43 32.02 -31.60
C ARG A 58 -25.98 33.12 -32.52
N VAL A 59 -24.83 33.76 -32.22
CA VAL A 59 -24.40 34.84 -33.11
C VAL A 59 -24.04 34.35 -34.51
N LEU A 60 -23.54 33.14 -34.67
CA LEU A 60 -23.34 32.71 -36.07
C LEU A 60 -24.65 32.65 -36.87
N ILE A 61 -25.70 32.14 -36.24
CA ILE A 61 -26.95 32.06 -36.92
C ILE A 61 -27.52 33.43 -37.27
N MET A 62 -27.35 34.41 -36.40
CA MET A 62 -27.85 35.74 -36.71
C MET A 62 -26.95 36.36 -37.75
N ARG A 63 -25.67 36.02 -37.78
CA ARG A 63 -24.79 36.64 -38.75
C ARG A 63 -25.12 36.13 -40.12
N ALA A 64 -25.50 34.85 -40.22
CA ALA A 64 -25.95 34.37 -41.50
C ALA A 64 -27.34 34.92 -41.93
N LEU A 65 -28.30 34.85 -41.01
CA LEU A 65 -29.67 35.14 -41.32
C LEU A 65 -29.82 36.56 -41.86
N LYS A 66 -28.94 37.45 -41.41
CA LYS A 66 -28.94 38.84 -41.88
C LYS A 66 -27.95 39.07 -43.03
N GLY A 67 -27.14 38.09 -43.36
CA GLY A 67 -26.22 38.25 -44.46
C GLY A 67 -25.17 39.27 -44.17
N LEU A 68 -24.54 39.12 -43.02
CA LEU A 68 -23.49 40.01 -42.63
C LEU A 68 -22.15 39.31 -42.73
N GLU A 69 -22.11 38.20 -43.44
CA GLU A 69 -20.92 37.38 -43.48
C GLU A 69 -19.70 38.04 -44.11
N GLU A 70 -19.90 38.99 -44.99
CA GLU A 70 -18.76 39.75 -45.54
C GLU A 70 -18.60 41.14 -44.85
N MET A 71 -19.59 41.57 -44.05
CA MET A 71 -19.53 42.84 -43.33
C MET A 71 -18.91 42.71 -41.96
N ILE A 72 -18.91 41.48 -41.47
CA ILE A 72 -18.39 41.13 -40.17
C ILE A 72 -17.49 39.88 -40.27
N SER A 73 -16.18 40.06 -40.25
CA SER A 73 -15.26 38.96 -40.39
C SER A 73 -15.22 38.09 -39.16
N VAL A 74 -14.50 36.98 -39.27
CA VAL A 74 -14.51 35.95 -38.25
C VAL A 74 -13.17 35.27 -38.02
N SER A 75 -12.95 34.90 -36.77
CA SER A 75 -11.93 33.95 -36.45
C SER A 75 -12.64 32.86 -35.66
N MET A 76 -12.16 31.63 -35.82
CA MET A 76 -12.79 30.43 -35.24
C MET A 76 -11.78 29.55 -34.47
N VAL A 77 -12.05 29.28 -33.19
CA VAL A 77 -11.16 28.56 -32.28
C VAL A 77 -11.21 27.04 -32.38
N ASN A 78 -10.18 26.41 -31.81
CA ASN A 78 -10.03 24.96 -31.81
C ASN A 78 -11.05 24.26 -30.91
N ALA A 79 -11.42 23.03 -31.24
CA ALA A 79 -12.43 22.34 -30.44
C ALA A 79 -11.90 21.89 -29.10
N TYR A 80 -10.59 21.72 -29.00
CA TYR A 80 -10.02 21.27 -27.74
C TYR A 80 -9.74 22.47 -26.85
N MET A 81 -10.47 22.53 -25.73
CA MET A 81 -10.25 23.51 -24.66
C MET A 81 -9.46 22.87 -23.50
N GLY A 82 -8.15 23.10 -23.45
CA GLY A 82 -7.27 22.58 -22.41
C GLY A 82 -6.65 23.60 -21.46
N GLU A 83 -5.37 23.42 -21.15
CA GLU A 83 -4.65 24.22 -20.17
C GLU A 83 -4.88 25.70 -20.37
N ASN A 84 -4.87 26.11 -21.64
CA ASN A 84 -4.97 27.52 -22.02
C ASN A 84 -6.38 27.92 -22.42
N GLY A 85 -7.34 27.02 -22.29
CA GLY A 85 -8.66 27.37 -22.74
C GLY A 85 -8.77 27.49 -24.25
N TRP A 86 -9.76 28.24 -24.70
CA TRP A 86 -9.98 28.33 -26.12
C TRP A 86 -8.73 28.86 -26.78
N THR A 87 -8.28 28.20 -27.84
CA THR A 87 -7.00 28.44 -28.50
C THR A 87 -7.24 28.55 -30.00
N PHE A 88 -6.31 29.15 -30.72
CA PHE A 88 -6.36 29.16 -32.17
C PHE A 88 -5.29 28.23 -32.77
N LEU A 89 -4.91 27.19 -32.05
CA LEU A 89 -3.84 26.31 -32.54
C LEU A 89 -4.47 25.53 -33.65
N PRO A 90 -3.67 25.17 -34.63
CA PRO A 90 -4.04 24.39 -35.80
C PRO A 90 -5.00 23.27 -35.46
N GLY A 91 -6.05 23.09 -36.26
CA GLY A 91 -6.96 21.97 -36.05
C GLY A 91 -8.32 22.12 -36.66
N ASP A 92 -9.01 20.99 -36.86
CA ASP A 92 -10.33 20.97 -37.51
C ASP A 92 -11.17 22.23 -37.29
N ASP A 93 -11.38 22.97 -38.36
CA ASP A 93 -12.35 24.03 -38.39
C ASP A 93 -11.80 25.33 -37.80
N VAL A 94 -10.55 25.32 -37.38
CA VAL A 94 -9.92 26.56 -36.90
C VAL A 94 -9.68 27.66 -37.95
N VAL A 95 -9.98 28.89 -37.56
CA VAL A 95 -9.75 30.05 -38.42
C VAL A 95 -9.11 31.10 -37.54
N PRO A 96 -7.84 31.34 -37.77
CA PRO A 96 -6.85 32.05 -36.98
C PRO A 96 -7.19 33.51 -36.60
N ASP A 97 -6.60 34.01 -35.52
CA ASP A 97 -6.86 35.36 -35.09
C ASP A 97 -6.18 36.31 -36.06
N SER A 98 -6.82 36.66 -37.16
CA SER A 98 -6.30 37.75 -38.03
C SER A 98 -6.36 39.14 -37.32
N ILE A 99 -5.44 40.05 -37.61
CA ILE A 99 -5.27 41.24 -36.71
C ILE A 99 -5.26 40.84 -35.22
N ASN A 100 -4.05 40.64 -34.72
CA ASN A 100 -3.69 40.14 -33.38
C ASN A 100 -2.91 38.81 -33.33
N GLY A 101 -3.14 37.96 -34.30
CA GLY A 101 -2.39 36.72 -34.39
C GLY A 101 -2.16 35.99 -33.07
N ALA A 102 -3.21 35.84 -32.27
CA ALA A 102 -3.12 35.27 -30.94
C ALA A 102 -3.08 33.78 -31.05
N ASP A 103 -2.34 33.12 -30.17
CA ASP A 103 -2.37 31.66 -30.11
C ASP A 103 -3.58 31.24 -29.28
N TYR A 104 -3.82 32.01 -28.21
CA TYR A 104 -4.87 31.69 -27.26
C TYR A 104 -5.93 32.79 -27.20
N LEU A 105 -7.20 32.40 -27.01
CA LEU A 105 -8.29 33.37 -26.93
C LEU A 105 -8.03 34.36 -25.85
N TYR A 106 -7.54 33.89 -24.70
CA TYR A 106 -7.18 34.81 -23.60
C TYR A 106 -6.31 35.99 -24.06
N GLN A 107 -5.41 35.78 -25.02
CA GLN A 107 -4.64 36.90 -25.58
C GLN A 107 -5.47 37.97 -26.31
N VAL A 108 -6.73 37.69 -26.66
CA VAL A 108 -7.57 38.70 -27.29
C VAL A 108 -8.01 39.65 -26.19
N TYR A 109 -8.48 39.11 -25.07
CA TYR A 109 -8.89 39.96 -23.95
C TYR A 109 -7.78 40.87 -23.49
N THR A 110 -6.57 40.32 -23.53
CA THR A 110 -5.41 40.94 -22.91
C THR A 110 -4.73 41.94 -23.83
N ALA A 111 -5.00 41.79 -25.11
CA ALA A 111 -4.42 42.68 -26.10
C ALA A 111 -5.02 44.04 -25.91
N ALA A 112 -6.27 44.03 -25.46
CA ALA A 112 -7.07 45.21 -25.22
C ALA A 112 -6.84 45.86 -23.84
N ASP A 113 -6.71 45.03 -22.81
CA ASP A 113 -6.68 45.42 -21.39
C ASP A 113 -5.74 44.47 -20.62
N PRO A 114 -4.51 44.91 -20.38
CA PRO A 114 -3.41 44.02 -20.02
C PRO A 114 -3.52 43.40 -18.65
N THR A 115 -4.37 43.95 -17.81
CA THR A 115 -4.51 43.40 -16.46
C THR A 115 -5.84 42.71 -16.25
N TYR A 116 -6.64 42.62 -17.31
CA TYR A 116 -7.97 42.04 -17.26
C TYR A 116 -8.14 40.88 -16.30
N THR A 117 -9.13 40.97 -15.42
CA THR A 117 -9.50 39.85 -14.58
C THR A 117 -10.89 39.39 -14.91
N GLY A 118 -11.04 38.20 -15.45
CA GLY A 118 -12.37 37.64 -15.59
C GLY A 118 -12.39 36.36 -16.38
N ARG A 119 -13.57 35.93 -16.82
CA ARG A 119 -13.49 34.74 -17.65
C ARG A 119 -13.12 35.12 -19.08
N VAL A 120 -12.69 34.14 -19.87
CA VAL A 120 -12.22 34.41 -21.24
C VAL A 120 -13.06 33.54 -22.15
N THR A 121 -14.17 34.12 -22.62
CA THR A 121 -15.21 33.43 -23.41
C THR A 121 -15.44 33.90 -24.86
N ILE A 122 -16.14 33.06 -25.61
CA ILE A 122 -16.69 33.46 -26.91
C ILE A 122 -18.18 33.42 -26.79
N PRO A 123 -18.91 34.16 -27.64
CA PRO A 123 -18.49 35.01 -28.75
C PRO A 123 -18.08 36.40 -28.30
N ILE A 124 -17.24 37.08 -29.09
CA ILE A 124 -16.74 38.40 -28.76
C ILE A 124 -16.99 39.24 -29.98
N LEU A 125 -17.60 40.40 -29.86
CA LEU A 125 -17.72 41.25 -31.01
C LEU A 125 -16.66 42.31 -30.81
N TRP A 126 -15.69 42.33 -31.70
CA TRP A 126 -14.46 43.13 -31.51
C TRP A 126 -14.52 44.40 -32.34
N ASP A 127 -14.23 45.55 -31.76
CA ASP A 127 -14.28 46.76 -32.54
C ASP A 127 -12.89 47.03 -33.16
N LYS A 128 -12.73 46.82 -34.48
CA LYS A 128 -11.39 46.79 -35.08
C LYS A 128 -10.72 48.15 -34.98
N VAL A 129 -11.54 49.20 -35.03
CA VAL A 129 -11.04 50.57 -34.98
C VAL A 129 -10.60 50.96 -33.57
N GLU A 130 -11.40 50.66 -32.57
CA GLU A 130 -11.06 51.04 -31.21
C GLU A 130 -10.22 49.92 -30.57
N LYS A 131 -9.94 48.89 -31.36
CA LYS A 131 -8.98 47.87 -30.93
C LYS A 131 -9.31 47.32 -29.56
N ARG A 132 -10.50 46.75 -29.42
CA ARG A 132 -11.07 46.38 -28.12
C ARG A 132 -12.36 45.60 -28.31
N ILE A 133 -12.86 45.03 -27.21
CA ILE A 133 -14.15 44.34 -27.21
C ILE A 133 -15.39 45.22 -27.09
N LEU A 134 -16.29 45.10 -28.04
CA LEU A 134 -17.41 45.98 -28.00
C LEU A 134 -18.43 45.38 -27.10
N ASN A 135 -18.61 44.07 -27.20
CA ASN A 135 -19.64 43.41 -26.43
C ASN A 135 -19.42 41.92 -26.60
N ASN A 136 -19.60 41.16 -25.51
CA ASN A 136 -19.25 39.74 -25.51
C ASN A 136 -20.25 38.97 -24.67
N GLU A 137 -21.50 39.38 -24.80
CA GLU A 137 -22.65 38.68 -24.27
C GLU A 137 -23.56 38.30 -25.42
N SER A 138 -23.66 37.00 -25.72
CA SER A 138 -24.48 36.47 -26.85
C SER A 138 -25.87 37.13 -26.99
N SER A 139 -26.66 37.01 -25.93
CA SER A 139 -27.99 37.56 -25.97
C SER A 139 -27.94 38.94 -26.58
N GLU A 140 -27.04 39.78 -26.10
CA GLU A 140 -26.91 41.16 -26.62
C GLU A 140 -26.47 41.25 -28.07
N ILE A 141 -25.37 40.60 -28.46
CA ILE A 141 -24.86 40.64 -29.86
C ILE A 141 -25.91 40.35 -30.90
N ILE A 142 -26.51 39.18 -30.80
CA ILE A 142 -27.75 38.86 -31.50
C ILE A 142 -28.60 40.11 -31.82
N ARG A 143 -28.86 40.96 -30.82
CA ARG A 143 -29.73 42.15 -31.01
C ARG A 143 -29.04 43.25 -31.77
N ILE A 144 -27.78 43.47 -31.41
CA ILE A 144 -26.94 44.38 -32.13
C ILE A 144 -26.97 44.02 -33.59
N LEU A 145 -26.96 42.74 -33.94
CA LEU A 145 -26.81 42.40 -35.32
C LEU A 145 -28.13 42.40 -35.98
N ASN A 146 -29.21 42.36 -35.20
CA ASN A 146 -30.55 42.26 -35.80
C ASN A 146 -31.15 43.61 -36.26
N SER A 147 -31.00 44.66 -35.42
CA SER A 147 -31.44 46.06 -35.63
C SER A 147 -30.75 46.76 -36.82
N ALA A 148 -29.90 47.79 -36.64
CA ALA A 148 -29.29 48.50 -37.82
C ALA A 148 -27.78 48.15 -38.31
N PHE A 149 -27.73 47.12 -39.12
CA PHE A 149 -26.85 47.13 -40.22
C PHE A 149 -27.91 47.24 -41.31
N ASP A 150 -29.15 47.46 -40.89
CA ASP A 150 -30.31 47.36 -41.77
C ASP A 150 -30.20 48.40 -42.85
N ASP A 151 -29.85 49.57 -42.35
CA ASP A 151 -29.24 50.70 -43.01
C ASP A 151 -28.26 50.48 -44.16
N VAL A 152 -27.44 49.44 -44.11
CA VAL A 152 -26.21 49.47 -44.91
C VAL A 152 -25.94 48.17 -45.60
N GLY A 153 -27.02 47.44 -45.87
CA GLY A 153 -26.97 46.34 -46.81
C GLY A 153 -27.39 45.01 -46.24
N ALA A 154 -27.78 45.03 -44.99
CA ALA A 154 -28.21 43.81 -44.36
C ALA A 154 -29.46 43.32 -45.07
N LEU A 155 -29.71 42.01 -45.05
CA LEU A 155 -31.01 41.46 -45.42
C LEU A 155 -32.01 41.86 -44.37
N PRO A 156 -33.17 42.31 -44.81
CA PRO A 156 -34.30 42.60 -43.94
C PRO A 156 -34.60 41.41 -43.02
N GLY A 157 -35.07 41.66 -41.81
CA GLY A 157 -35.38 40.61 -40.85
C GLY A 157 -35.42 41.26 -39.47
N ASP A 158 -36.57 41.19 -38.75
CA ASP A 158 -36.67 41.73 -37.38
C ASP A 158 -37.02 40.57 -36.47
N TYR A 159 -36.02 40.06 -35.75
CA TYR A 159 -36.21 38.82 -35.00
C TYR A 159 -36.54 39.14 -33.55
N TYR A 160 -36.81 40.41 -33.29
CA TYR A 160 -37.27 40.87 -32.00
C TYR A 160 -38.37 41.92 -32.21
N PRO A 161 -39.46 41.50 -32.85
CA PRO A 161 -40.62 42.32 -33.26
C PRO A 161 -41.22 43.03 -32.07
N ALA A 162 -41.25 44.36 -32.06
CA ALA A 162 -41.79 45.07 -30.89
C ALA A 162 -43.10 44.51 -30.47
N GLU A 163 -43.91 44.11 -31.45
CA GLU A 163 -45.26 43.61 -31.17
C GLU A 163 -45.28 42.44 -30.21
N PHE A 164 -44.11 41.80 -30.03
CA PHE A 164 -43.99 40.46 -29.45
C PHE A 164 -42.95 40.33 -28.38
N ARG A 165 -42.23 41.40 -28.15
CA ARG A 165 -41.11 41.35 -27.22
C ARG A 165 -41.46 40.71 -25.88
N PRO A 166 -42.57 41.13 -25.26
CA PRO A 166 -42.98 40.45 -24.01
C PRO A 166 -42.98 38.93 -24.14
N GLU A 167 -43.73 38.37 -25.09
CA GLU A 167 -43.75 36.89 -25.16
C GLU A 167 -42.38 36.30 -25.47
N ILE A 168 -41.69 36.87 -26.46
CA ILE A 168 -40.34 36.42 -26.72
C ILE A 168 -39.55 36.38 -25.42
N ASP A 169 -39.64 37.46 -24.65
CA ASP A 169 -38.93 37.56 -23.38
C ASP A 169 -39.30 36.45 -22.41
N ARG A 170 -40.59 36.26 -22.13
CA ARG A 170 -41.04 35.14 -21.32
C ARG A 170 -40.33 33.84 -21.69
N ILE A 171 -40.31 33.54 -22.99
CA ILE A 171 -39.76 32.29 -23.47
C ILE A 171 -38.27 32.26 -23.37
N ASN A 172 -37.61 33.33 -23.77
CA ASN A 172 -36.16 33.33 -23.66
C ASN A 172 -35.71 33.09 -22.25
N ALA A 173 -36.49 33.60 -21.29
CA ALA A 173 -36.06 33.48 -19.92
C ALA A 173 -36.11 32.01 -19.49
N ARG A 174 -37.29 31.37 -19.57
CA ARG A 174 -37.38 29.98 -19.19
C ARG A 174 -36.39 29.13 -19.96
N VAL A 175 -36.31 29.33 -21.25
CA VAL A 175 -35.40 28.55 -22.05
C VAL A 175 -33.99 28.73 -21.61
N TYR A 176 -33.61 29.95 -21.25
CA TYR A 176 -32.23 30.22 -20.85
C TYR A 176 -31.90 29.44 -19.61
N GLU A 177 -32.69 29.76 -18.60
CA GLU A 177 -32.51 29.30 -17.24
C GLU A 177 -32.59 27.74 -17.11
N THR A 178 -33.50 27.08 -17.82
CA THR A 178 -33.79 25.68 -17.52
C THR A 178 -33.26 24.72 -18.55
N LEU A 179 -32.86 25.26 -19.71
CA LEU A 179 -32.47 24.48 -20.91
C LEU A 179 -31.10 24.85 -21.47
N ASN A 180 -30.97 26.11 -21.91
CA ASN A 180 -29.70 26.63 -22.38
C ASN A 180 -28.61 26.41 -21.35
N ASN A 181 -28.88 26.83 -20.13
CA ASN A 181 -27.92 26.67 -19.08
C ASN A 181 -28.26 25.38 -18.31
N GLY A 182 -29.47 24.86 -18.53
CA GLY A 182 -29.90 23.60 -17.93
C GLY A 182 -29.02 22.39 -18.18
N VAL A 183 -28.80 22.09 -19.45
CA VAL A 183 -27.93 20.97 -19.80
C VAL A 183 -26.54 21.07 -19.13
N TYR A 184 -26.03 22.28 -18.91
CA TYR A 184 -24.80 22.40 -18.16
C TYR A 184 -24.98 22.15 -16.66
N ARG A 185 -25.95 22.80 -16.04
CA ARG A 185 -26.20 22.53 -14.63
C ARG A 185 -26.34 21.02 -14.38
N SER A 186 -26.83 20.28 -15.36
CA SER A 186 -27.03 18.88 -15.17
C SER A 186 -25.73 18.11 -15.30
N GLY A 187 -25.07 18.30 -16.44
CA GLY A 187 -23.90 17.55 -16.79
C GLY A 187 -22.75 17.80 -15.81
N PHE A 188 -22.73 18.98 -15.21
CA PHE A 188 -21.60 19.37 -14.37
C PHE A 188 -21.95 19.32 -12.91
N ALA A 189 -23.15 18.85 -12.62
CA ALA A 189 -23.58 18.78 -11.25
C ALA A 189 -22.75 17.71 -10.59
N THR A 190 -22.52 17.85 -9.28
CA THR A 190 -21.63 16.94 -8.57
C THR A 190 -22.34 16.03 -7.59
N THR A 191 -23.55 16.38 -7.21
CA THR A 191 -24.34 15.51 -6.38
C THR A 191 -25.55 15.03 -7.14
N GLN A 192 -26.07 13.87 -6.76
CA GLN A 192 -27.22 13.39 -7.46
C GLN A 192 -28.38 14.36 -7.30
N GLU A 193 -28.52 14.95 -6.14
CA GLU A 193 -29.67 15.81 -5.95
C GLU A 193 -29.65 16.97 -6.94
N ALA A 194 -28.49 17.63 -7.07
CA ALA A 194 -28.30 18.74 -8.01
C ALA A 194 -28.53 18.29 -9.41
N TYR A 195 -28.13 17.07 -9.72
CA TYR A 195 -28.34 16.62 -11.07
C TYR A 195 -29.85 16.50 -11.28
N GLU A 196 -30.56 15.90 -10.35
CA GLU A 196 -32.00 15.78 -10.54
C GLU A 196 -32.74 17.10 -10.49
N GLU A 197 -32.23 18.02 -9.69
CA GLU A 197 -32.98 19.25 -9.50
C GLU A 197 -32.84 20.15 -10.73
N ALA A 198 -31.81 19.88 -11.53
CA ALA A 198 -31.60 20.53 -12.81
C ALA A 198 -32.23 19.72 -13.95
N PHE A 199 -32.01 18.42 -13.98
CA PHE A 199 -32.45 17.63 -15.13
C PHE A 199 -33.92 17.66 -15.32
N TYR A 200 -34.68 17.59 -14.22
CA TYR A 200 -36.15 17.48 -14.27
C TYR A 200 -36.88 18.76 -14.74
N PRO A 201 -36.48 19.91 -14.24
CA PRO A 201 -37.02 21.14 -14.80
C PRO A 201 -36.71 21.32 -16.29
N LEU A 202 -35.59 20.77 -16.73
CA LEU A 202 -35.15 20.76 -18.13
C LEU A 202 -36.19 20.05 -19.00
N PHE A 203 -36.48 18.80 -18.68
CA PHE A 203 -37.59 18.11 -19.34
C PHE A 203 -38.99 18.75 -19.16
N ASP A 204 -39.30 19.32 -18.00
CA ASP A 204 -40.55 20.07 -17.87
C ASP A 204 -40.64 21.18 -18.92
N THR A 205 -39.51 21.78 -19.21
CA THR A 205 -39.44 22.82 -20.21
C THR A 205 -39.54 22.27 -21.63
N LEU A 206 -38.97 21.11 -21.88
CA LEU A 206 -39.20 20.53 -23.21
C LEU A 206 -40.70 20.15 -23.35
N ASP A 207 -41.26 19.55 -22.29
CA ASP A 207 -42.63 19.07 -22.30
C ASP A 207 -43.53 20.26 -22.61
N TRP A 208 -43.16 21.42 -22.08
CA TRP A 208 -43.90 22.66 -22.35
C TRP A 208 -43.76 23.22 -23.79
N LEU A 209 -42.51 23.30 -24.24
CA LEU A 209 -42.20 23.74 -25.58
C LEU A 209 -42.91 22.87 -26.62
N GLU A 210 -42.94 21.56 -26.41
CA GLU A 210 -43.61 20.69 -27.34
C GLU A 210 -45.08 21.06 -27.46
N GLU A 211 -45.72 21.46 -26.37
CA GLU A 211 -47.16 21.79 -26.50
C GLU A 211 -47.33 23.10 -27.24
N HIS A 212 -46.57 24.07 -26.81
CA HIS A 212 -46.65 25.38 -27.42
C HIS A 212 -46.54 25.28 -28.91
N LEU A 213 -45.77 24.31 -29.36
CA LEU A 213 -45.43 24.23 -30.78
C LEU A 213 -46.47 23.46 -31.56
N THR A 214 -47.59 23.12 -30.92
CA THR A 214 -48.46 22.12 -31.53
C THR A 214 -49.08 22.50 -32.88
N GLY A 215 -49.82 23.59 -32.94
CA GLY A 215 -50.28 23.99 -34.26
C GLY A 215 -49.45 25.11 -34.81
N ARG A 216 -48.18 25.20 -34.43
CA ARG A 216 -47.33 26.34 -34.81
C ARG A 216 -46.16 25.91 -35.65
N GLU A 217 -45.47 26.89 -36.22
CA GLU A 217 -44.30 26.65 -37.07
C GLU A 217 -43.12 27.29 -36.38
N TRP A 218 -43.40 28.33 -35.62
CA TRP A 218 -42.36 28.96 -34.85
C TRP A 218 -42.91 29.27 -33.48
N LEU A 219 -42.02 29.56 -32.56
CA LEU A 219 -42.38 29.77 -31.18
C LEU A 219 -43.29 30.96 -30.98
N VAL A 220 -43.16 32.01 -31.78
CA VAL A 220 -43.82 33.28 -31.47
C VAL A 220 -44.47 34.01 -32.63
N GLY A 221 -45.75 34.25 -32.52
CA GLY A 221 -46.55 34.35 -33.71
C GLY A 221 -46.16 33.19 -34.64
N ASP A 222 -46.06 33.52 -35.92
CA ASP A 222 -45.61 32.55 -36.90
C ASP A 222 -44.53 33.19 -37.70
N ARG A 223 -43.43 33.45 -37.01
CA ARG A 223 -42.29 34.20 -37.51
C ARG A 223 -41.10 33.55 -36.84
N LEU A 224 -40.05 33.27 -37.60
CA LEU A 224 -38.79 32.93 -37.00
C LEU A 224 -38.37 34.11 -36.14
N THR A 225 -38.03 33.91 -34.88
CA THR A 225 -37.59 35.02 -34.05
C THR A 225 -36.45 34.60 -33.11
N GLU A 226 -35.99 35.54 -32.28
CA GLU A 226 -34.78 35.24 -31.53
C GLU A 226 -35.04 34.16 -30.52
N ALA A 227 -36.31 33.92 -30.23
CA ALA A 227 -36.70 32.80 -29.36
C ALA A 227 -36.16 31.51 -29.94
N ASP A 228 -36.51 31.18 -31.18
CA ASP A 228 -36.05 29.93 -31.81
C ASP A 228 -34.54 29.95 -31.95
N ILE A 229 -34.01 31.12 -32.29
CA ILE A 229 -32.59 31.21 -32.56
C ILE A 229 -31.75 30.90 -31.31
N ARG A 230 -32.32 31.02 -30.13
CA ARG A 230 -31.56 30.67 -28.96
C ARG A 230 -31.94 29.28 -28.46
N LEU A 231 -33.11 28.81 -28.85
CA LEU A 231 -33.46 27.46 -28.50
C LEU A 231 -32.71 26.48 -29.40
N PHE A 232 -32.59 26.80 -30.69
CA PHE A 232 -32.02 25.86 -31.64
C PHE A 232 -30.61 25.39 -31.30
N PRO A 233 -29.73 26.27 -30.82
CA PRO A 233 -28.39 25.76 -30.56
C PRO A 233 -28.37 24.64 -29.52
N THR A 234 -29.27 24.71 -28.56
CA THR A 234 -29.29 23.67 -27.55
C THR A 234 -29.86 22.40 -28.14
N LEU A 235 -31.03 22.49 -28.74
CA LEU A 235 -31.56 21.34 -29.42
C LEU A 235 -30.54 20.61 -30.37
N VAL A 236 -29.79 21.34 -31.17
CA VAL A 236 -29.07 20.71 -32.25
C VAL A 236 -27.94 19.82 -31.72
N ARG A 237 -27.51 20.12 -30.50
CA ARG A 237 -26.46 19.40 -29.83
C ARG A 237 -27.00 18.34 -28.86
N PHE A 238 -28.33 18.29 -28.77
CA PHE A 238 -28.92 17.58 -27.64
C PHE A 238 -28.71 16.08 -27.63
N ASP A 239 -29.37 15.39 -28.57
CA ASP A 239 -29.20 13.96 -28.72
C ASP A 239 -27.78 13.53 -28.99
N ALA A 240 -26.98 14.39 -29.58
CA ALA A 240 -25.70 13.93 -30.11
C ALA A 240 -24.63 14.21 -29.13
N ILE A 241 -24.94 15.06 -28.15
CA ILE A 241 -23.99 15.39 -27.11
C ILE A 241 -24.58 15.40 -25.72
N TYR A 242 -25.48 16.34 -25.45
CA TYR A 242 -26.12 16.44 -24.13
C TYR A 242 -26.70 15.12 -23.50
N HIS A 243 -27.58 14.47 -24.23
CA HIS A 243 -28.28 13.29 -23.80
C HIS A 243 -27.32 12.28 -23.21
N GLY A 244 -26.15 12.10 -23.83
CA GLY A 244 -25.10 11.25 -23.27
C GLY A 244 -24.14 11.91 -22.30
N HIS A 245 -23.30 12.79 -22.80
CA HIS A 245 -22.28 13.43 -21.96
C HIS A 245 -22.86 14.11 -20.74
N PHE A 246 -23.84 14.99 -20.95
CA PHE A 246 -24.42 15.71 -19.84
C PHE A 246 -25.60 14.98 -19.17
N LYS A 247 -25.80 13.70 -19.47
CA LYS A 247 -26.83 12.89 -18.79
C LYS A 247 -28.27 13.39 -18.92
N CYS A 248 -28.52 14.22 -19.90
CA CYS A 248 -29.88 14.72 -20.13
C CYS A 248 -30.77 13.72 -20.86
N ASN A 249 -30.99 12.57 -20.24
CA ASN A 249 -31.43 11.43 -20.99
C ASN A 249 -32.79 10.89 -20.61
N LEU A 250 -33.63 11.72 -20.01
CA LEU A 250 -34.99 11.29 -19.75
C LEU A 250 -35.67 10.79 -21.05
N ARG A 251 -35.52 11.53 -22.14
CA ARG A 251 -35.81 11.03 -23.49
C ARG A 251 -35.03 11.83 -24.55
N ARG A 252 -35.27 11.60 -25.82
CA ARG A 252 -34.48 12.30 -26.83
C ARG A 252 -35.29 13.43 -27.41
N ILE A 253 -34.62 14.45 -27.89
CA ILE A 253 -35.35 15.44 -28.67
C ILE A 253 -36.06 14.73 -29.82
N ALA A 254 -35.47 13.62 -30.25
CA ALA A 254 -36.05 12.78 -31.29
C ALA A 254 -37.41 12.24 -30.87
N ASP A 255 -37.72 12.33 -29.60
CA ASP A 255 -38.96 11.74 -29.15
C ASP A 255 -40.02 12.79 -29.01
N TYR A 256 -39.68 14.02 -29.38
CA TYR A 256 -40.63 15.16 -29.31
C TYR A 256 -40.91 15.59 -30.72
N PRO A 257 -42.00 15.10 -31.30
CA PRO A 257 -42.32 15.37 -32.70
C PRO A 257 -42.27 16.84 -33.01
N ASN A 258 -43.00 17.67 -32.29
CA ASN A 258 -42.98 19.08 -32.60
C ASN A 258 -41.63 19.77 -32.55
N LEU A 259 -40.81 19.49 -31.53
CA LEU A 259 -39.46 20.04 -31.47
C LEU A 259 -38.58 19.51 -32.59
N SER A 260 -38.59 18.19 -32.80
CA SER A 260 -37.77 17.57 -33.84
C SER A 260 -38.06 18.19 -35.16
N ARG A 261 -39.28 18.69 -35.32
CA ARG A 261 -39.72 19.32 -36.55
C ARG A 261 -39.06 20.69 -36.66
N LEU A 262 -39.12 21.49 -35.58
CA LEU A 262 -38.46 22.80 -35.54
C LEU A 262 -36.96 22.68 -35.83
N VAL A 263 -36.32 21.68 -35.24
CA VAL A 263 -34.91 21.47 -35.48
C VAL A 263 -34.58 21.14 -36.91
N GLY A 264 -35.41 20.32 -37.55
CA GLY A 264 -35.22 19.96 -38.94
C GLY A 264 -35.38 21.19 -39.82
N LYS A 265 -36.46 21.92 -39.61
CA LYS A 265 -36.73 23.16 -40.32
C LYS A 265 -35.48 24.03 -40.38
N LEU A 266 -34.90 24.25 -39.21
CA LEU A 266 -33.79 25.17 -39.07
C LEU A 266 -32.46 24.59 -39.53
N ALA A 267 -32.29 23.28 -39.41
CA ALA A 267 -31.01 22.71 -39.77
C ALA A 267 -30.98 22.54 -41.28
N SER A 268 -32.07 22.92 -41.93
CA SER A 268 -32.26 22.70 -43.37
C SER A 268 -32.19 24.01 -44.12
N HIS A 269 -32.35 25.09 -43.38
CA HIS A 269 -32.21 26.41 -43.94
C HIS A 269 -30.76 26.52 -44.47
N GLU A 270 -30.56 26.75 -45.78
CA GLU A 270 -29.23 27.11 -46.28
C GLU A 270 -28.92 28.20 -45.33
N ARG A 271 -27.69 28.59 -45.14
CA ARG A 271 -27.52 29.76 -44.23
C ARG A 271 -27.37 29.42 -42.79
N VAL A 272 -28.31 28.67 -42.22
CA VAL A 272 -28.13 28.13 -40.89
C VAL A 272 -27.29 26.84 -40.99
N ALA A 273 -27.65 25.97 -41.91
CA ALA A 273 -26.94 24.70 -42.07
C ALA A 273 -25.39 24.82 -42.02
N PRO A 274 -24.82 25.81 -42.71
CA PRO A 274 -23.37 25.90 -42.68
C PRO A 274 -22.83 26.32 -41.35
N THR A 275 -23.68 26.72 -40.42
CA THR A 275 -23.17 27.12 -39.11
C THR A 275 -23.11 25.94 -38.14
N ILE A 276 -23.53 24.77 -38.60
CA ILE A 276 -23.55 23.58 -37.75
C ILE A 276 -22.33 22.72 -38.01
N ASN A 277 -21.68 22.20 -36.98
CA ASN A 277 -20.62 21.25 -37.25
C ASN A 277 -20.56 20.33 -36.05
N LEU A 278 -21.37 19.31 -36.13
CA LEU A 278 -21.55 18.42 -35.01
C LEU A 278 -20.31 17.57 -34.74
N ARG A 279 -19.53 17.24 -35.75
CA ARG A 279 -18.28 16.53 -35.51
C ARG A 279 -17.49 17.34 -34.52
N HIS A 280 -17.29 18.61 -34.82
CA HIS A 280 -16.54 19.50 -33.97
C HIS A 280 -17.11 19.63 -32.58
N ALA A 281 -18.39 19.93 -32.45
CA ALA A 281 -18.96 20.01 -31.10
C ALA A 281 -18.74 18.71 -30.31
N LYS A 282 -19.19 17.60 -30.89
CA LYS A 282 -18.99 16.28 -30.31
C LYS A 282 -17.55 16.19 -29.76
N ALA A 283 -16.56 16.48 -30.61
CA ALA A 283 -15.16 16.46 -30.18
C ALA A 283 -14.80 17.43 -29.04
N HIS A 284 -15.29 18.65 -29.11
CA HIS A 284 -14.95 19.56 -28.05
C HIS A 284 -15.53 19.08 -26.77
N TYR A 285 -16.81 18.68 -26.76
CA TYR A 285 -17.45 18.25 -25.49
C TYR A 285 -16.89 16.98 -24.85
N TYR A 286 -16.73 15.93 -25.62
CA TYR A 286 -16.21 14.70 -25.06
C TYR A 286 -14.71 14.77 -24.68
N GLY A 287 -14.02 15.77 -25.20
CA GLY A 287 -12.58 15.70 -25.23
C GLY A 287 -12.01 16.76 -24.36
N SER A 288 -12.89 17.63 -23.85
CA SER A 288 -12.49 18.81 -23.08
C SER A 288 -12.99 18.86 -21.64
N HIS A 289 -13.71 17.82 -21.20
CA HIS A 289 -14.34 17.79 -19.88
C HIS A 289 -13.90 16.56 -19.13
N PRO A 290 -12.73 16.58 -18.51
CA PRO A 290 -12.32 15.33 -17.91
C PRO A 290 -13.03 15.01 -16.55
N SER A 291 -13.40 16.03 -15.77
CA SER A 291 -14.34 15.91 -14.66
C SER A 291 -15.48 14.95 -14.99
N VAL A 292 -16.01 15.05 -16.19
CA VAL A 292 -17.20 14.30 -16.58
C VAL A 292 -16.83 13.07 -17.41
N ASN A 293 -15.84 13.22 -18.31
CA ASN A 293 -15.44 12.18 -19.27
C ASN A 293 -13.94 12.08 -19.42
N PRO A 294 -13.31 11.41 -18.45
CA PRO A 294 -11.86 11.27 -18.27
C PRO A 294 -11.18 10.61 -19.47
N THR A 295 -11.74 9.62 -20.17
CA THR A 295 -10.89 9.04 -21.22
C THR A 295 -10.72 10.03 -22.37
N GLY A 296 -11.64 11.00 -22.44
CA GLY A 296 -11.71 11.95 -23.54
C GLY A 296 -12.21 11.35 -24.84
N ILE A 297 -12.57 10.08 -24.79
CA ILE A 297 -12.99 9.32 -25.97
C ILE A 297 -14.35 9.79 -26.45
N VAL A 298 -14.48 9.94 -27.77
CA VAL A 298 -15.69 10.46 -28.37
C VAL A 298 -16.57 9.32 -28.85
N PRO A 299 -17.84 9.22 -28.34
CA PRO A 299 -18.63 8.04 -28.69
C PRO A 299 -18.74 8.03 -30.15
N VAL A 300 -18.80 6.81 -30.68
CA VAL A 300 -19.06 6.61 -32.09
C VAL A 300 -20.35 7.34 -32.48
N GLY A 301 -20.84 8.11 -31.50
CA GLY A 301 -22.00 9.01 -31.56
C GLY A 301 -23.30 8.27 -31.73
N PRO A 302 -24.42 8.98 -31.62
CA PRO A 302 -25.59 8.41 -32.28
C PRO A 302 -25.43 8.66 -33.80
N ALA A 303 -25.63 7.64 -34.61
CA ALA A 303 -25.56 7.75 -36.06
C ALA A 303 -26.81 8.42 -36.50
N GLN A 304 -26.69 9.58 -37.14
CA GLN A 304 -27.86 10.34 -37.61
C GLN A 304 -28.73 10.89 -36.47
N PRO A 305 -28.26 11.97 -35.81
CA PRO A 305 -28.94 12.60 -34.66
C PRO A 305 -30.09 13.58 -34.98
N LEU A 306 -30.44 13.76 -36.26
CA LEU A 306 -31.39 14.79 -36.65
C LEU A 306 -32.39 14.22 -37.66
N PRO A 307 -33.31 15.06 -38.20
CA PRO A 307 -34.03 14.68 -39.44
C PRO A 307 -33.83 15.59 -40.70
N GLY A 308 -34.91 15.77 -41.46
CA GLY A 308 -34.90 16.64 -42.63
C GLY A 308 -36.02 17.67 -42.56
N LEU A 309 -36.98 17.58 -43.49
CA LEU A 309 -38.27 18.35 -43.49
C LEU A 309 -39.38 17.72 -44.40
N THR A 310 -40.28 16.92 -43.83
CA THR A 310 -41.25 16.13 -44.63
C THR A 310 -42.69 15.88 -44.06
N LEU A 311 -43.48 16.94 -43.88
CA LEU A 311 -44.89 16.87 -43.39
C LEU A 311 -45.75 18.09 -43.78
N GLN A 312 -45.55 18.62 -45.00
CA GLN A 312 -46.26 19.83 -45.45
C GLN A 312 -47.76 19.60 -45.75
N SER A 313 -48.06 19.10 -46.96
CA SER A 313 -49.44 18.82 -47.39
C SER A 313 -49.66 17.33 -47.72
N GLY B 2 -10.73 -5.71 -7.07
CA GLY B 2 -9.43 -6.19 -6.60
C GLY B 2 -9.42 -7.70 -6.63
N LEU B 3 -8.27 -8.32 -6.43
CA LEU B 3 -8.11 -9.77 -6.60
C LEU B 3 -8.01 -10.39 -5.25
N LEU B 4 -8.30 -11.69 -5.18
CA LEU B 4 -7.90 -12.38 -3.98
C LEU B 4 -6.52 -12.94 -4.31
N ILE B 5 -5.50 -12.35 -3.72
CA ILE B 5 -4.15 -12.74 -4.11
C ILE B 5 -3.63 -13.99 -3.37
N ASP B 6 -3.52 -14.02 -2.04
CA ASP B 6 -3.14 -15.32 -1.49
C ASP B 6 -4.01 -15.97 -0.39
N GLY B 7 -5.11 -15.37 0.03
CA GLY B 7 -5.46 -14.01 -0.22
C GLY B 7 -6.18 -13.66 1.08
N VAL B 8 -5.93 -12.47 1.64
CA VAL B 8 -5.16 -11.40 1.02
C VAL B 8 -5.97 -10.80 -0.16
N TRP B 9 -6.86 -9.89 0.18
CA TRP B 9 -7.53 -9.07 -0.80
C TRP B 9 -6.68 -7.83 -1.15
N ARG B 10 -6.33 -7.65 -2.42
CA ARG B 10 -5.51 -6.51 -2.86
C ARG B 10 -6.14 -5.74 -4.02
N ASP B 11 -5.92 -4.42 -4.06
CA ASP B 11 -6.40 -3.60 -5.19
C ASP B 11 -5.37 -3.52 -6.34
N GLY B 21 6.51 -12.08 -8.30
CA GLY B 21 5.09 -11.78 -8.27
C GLY B 21 4.15 -12.81 -8.89
N ARG B 22 3.00 -13.07 -8.25
CA ARG B 22 2.06 -14.08 -8.73
C ARG B 22 1.43 -13.66 -10.08
N PHE B 23 0.87 -14.65 -10.79
CA PHE B 23 0.08 -14.44 -12.01
C PHE B 23 -1.37 -14.99 -11.81
N VAL B 24 -2.34 -14.09 -11.64
CA VAL B 24 -3.71 -14.51 -11.35
C VAL B 24 -4.32 -15.08 -12.61
N ARG B 25 -5.29 -15.98 -12.46
CA ARG B 25 -5.92 -16.58 -13.62
C ARG B 25 -7.27 -15.92 -13.89
N LYS B 26 -7.47 -15.51 -15.14
CA LYS B 26 -8.68 -14.76 -15.51
C LYS B 26 -9.98 -15.61 -15.42
N GLU B 27 -9.97 -16.79 -16.02
CA GLU B 27 -11.17 -17.62 -16.08
C GLU B 27 -11.66 -18.06 -14.69
N SER B 28 -12.95 -18.36 -14.57
CA SER B 28 -13.55 -18.79 -13.30
C SER B 28 -12.99 -20.14 -13.00
N GLN B 29 -12.70 -20.42 -11.72
CA GLN B 29 -11.90 -21.61 -11.36
C GLN B 29 -12.65 -22.81 -10.79
N TYR B 30 -13.94 -22.69 -10.58
CA TYR B 30 -14.69 -23.78 -9.98
C TYR B 30 -15.70 -24.36 -10.99
N ARG B 31 -15.23 -25.20 -11.90
CA ARG B 31 -16.17 -25.77 -12.85
C ARG B 31 -16.79 -27.10 -12.38
N GLY B 32 -17.28 -27.16 -11.15
CA GLY B 32 -17.91 -28.36 -10.59
C GLY B 32 -19.14 -28.81 -11.33
N GLY B 33 -20.02 -29.60 -10.68
CA GLY B 33 -21.24 -30.12 -11.31
C GLY B 33 -20.90 -30.76 -12.64
N LEU B 34 -21.85 -30.81 -13.58
CA LEU B 34 -21.46 -31.09 -14.99
C LEU B 34 -21.25 -32.54 -15.51
N ASP B 35 -20.84 -33.48 -14.64
CA ASP B 35 -20.69 -34.92 -14.97
C ASP B 35 -21.98 -35.70 -15.26
N ALA B 36 -21.83 -37.02 -15.36
CA ALA B 36 -22.91 -37.95 -15.65
C ALA B 36 -24.05 -37.71 -14.69
N GLY B 37 -23.76 -38.05 -13.43
CA GLY B 37 -24.60 -37.79 -12.27
C GLY B 37 -24.56 -36.31 -11.88
N PHE B 38 -25.37 -35.93 -10.92
CA PHE B 38 -25.82 -34.57 -10.93
C PHE B 38 -25.15 -33.55 -9.87
N ARG B 39 -25.60 -33.63 -8.61
CA ARG B 39 -26.65 -34.55 -8.18
C ARG B 39 -28.03 -33.80 -8.19
N GLY B 40 -28.15 -32.72 -7.44
CA GLY B 40 -29.36 -31.93 -7.48
C GLY B 40 -30.41 -32.27 -6.44
N GLU B 41 -30.03 -32.31 -5.17
CA GLU B 41 -30.99 -32.45 -4.05
C GLU B 41 -31.59 -31.09 -3.70
N PRO B 42 -32.84 -31.06 -3.23
CA PRO B 42 -33.44 -29.77 -2.91
C PRO B 42 -32.82 -29.22 -1.62
N GLY B 43 -32.74 -27.88 -1.49
CA GLY B 43 -32.20 -27.25 -0.30
C GLY B 43 -30.72 -27.45 -0.01
N ARG B 44 -29.99 -28.01 -0.96
CA ARG B 44 -28.60 -28.35 -0.70
C ARG B 44 -27.75 -27.26 -1.24
N TYR B 45 -28.25 -26.59 -2.29
CA TYR B 45 -27.46 -25.57 -2.99
C TYR B 45 -27.89 -24.12 -2.80
N HIS B 46 -26.87 -23.26 -2.71
CA HIS B 46 -27.04 -21.85 -2.44
C HIS B 46 -26.44 -21.04 -3.56
N LEU B 47 -27.14 -19.99 -3.94
CA LEU B 47 -26.84 -19.21 -5.12
C LEU B 47 -26.55 -17.78 -4.71
N TYR B 48 -25.35 -17.31 -5.06
CA TYR B 48 -24.91 -15.96 -4.74
C TYR B 48 -24.94 -15.11 -5.98
N ALA B 49 -25.94 -14.27 -6.12
CA ALA B 49 -26.04 -13.42 -7.28
C ALA B 49 -26.33 -11.97 -6.91
N GLY B 50 -26.95 -11.24 -7.83
CA GLY B 50 -27.19 -9.84 -7.66
C GLY B 50 -28.04 -9.34 -8.80
N PHE B 51 -28.69 -8.20 -8.60
CA PHE B 51 -29.54 -7.67 -9.65
C PHE B 51 -28.79 -6.91 -10.74
N ALA B 52 -27.53 -6.57 -10.51
CA ALA B 52 -26.82 -5.74 -11.47
C ALA B 52 -26.15 -6.57 -12.54
N CYS B 53 -25.39 -7.56 -12.11
CA CYS B 53 -24.52 -8.39 -12.96
C CYS B 53 -25.28 -9.20 -13.99
N PRO B 54 -25.02 -8.98 -15.29
CA PRO B 54 -25.69 -9.77 -16.33
C PRO B 54 -25.34 -11.27 -16.25
N TRP B 55 -24.11 -11.56 -15.85
CA TRP B 55 -23.68 -12.94 -15.79
C TRP B 55 -24.61 -13.60 -14.80
N ALA B 56 -24.62 -13.06 -13.59
CA ALA B 56 -25.56 -13.50 -12.58
C ALA B 56 -27.00 -13.60 -13.10
N HIS B 57 -27.42 -12.64 -13.89
CA HIS B 57 -28.80 -12.58 -14.30
C HIS B 57 -29.18 -13.83 -15.07
N ARG B 58 -28.19 -14.41 -15.76
CA ARG B 58 -28.41 -15.63 -16.52
C ARG B 58 -28.90 -16.68 -15.56
N VAL B 59 -28.20 -16.86 -14.46
CA VAL B 59 -28.58 -17.95 -13.60
C VAL B 59 -29.84 -17.63 -12.79
N LEU B 60 -30.05 -16.37 -12.45
CA LEU B 60 -31.34 -15.95 -11.87
C LEU B 60 -32.55 -16.33 -12.71
N ILE B 61 -32.40 -16.19 -14.03
CA ILE B 61 -33.47 -16.50 -14.97
C ILE B 61 -33.62 -18.01 -15.02
N MET B 62 -32.55 -18.72 -15.37
CA MET B 62 -32.65 -20.18 -15.39
C MET B 62 -33.16 -20.74 -14.08
N ARG B 63 -32.87 -20.13 -12.93
CA ARG B 63 -33.44 -20.65 -11.68
C ARG B 63 -34.94 -20.40 -11.62
N ALA B 64 -35.39 -19.35 -12.23
CA ALA B 64 -36.78 -18.98 -12.12
C ALA B 64 -37.60 -19.78 -13.13
N LEU B 65 -37.04 -20.02 -14.30
CA LEU B 65 -37.72 -20.81 -15.31
C LEU B 65 -37.94 -22.23 -14.82
N LYS B 66 -36.87 -22.92 -14.38
CA LYS B 66 -36.97 -24.30 -13.84
C LYS B 66 -37.69 -24.36 -12.49
N GLY B 67 -38.32 -23.28 -12.10
CA GLY B 67 -39.13 -23.28 -10.89
C GLY B 67 -38.40 -23.73 -9.66
N LEU B 68 -37.12 -23.37 -9.55
CA LEU B 68 -36.26 -23.88 -8.50
C LEU B 68 -35.98 -22.86 -7.42
N GLU B 69 -36.83 -21.85 -7.29
CA GLU B 69 -36.48 -20.78 -6.37
C GLU B 69 -36.67 -21.14 -4.89
N GLU B 70 -37.19 -22.32 -4.58
CA GLU B 70 -37.23 -22.77 -3.18
C GLU B 70 -36.23 -23.90 -2.86
N MET B 71 -35.83 -24.67 -3.87
CA MET B 71 -34.79 -25.67 -3.64
C MET B 71 -33.41 -24.99 -3.61
N ILE B 72 -33.32 -23.76 -4.13
CA ILE B 72 -32.05 -23.01 -4.16
C ILE B 72 -32.15 -21.61 -3.56
N SER B 73 -31.64 -21.48 -2.34
CA SER B 73 -31.61 -20.21 -1.63
C SER B 73 -30.66 -19.23 -2.28
N VAL B 74 -31.01 -17.93 -2.24
CA VAL B 74 -30.10 -16.86 -2.68
C VAL B 74 -29.53 -15.94 -1.61
N SER B 75 -28.40 -15.34 -1.92
CA SER B 75 -27.97 -14.14 -1.24
C SER B 75 -27.71 -13.18 -2.38
N MET B 76 -27.96 -11.91 -2.18
CA MET B 76 -27.98 -11.02 -3.32
C MET B 76 -27.13 -9.81 -3.00
N VAL B 77 -26.00 -9.66 -3.66
CA VAL B 77 -25.05 -8.61 -3.32
C VAL B 77 -25.59 -7.19 -3.45
N ASN B 78 -24.88 -6.27 -2.81
CA ASN B 78 -25.24 -4.86 -2.83
C ASN B 78 -24.75 -4.26 -4.11
N ALA B 79 -25.53 -3.31 -4.64
CA ALA B 79 -25.28 -2.65 -5.93
C ALA B 79 -23.96 -1.89 -6.10
N TYR B 80 -23.25 -1.57 -5.01
CA TYR B 80 -22.08 -0.73 -5.09
C TYR B 80 -20.80 -1.54 -4.99
N MET B 81 -20.01 -1.54 -6.04
CA MET B 81 -18.78 -2.30 -6.01
C MET B 81 -17.68 -1.37 -5.58
N GLY B 82 -17.28 -1.49 -4.32
CA GLY B 82 -16.27 -0.61 -3.77
C GLY B 82 -14.84 -1.09 -3.78
N GLU B 83 -14.11 -0.66 -2.75
CA GLU B 83 -12.71 -0.97 -2.62
C GLU B 83 -12.65 -2.34 -2.03
N ASN B 84 -13.81 -2.88 -1.70
CA ASN B 84 -13.90 -4.22 -1.13
C ASN B 84 -14.43 -5.22 -2.14
N GLY B 85 -15.15 -4.73 -3.13
CA GLY B 85 -15.64 -5.63 -4.14
C GLY B 85 -17.12 -5.79 -3.92
N TRP B 86 -17.71 -6.82 -4.53
CA TRP B 86 -19.12 -7.05 -4.29
C TRP B 86 -19.30 -7.22 -2.81
N THR B 87 -20.35 -6.61 -2.25
CA THR B 87 -20.47 -6.65 -0.82
C THR B 87 -21.87 -7.06 -0.42
N PHE B 88 -22.06 -7.55 0.81
CA PHE B 88 -23.41 -7.79 1.33
C PHE B 88 -23.89 -6.74 2.32
N LEU B 89 -23.32 -5.55 2.22
CA LEU B 89 -23.63 -4.52 3.21
C LEU B 89 -25.06 -4.03 3.07
N PRO B 90 -25.72 -3.85 4.22
CA PRO B 90 -27.12 -3.52 4.38
C PRO B 90 -27.59 -2.65 3.27
N GLY B 91 -26.69 -1.92 2.63
CA GLY B 91 -27.07 -1.28 1.39
C GLY B 91 -28.43 -1.62 0.75
N ASP B 92 -28.84 -0.73 -0.13
CA ASP B 92 -30.19 -0.71 -0.67
C ASP B 92 -30.72 -2.05 -1.05
N ASP B 93 -30.62 -2.39 -2.33
CA ASP B 93 -31.51 -3.36 -2.96
C ASP B 93 -31.52 -4.84 -2.58
N VAL B 94 -30.63 -5.36 -1.74
CA VAL B 94 -30.78 -6.77 -1.37
C VAL B 94 -30.00 -7.50 -0.25
N VAL B 95 -30.75 -8.50 0.27
CA VAL B 95 -30.37 -9.74 1.03
C VAL B 95 -28.97 -10.29 1.21
N PRO B 96 -28.61 -10.63 2.46
CA PRO B 96 -27.28 -11.00 2.94
C PRO B 96 -26.98 -12.49 2.94
N ASP B 97 -25.77 -12.79 3.44
CA ASP B 97 -25.16 -14.11 3.39
C ASP B 97 -25.54 -15.04 4.57
N SER B 98 -26.66 -15.72 4.41
CA SER B 98 -27.19 -16.65 5.41
C SER B 98 -26.37 -17.89 5.65
N ILE B 99 -25.13 -17.95 5.16
CA ILE B 99 -24.34 -19.19 5.17
C ILE B 99 -23.08 -18.94 5.97
N ASN B 100 -22.38 -17.86 5.65
CA ASN B 100 -21.18 -17.47 6.39
C ASN B 100 -21.31 -16.06 6.96
N GLY B 101 -22.52 -15.47 6.92
CA GLY B 101 -22.75 -14.08 7.35
C GLY B 101 -21.58 -13.17 6.99
N ALA B 102 -21.06 -13.36 5.76
CA ALA B 102 -19.90 -12.59 5.28
C ALA B 102 -20.24 -11.11 4.95
N ASP B 103 -19.26 -10.22 5.00
CA ASP B 103 -19.53 -8.86 4.63
C ASP B 103 -19.19 -8.64 3.17
N TYR B 104 -18.07 -9.21 2.76
CA TYR B 104 -17.60 -9.06 1.42
C TYR B 104 -17.60 -10.36 0.61
N LEU B 105 -17.95 -10.29 -0.66
CA LEU B 105 -18.09 -11.50 -1.43
C LEU B 105 -16.82 -12.22 -1.35
N TYR B 106 -15.72 -11.50 -1.13
CA TYR B 106 -14.44 -12.18 -1.21
C TYR B 106 -14.28 -13.17 -0.07
N GLN B 107 -14.96 -12.89 1.03
CA GLN B 107 -14.91 -13.73 2.23
C GLN B 107 -15.53 -15.07 2.02
N VAL B 108 -16.54 -15.13 1.15
CA VAL B 108 -17.10 -16.40 0.71
C VAL B 108 -16.04 -17.28 0.08
N TYR B 109 -15.31 -16.74 -0.89
CA TYR B 109 -14.29 -17.50 -1.60
C TYR B 109 -13.25 -18.06 -0.64
N THR B 110 -13.04 -17.28 0.41
CA THR B 110 -11.94 -17.41 1.35
C THR B 110 -12.22 -18.48 2.42
N ALA B 111 -13.48 -18.55 2.84
CA ALA B 111 -14.02 -19.54 3.76
C ALA B 111 -13.72 -20.95 3.31
N ALA B 112 -13.76 -21.17 2.00
CA ALA B 112 -13.58 -22.48 1.42
C ALA B 112 -12.13 -22.79 1.16
N ASP B 113 -11.36 -21.76 0.78
CA ASP B 113 -9.95 -21.91 0.39
C ASP B 113 -9.14 -20.72 0.89
N PRO B 114 -8.75 -20.74 2.17
CA PRO B 114 -8.12 -19.58 2.79
C PRO B 114 -6.81 -19.17 2.11
N THR B 115 -6.42 -19.92 1.09
CA THR B 115 -5.22 -19.61 0.32
C THR B 115 -5.59 -19.45 -1.18
N TYR B 116 -6.75 -18.86 -1.43
CA TYR B 116 -7.28 -18.74 -2.78
C TYR B 116 -6.62 -17.59 -3.52
N THR B 117 -6.43 -17.80 -4.82
CA THR B 117 -5.84 -16.84 -5.76
C THR B 117 -6.74 -16.83 -7.00
N GLY B 118 -7.49 -15.74 -7.22
CA GLY B 118 -8.41 -15.65 -8.35
C GLY B 118 -9.28 -14.40 -8.34
N ARG B 119 -10.10 -14.24 -9.38
CA ARG B 119 -10.99 -13.09 -9.39
C ARG B 119 -12.09 -13.40 -8.42
N VAL B 120 -12.59 -12.40 -7.70
CA VAL B 120 -13.70 -12.68 -6.79
C VAL B 120 -15.00 -12.26 -7.48
N THR B 121 -15.74 -13.23 -8.03
CA THR B 121 -16.87 -12.95 -8.95
C THR B 121 -18.16 -13.68 -8.62
N ILE B 122 -19.26 -13.27 -9.28
CA ILE B 122 -20.57 -13.95 -9.23
C ILE B 122 -21.05 -14.27 -10.64
N PRO B 123 -22.03 -15.18 -10.78
CA PRO B 123 -22.80 -15.90 -9.74
C PRO B 123 -21.94 -16.98 -9.09
N ILE B 124 -22.40 -17.55 -7.97
CA ILE B 124 -21.72 -18.71 -7.32
C ILE B 124 -22.70 -19.82 -6.93
N LEU B 125 -22.38 -21.07 -7.27
CA LEU B 125 -23.19 -22.20 -6.81
C LEU B 125 -22.53 -22.93 -5.63
N TRP B 126 -23.06 -22.71 -4.44
CA TRP B 126 -22.40 -23.13 -3.22
C TRP B 126 -23.11 -24.37 -2.69
N ASP B 127 -22.30 -25.38 -2.35
CA ASP B 127 -22.78 -26.65 -1.79
C ASP B 127 -22.83 -26.49 -0.29
N LYS B 128 -24.02 -26.29 0.30
CA LYS B 128 -24.07 -25.94 1.72
C LYS B 128 -23.46 -27.06 2.53
N VAL B 129 -23.50 -28.27 1.98
CA VAL B 129 -23.07 -29.45 2.74
C VAL B 129 -21.57 -29.61 2.76
N GLU B 130 -20.92 -29.60 1.60
CA GLU B 130 -19.44 -29.70 1.55
C GLU B 130 -18.77 -28.35 1.88
N LYS B 131 -19.60 -27.35 2.12
CA LYS B 131 -19.13 -26.07 2.61
C LYS B 131 -18.08 -25.54 1.66
N ARG B 132 -18.35 -25.66 0.37
CA ARG B 132 -17.41 -25.29 -0.69
C ARG B 132 -18.19 -24.84 -1.92
N ILE B 133 -17.46 -24.26 -2.86
CA ILE B 133 -18.00 -23.79 -4.12
C ILE B 133 -18.12 -24.93 -5.19
N LEU B 134 -19.32 -25.16 -5.70
CA LEU B 134 -19.46 -26.19 -6.72
C LEU B 134 -18.95 -25.61 -8.03
N ASN B 135 -19.68 -24.63 -8.53
CA ASN B 135 -19.40 -24.02 -9.83
C ASN B 135 -19.60 -22.53 -9.70
N ASN B 136 -18.66 -21.76 -10.24
CA ASN B 136 -18.84 -20.33 -10.27
C ASN B 136 -18.68 -19.82 -11.69
N GLU B 137 -19.45 -20.39 -12.59
CA GLU B 137 -19.33 -20.09 -14.01
C GLU B 137 -20.69 -20.09 -14.68
N SER B 138 -21.15 -18.88 -14.98
CA SER B 138 -22.49 -18.61 -15.47
C SER B 138 -22.90 -19.58 -16.56
N SER B 139 -22.01 -19.80 -17.52
CA SER B 139 -22.40 -20.54 -18.71
C SER B 139 -22.67 -21.97 -18.34
N GLU B 140 -21.88 -22.48 -17.37
CA GLU B 140 -22.02 -23.82 -16.80
C GLU B 140 -23.16 -23.98 -15.76
N ILE B 141 -23.20 -23.11 -14.75
CA ILE B 141 -24.33 -23.08 -13.82
C ILE B 141 -25.69 -23.20 -14.49
N ILE B 142 -25.92 -22.47 -15.58
CA ILE B 142 -27.23 -22.57 -16.23
C ILE B 142 -27.51 -23.94 -16.78
N ARG B 143 -26.48 -24.63 -17.27
CA ARG B 143 -26.71 -25.98 -17.80
C ARG B 143 -27.05 -26.94 -16.66
N ILE B 144 -26.40 -26.79 -15.51
CA ILE B 144 -26.70 -27.64 -14.36
C ILE B 144 -28.16 -27.48 -13.98
N LEU B 145 -28.58 -26.24 -13.68
CA LEU B 145 -29.96 -25.98 -13.28
C LEU B 145 -30.98 -26.46 -14.31
N ASN B 146 -30.64 -26.31 -15.59
CA ASN B 146 -31.58 -26.66 -16.65
C ASN B 146 -32.00 -28.14 -16.62
N SER B 147 -31.27 -28.97 -15.86
CA SER B 147 -31.55 -30.42 -15.81
C SER B 147 -31.39 -31.14 -14.43
N ALA B 148 -30.28 -30.97 -13.74
CA ALA B 148 -29.94 -31.89 -12.64
C ALA B 148 -30.95 -31.91 -11.52
N PHE B 149 -32.02 -31.14 -11.68
CA PHE B 149 -33.01 -31.11 -10.63
C PHE B 149 -34.31 -31.76 -11.07
N ASP B 150 -34.34 -32.30 -12.29
CA ASP B 150 -35.64 -32.65 -12.87
C ASP B 150 -36.30 -33.78 -12.06
N ASP B 151 -35.49 -34.75 -11.64
CA ASP B 151 -35.99 -35.82 -10.79
C ASP B 151 -36.55 -35.38 -9.44
N VAL B 152 -36.23 -34.17 -9.00
CA VAL B 152 -36.45 -33.79 -7.61
C VAL B 152 -37.47 -32.68 -7.50
N GLY B 153 -37.94 -32.18 -8.63
CA GLY B 153 -38.96 -31.16 -8.61
C GLY B 153 -38.95 -30.03 -9.63
N ALA B 154 -37.93 -30.00 -10.47
CA ALA B 154 -37.83 -28.90 -11.43
C ALA B 154 -39.04 -28.86 -12.38
N LEU B 155 -39.57 -27.69 -12.64
CA LEU B 155 -40.56 -27.59 -13.70
C LEU B 155 -39.91 -28.01 -15.03
N PRO B 156 -40.61 -28.83 -15.81
CA PRO B 156 -40.08 -29.27 -17.08
C PRO B 156 -39.51 -28.11 -17.90
N GLY B 157 -38.37 -28.37 -18.52
CA GLY B 157 -37.71 -27.41 -19.39
C GLY B 157 -36.41 -28.02 -19.87
N ASP B 158 -36.13 -27.89 -21.17
CA ASP B 158 -34.80 -28.21 -21.73
C ASP B 158 -34.29 -27.11 -22.66
N TYR B 159 -33.43 -26.22 -22.14
CA TYR B 159 -32.93 -25.07 -22.88
C TYR B 159 -31.61 -25.30 -23.54
N TYR B 160 -31.09 -26.51 -23.43
CA TYR B 160 -29.96 -26.91 -24.22
C TYR B 160 -30.38 -28.22 -24.85
N PRO B 161 -31.39 -28.17 -25.73
CA PRO B 161 -31.92 -29.43 -26.22
C PRO B 161 -30.89 -30.02 -27.18
N ALA B 162 -30.48 -31.25 -26.89
CA ALA B 162 -29.41 -31.91 -27.65
C ALA B 162 -29.50 -31.64 -29.15
N GLU B 163 -30.71 -31.69 -29.70
CA GLU B 163 -30.94 -31.59 -31.15
C GLU B 163 -30.37 -30.30 -31.75
N PHE B 164 -30.04 -29.33 -30.92
CA PHE B 164 -29.70 -28.02 -31.43
C PHE B 164 -28.37 -27.53 -30.93
N ARG B 165 -27.77 -28.29 -30.03
CA ARG B 165 -26.57 -27.82 -29.37
C ARG B 165 -25.60 -27.11 -30.32
N PRO B 166 -25.39 -27.66 -31.52
CA PRO B 166 -24.58 -26.91 -32.50
C PRO B 166 -25.01 -25.46 -32.77
N GLU B 167 -26.29 -25.20 -33.04
CA GLU B 167 -26.73 -23.84 -33.40
C GLU B 167 -26.60 -22.97 -32.16
N ILE B 168 -27.28 -23.37 -31.10
CA ILE B 168 -27.13 -22.71 -29.82
C ILE B 168 -25.67 -22.36 -29.59
N ASP B 169 -24.77 -23.36 -29.69
CA ASP B 169 -23.37 -23.19 -29.32
C ASP B 169 -22.62 -22.19 -30.13
N ARG B 170 -23.08 -22.00 -31.36
CA ARG B 170 -22.39 -21.14 -32.31
C ARG B 170 -22.84 -19.70 -32.15
N ILE B 171 -24.14 -19.52 -31.86
CA ILE B 171 -24.67 -18.18 -31.72
C ILE B 171 -24.09 -17.67 -30.42
N ASN B 172 -24.01 -18.58 -29.46
CA ASN B 172 -23.46 -18.25 -28.16
C ASN B 172 -22.05 -17.69 -28.31
N ALA B 173 -21.25 -18.35 -29.12
CA ALA B 173 -19.87 -17.92 -29.22
C ALA B 173 -19.77 -16.49 -29.72
N ARG B 174 -20.56 -16.15 -30.72
CA ARG B 174 -20.43 -14.82 -31.30
C ARG B 174 -20.93 -13.78 -30.31
N VAL B 175 -22.17 -13.97 -29.88
CA VAL B 175 -22.84 -13.16 -28.88
C VAL B 175 -21.99 -12.95 -27.61
N TYR B 176 -21.32 -13.97 -27.15
CA TYR B 176 -20.45 -13.80 -26.04
C TYR B 176 -19.36 -12.82 -26.39
N GLU B 177 -18.47 -13.21 -27.30
CA GLU B 177 -17.23 -12.49 -27.49
C GLU B 177 -17.37 -11.10 -28.04
N THR B 178 -18.54 -10.70 -28.51
CA THR B 178 -18.60 -9.37 -29.09
C THR B 178 -19.71 -8.53 -28.56
N LEU B 179 -20.61 -9.17 -27.81
CA LEU B 179 -21.78 -8.48 -27.23
C LEU B 179 -21.78 -8.56 -25.68
N ASN B 180 -22.17 -9.72 -25.18
CA ASN B 180 -21.97 -10.09 -23.78
C ASN B 180 -20.72 -9.43 -23.25
N ASN B 181 -19.61 -9.66 -23.91
CA ASN B 181 -18.36 -9.14 -23.46
C ASN B 181 -17.96 -7.84 -24.17
N GLY B 182 -18.57 -7.58 -25.31
CA GLY B 182 -18.26 -6.37 -26.04
C GLY B 182 -18.64 -5.05 -25.38
N VAL B 183 -19.84 -4.97 -24.79
CA VAL B 183 -20.19 -3.73 -24.09
C VAL B 183 -19.04 -3.38 -23.15
N TYR B 184 -18.57 -4.34 -22.35
CA TYR B 184 -17.48 -4.06 -21.40
C TYR B 184 -16.22 -3.65 -22.10
N ARG B 185 -15.82 -4.40 -23.11
CA ARG B 185 -14.61 -3.99 -23.77
C ARG B 185 -14.69 -2.57 -24.37
N SER B 186 -15.82 -2.17 -24.94
CA SER B 186 -15.97 -0.82 -25.51
C SER B 186 -15.97 0.21 -24.40
N GLY B 187 -16.54 -0.16 -23.24
CA GLY B 187 -16.71 0.78 -22.16
C GLY B 187 -15.44 1.08 -21.38
N PHE B 188 -14.68 0.04 -21.06
CA PHE B 188 -13.44 0.22 -20.34
C PHE B 188 -12.26 0.41 -21.27
N ALA B 189 -12.53 0.48 -22.56
CA ALA B 189 -11.49 0.77 -23.52
C ALA B 189 -10.99 2.15 -23.16
N THR B 190 -9.69 2.38 -23.30
CA THR B 190 -9.03 3.57 -22.80
C THR B 190 -8.43 4.44 -23.88
N THR B 191 -8.60 4.07 -25.13
CA THR B 191 -8.04 4.84 -26.23
C THR B 191 -9.06 4.87 -27.36
N GLN B 192 -9.27 5.99 -28.05
CA GLN B 192 -10.33 6.02 -29.05
C GLN B 192 -10.20 4.83 -29.95
N GLU B 193 -8.95 4.55 -30.26
CA GLU B 193 -8.62 3.50 -31.19
C GLU B 193 -9.17 2.16 -30.64
N ALA B 194 -8.86 1.82 -29.39
CA ALA B 194 -9.36 0.56 -28.78
C ALA B 194 -10.88 0.52 -28.69
N TYR B 195 -11.46 1.66 -28.35
CA TYR B 195 -12.87 1.78 -28.21
C TYR B 195 -13.48 1.30 -29.52
N GLU B 196 -13.08 1.91 -30.62
CA GLU B 196 -13.71 1.63 -31.92
C GLU B 196 -13.48 0.18 -32.40
N GLU B 197 -12.40 -0.42 -31.95
CA GLU B 197 -12.06 -1.79 -32.25
C GLU B 197 -13.06 -2.77 -31.62
N ALA B 198 -13.90 -2.29 -30.71
CA ALA B 198 -14.63 -3.19 -29.84
C ALA B 198 -16.10 -3.29 -30.17
N PHE B 199 -16.67 -2.18 -30.59
CA PHE B 199 -18.11 -2.17 -30.66
C PHE B 199 -18.71 -1.90 -32.05
N TYR B 200 -17.94 -1.28 -32.93
CA TYR B 200 -18.24 -1.38 -34.34
C TYR B 200 -18.57 -2.84 -34.61
N PRO B 201 -17.71 -3.76 -34.16
CA PRO B 201 -18.03 -5.16 -34.36
C PRO B 201 -19.11 -5.65 -33.43
N LEU B 202 -19.47 -4.85 -32.44
CA LEU B 202 -20.55 -5.27 -31.55
C LEU B 202 -21.84 -4.90 -32.26
N PHE B 203 -21.92 -3.68 -32.76
CA PHE B 203 -23.03 -3.39 -33.60
C PHE B 203 -23.16 -4.36 -34.80
N ASP B 204 -22.05 -4.77 -35.41
CA ASP B 204 -22.14 -5.77 -36.48
C ASP B 204 -23.01 -6.96 -36.06
N THR B 205 -22.74 -7.48 -34.87
CA THR B 205 -23.48 -8.59 -34.31
C THR B 205 -24.97 -8.24 -34.02
N LEU B 206 -25.25 -7.03 -33.61
CA LEU B 206 -26.65 -6.69 -33.42
C LEU B 206 -27.40 -6.78 -34.74
N ASP B 207 -26.74 -6.30 -35.80
CA ASP B 207 -27.23 -6.42 -37.16
C ASP B 207 -27.47 -7.87 -37.55
N TRP B 208 -26.42 -8.66 -37.48
CA TRP B 208 -26.57 -10.08 -37.69
C TRP B 208 -27.71 -10.65 -36.89
N LEU B 209 -27.81 -10.23 -35.63
CA LEU B 209 -28.81 -10.84 -34.79
C LEU B 209 -30.18 -10.38 -35.27
N GLU B 210 -30.26 -9.15 -35.77
CA GLU B 210 -31.54 -8.61 -36.16
C GLU B 210 -32.04 -9.35 -37.38
N GLU B 211 -31.23 -9.40 -38.43
CA GLU B 211 -31.59 -10.16 -39.62
C GLU B 211 -31.99 -11.58 -39.19
N HIS B 212 -31.11 -12.20 -38.42
CA HIS B 212 -31.35 -13.55 -38.05
C HIS B 212 -32.65 -13.78 -37.34
N LEU B 213 -33.08 -12.79 -36.57
CA LEU B 213 -34.32 -12.89 -35.79
C LEU B 213 -35.56 -12.50 -36.59
N THR B 214 -35.37 -12.25 -37.87
CA THR B 214 -36.51 -11.90 -38.71
C THR B 214 -37.28 -13.15 -39.05
N GLY B 215 -38.51 -13.22 -38.56
CA GLY B 215 -39.34 -14.36 -38.81
C GLY B 215 -39.42 -15.22 -37.57
N ARG B 216 -38.27 -15.40 -36.93
CA ARG B 216 -38.22 -16.24 -35.75
C ARG B 216 -38.91 -15.57 -34.57
N GLU B 217 -39.29 -16.35 -33.56
CA GLU B 217 -39.75 -15.78 -32.31
C GLU B 217 -38.64 -15.96 -31.26
N TRP B 218 -37.82 -16.99 -31.44
CA TRP B 218 -36.65 -17.21 -30.59
C TRP B 218 -35.45 -17.40 -31.49
N LEU B 219 -34.27 -17.53 -30.92
CA LEU B 219 -33.09 -17.57 -31.76
C LEU B 219 -32.87 -18.93 -32.44
N VAL B 220 -33.38 -20.00 -31.83
CA VAL B 220 -33.06 -21.35 -32.26
C VAL B 220 -34.23 -22.22 -31.95
N GLY B 221 -34.50 -23.23 -32.78
CA GLY B 221 -35.72 -24.01 -32.58
C GLY B 221 -36.84 -22.99 -32.57
N ASP B 222 -38.03 -23.37 -32.19
CA ASP B 222 -38.91 -22.30 -31.87
C ASP B 222 -38.97 -22.29 -30.37
N ARG B 223 -37.91 -22.86 -29.83
CA ARG B 223 -37.67 -22.94 -28.41
C ARG B 223 -37.03 -21.61 -27.91
N LEU B 224 -37.61 -21.03 -26.86
CA LEU B 224 -36.81 -20.21 -25.96
C LEU B 224 -35.68 -21.12 -25.50
N THR B 225 -34.47 -20.75 -25.86
CA THR B 225 -33.31 -21.59 -25.52
C THR B 225 -32.22 -20.77 -24.84
N GLU B 226 -31.24 -21.47 -24.27
CA GLU B 226 -30.16 -20.81 -23.58
C GLU B 226 -29.47 -19.73 -24.41
N ALA B 227 -29.49 -19.82 -25.73
CA ALA B 227 -28.91 -18.72 -26.50
C ALA B 227 -29.67 -17.43 -26.20
N ASP B 228 -30.94 -17.56 -25.89
CA ASP B 228 -31.76 -16.40 -25.65
C ASP B 228 -31.55 -15.88 -24.22
N ILE B 229 -31.38 -16.78 -23.27
CA ILE B 229 -31.11 -16.40 -21.90
C ILE B 229 -29.72 -15.80 -21.79
N ARG B 230 -28.73 -16.42 -22.40
CA ARG B 230 -27.41 -15.80 -22.42
C ARG B 230 -27.45 -14.37 -23.02
N LEU B 231 -28.41 -14.11 -23.90
CA LEU B 231 -28.42 -12.87 -24.63
C LEU B 231 -29.31 -11.79 -23.97
N PHE B 232 -30.35 -12.21 -23.29
CA PHE B 232 -31.30 -11.22 -22.79
C PHE B 232 -30.62 -10.24 -21.87
N PRO B 233 -29.80 -10.74 -20.93
CA PRO B 233 -29.19 -9.82 -19.98
C PRO B 233 -28.45 -8.64 -20.61
N THR B 234 -27.88 -8.81 -21.79
CA THR B 234 -27.10 -7.70 -22.31
C THR B 234 -28.02 -6.69 -22.94
N LEU B 235 -29.04 -7.16 -23.64
CA LEU B 235 -30.06 -6.31 -24.27
C LEU B 235 -30.84 -5.48 -23.24
N VAL B 236 -31.39 -6.15 -22.26
CA VAL B 236 -32.22 -5.48 -21.25
C VAL B 236 -31.50 -4.40 -20.45
N ARG B 237 -30.17 -4.49 -20.35
CA ARG B 237 -29.42 -3.43 -19.69
C ARG B 237 -28.91 -2.44 -20.73
N PHE B 238 -29.15 -2.70 -22.01
CA PHE B 238 -28.37 -2.02 -23.04
C PHE B 238 -28.75 -0.56 -23.19
N ASP B 239 -30.05 -0.30 -23.40
CA ASP B 239 -30.52 1.06 -23.61
C ASP B 239 -30.42 1.93 -22.37
N ALA B 240 -30.53 1.32 -21.19
CA ALA B 240 -30.45 2.04 -19.92
C ALA B 240 -29.03 2.40 -19.48
N ILE B 241 -28.12 1.45 -19.60
CA ILE B 241 -26.75 1.63 -19.12
C ILE B 241 -25.68 1.67 -20.22
N TYR B 242 -25.55 0.59 -20.98
CA TYR B 242 -24.48 0.45 -21.98
C TYR B 242 -24.44 1.56 -22.99
N HIS B 243 -25.61 1.86 -23.55
CA HIS B 243 -25.74 2.94 -24.53
C HIS B 243 -25.11 4.22 -23.98
N GLY B 244 -25.50 4.62 -22.79
CA GLY B 244 -24.89 5.77 -22.14
C GLY B 244 -23.46 5.61 -21.63
N HIS B 245 -23.28 4.72 -20.68
CA HIS B 245 -22.13 4.66 -19.79
C HIS B 245 -20.97 4.08 -20.48
N PHE B 246 -21.22 3.07 -21.31
CA PHE B 246 -20.17 2.44 -22.12
C PHE B 246 -20.10 2.95 -23.59
N LYS B 247 -20.67 4.13 -23.89
CA LYS B 247 -20.59 4.67 -25.24
C LYS B 247 -20.97 3.70 -26.39
N CYS B 248 -21.90 2.81 -26.09
CA CYS B 248 -22.29 1.84 -27.09
C CYS B 248 -23.47 2.43 -27.87
N ASN B 249 -23.28 3.60 -28.47
CA ASN B 249 -24.44 4.43 -28.79
C ASN B 249 -24.79 4.61 -30.26
N LEU B 250 -24.11 3.85 -31.11
CA LEU B 250 -24.42 3.85 -32.54
C LEU B 250 -25.89 3.87 -32.87
N ARG B 251 -26.67 3.14 -32.08
CA ARG B 251 -28.12 3.25 -32.08
C ARG B 251 -28.74 2.36 -31.01
N ARG B 252 -29.98 2.64 -30.64
CA ARG B 252 -30.57 1.94 -29.52
C ARG B 252 -31.03 0.52 -29.87
N ILE B 253 -31.31 -0.26 -28.85
CA ILE B 253 -31.97 -1.52 -29.10
C ILE B 253 -33.39 -1.18 -29.45
N ALA B 254 -33.80 0.01 -29.09
CA ALA B 254 -35.13 0.42 -29.48
C ALA B 254 -35.16 0.53 -30.97
N ASP B 255 -34.00 0.67 -31.60
CA ASP B 255 -34.00 0.97 -33.01
C ASP B 255 -34.09 -0.32 -33.83
N TYR B 256 -33.72 -1.44 -33.22
CA TYR B 256 -33.84 -2.77 -33.82
C TYR B 256 -35.18 -3.43 -33.46
N PRO B 257 -36.06 -3.62 -34.44
CA PRO B 257 -37.43 -4.06 -34.14
C PRO B 257 -37.57 -5.49 -33.67
N ASN B 258 -36.65 -6.37 -34.04
CA ASN B 258 -36.89 -7.76 -33.71
C ASN B 258 -36.23 -8.09 -32.40
N LEU B 259 -35.14 -7.39 -32.17
CA LEU B 259 -34.45 -7.50 -30.89
C LEU B 259 -35.39 -6.96 -29.81
N SER B 260 -35.93 -5.78 -30.07
CA SER B 260 -36.96 -5.25 -29.18
C SER B 260 -38.05 -6.28 -28.99
N ARG B 261 -38.50 -6.95 -30.08
CA ARG B 261 -39.59 -7.92 -29.98
C ARG B 261 -39.17 -8.95 -28.96
N LEU B 262 -37.93 -9.42 -29.10
CA LEU B 262 -37.42 -10.47 -28.22
C LEU B 262 -37.30 -9.99 -26.79
N VAL B 263 -36.72 -8.81 -26.59
CA VAL B 263 -36.62 -8.25 -25.25
C VAL B 263 -37.98 -8.16 -24.52
N GLY B 264 -38.92 -7.37 -25.04
CA GLY B 264 -40.32 -7.42 -24.59
C GLY B 264 -40.83 -8.83 -24.29
N LYS B 265 -40.81 -9.71 -25.28
CA LYS B 265 -41.31 -11.07 -25.11
C LYS B 265 -40.79 -11.82 -23.87
N LEU B 266 -39.56 -11.52 -23.47
CA LEU B 266 -38.91 -12.22 -22.35
C LEU B 266 -39.12 -11.55 -20.99
N ALA B 267 -39.19 -10.23 -21.07
CA ALA B 267 -39.22 -9.30 -19.94
C ALA B 267 -40.62 -9.21 -19.39
N SER B 268 -41.54 -9.76 -20.15
CA SER B 268 -42.93 -9.75 -19.78
C SER B 268 -43.24 -11.16 -19.37
N HIS B 269 -42.29 -12.07 -19.57
CA HIS B 269 -42.50 -13.46 -19.19
C HIS B 269 -42.58 -13.46 -17.70
N GLU B 270 -43.65 -14.02 -17.12
CA GLU B 270 -43.70 -14.04 -15.65
C GLU B 270 -42.54 -14.91 -15.25
N ARG B 271 -42.11 -14.91 -14.00
CA ARG B 271 -40.94 -15.73 -13.68
C ARG B 271 -39.67 -15.00 -14.03
N VAL B 272 -39.54 -14.59 -15.30
CA VAL B 272 -38.46 -13.73 -15.75
C VAL B 272 -38.54 -12.26 -15.28
N ALA B 273 -39.69 -11.59 -15.49
CA ALA B 273 -39.83 -10.19 -15.08
C ALA B 273 -39.27 -9.89 -13.68
N PRO B 274 -39.53 -10.76 -12.71
CA PRO B 274 -39.05 -10.57 -11.34
C PRO B 274 -37.52 -10.53 -11.12
N THR B 275 -36.74 -10.80 -12.15
CA THR B 275 -35.30 -10.87 -12.00
C THR B 275 -34.63 -9.59 -12.53
N ILE B 276 -35.47 -8.68 -13.01
CA ILE B 276 -35.01 -7.48 -13.68
C ILE B 276 -35.14 -6.32 -12.74
N ASN B 277 -34.03 -5.74 -12.33
CA ASN B 277 -34.13 -4.50 -11.62
C ASN B 277 -33.22 -3.46 -12.20
N LEU B 278 -33.72 -2.76 -13.23
CA LEU B 278 -32.88 -1.86 -13.99
C LEU B 278 -32.43 -0.73 -13.07
N ARG B 279 -33.30 -0.34 -12.16
CA ARG B 279 -32.93 0.70 -11.22
C ARG B 279 -31.69 0.27 -10.45
N HIS B 280 -31.66 -0.95 -9.95
CA HIS B 280 -30.45 -1.44 -9.31
C HIS B 280 -29.25 -1.45 -10.30
N ALA B 281 -29.48 -1.99 -11.49
CA ALA B 281 -28.42 -2.08 -12.48
C ALA B 281 -27.77 -0.73 -12.68
N LYS B 282 -28.61 0.26 -12.98
CA LYS B 282 -28.10 1.57 -13.27
C LYS B 282 -27.18 2.05 -12.16
N ALA B 283 -27.71 2.05 -10.92
CA ALA B 283 -26.92 2.42 -9.74
C ALA B 283 -25.56 1.76 -9.70
N HIS B 284 -25.53 0.47 -10.00
CA HIS B 284 -24.28 -0.24 -9.86
C HIS B 284 -23.26 0.18 -10.87
N TYR B 285 -23.66 0.20 -12.14
CA TYR B 285 -22.76 0.65 -13.19
C TYR B 285 -22.34 2.08 -13.04
N TYR B 286 -23.26 2.97 -12.78
CA TYR B 286 -22.86 4.37 -12.75
C TYR B 286 -22.16 4.75 -11.45
N GLY B 287 -22.35 3.94 -10.42
CA GLY B 287 -21.80 4.25 -9.14
C GLY B 287 -20.45 3.60 -8.95
N SER B 288 -20.26 2.48 -9.62
CA SER B 288 -19.07 1.66 -9.36
C SER B 288 -17.88 1.71 -10.38
N HIS B 289 -17.95 2.54 -11.41
CA HIS B 289 -16.84 2.60 -12.36
C HIS B 289 -16.32 4.04 -12.40
N PRO B 290 -15.69 4.50 -11.33
CA PRO B 290 -15.13 5.85 -11.28
C PRO B 290 -14.20 6.16 -12.46
N SER B 291 -13.59 5.15 -13.03
CA SER B 291 -12.64 5.34 -14.13
C SER B 291 -13.35 5.78 -15.39
N VAL B 292 -14.63 5.42 -15.48
CA VAL B 292 -15.48 5.63 -16.65
C VAL B 292 -16.41 6.80 -16.41
N ASN B 293 -16.96 6.85 -15.20
CA ASN B 293 -17.87 7.91 -14.76
C ASN B 293 -17.52 8.39 -13.34
N PRO B 294 -16.53 9.25 -13.23
CA PRO B 294 -16.00 9.65 -11.92
C PRO B 294 -16.98 10.46 -11.06
N THR B 295 -17.92 11.16 -11.67
CA THR B 295 -18.85 11.95 -10.86
C THR B 295 -19.72 11.03 -10.05
N GLY B 296 -19.88 9.78 -10.49
CA GLY B 296 -20.73 8.83 -9.81
C GLY B 296 -22.23 9.07 -9.94
N ILE B 297 -22.61 10.11 -10.67
CA ILE B 297 -24.03 10.39 -10.80
C ILE B 297 -24.65 9.34 -11.69
N VAL B 298 -25.94 9.10 -11.48
CA VAL B 298 -26.64 8.05 -12.16
C VAL B 298 -27.72 8.78 -12.86
N PRO B 299 -27.74 8.75 -14.20
CA PRO B 299 -28.73 9.49 -14.97
C PRO B 299 -30.14 9.03 -14.61
N VAL B 300 -31.11 9.25 -15.45
CA VAL B 300 -32.44 9.37 -14.91
C VAL B 300 -33.62 8.61 -15.54
N GLY B 301 -33.72 8.28 -16.84
CA GLY B 301 -32.75 8.36 -17.89
C GLY B 301 -32.43 6.97 -18.41
N PRO B 302 -33.20 6.43 -19.37
CA PRO B 302 -34.37 6.88 -20.11
C PRO B 302 -35.66 6.47 -19.44
N ALA B 303 -36.71 7.25 -19.61
CA ALA B 303 -37.88 7.05 -18.79
C ALA B 303 -38.57 5.72 -19.05
N GLN B 304 -38.74 5.35 -20.32
CA GLN B 304 -39.22 4.01 -20.62
C GLN B 304 -38.20 3.25 -21.52
N PRO B 305 -37.20 2.55 -20.91
CA PRO B 305 -36.11 1.79 -21.55
C PRO B 305 -36.57 0.84 -22.66
N LEU B 306 -37.30 -0.19 -22.23
CA LEU B 306 -37.96 -1.15 -23.12
C LEU B 306 -39.43 -0.78 -23.16
N PRO B 307 -39.89 -0.30 -24.33
CA PRO B 307 -41.34 -0.27 -24.60
C PRO B 307 -42.08 -1.52 -24.05
N GLY B 308 -43.28 -1.32 -23.47
CA GLY B 308 -44.06 -2.37 -22.83
C GLY B 308 -44.03 -3.79 -23.44
N LEU B 309 -45.23 -4.31 -23.79
CA LEU B 309 -45.43 -5.69 -24.33
C LEU B 309 -46.73 -5.89 -25.17
N THR B 310 -46.57 -6.39 -26.42
CA THR B 310 -47.67 -6.77 -27.35
C THR B 310 -47.15 -7.59 -28.58
N LEU B 311 -47.07 -8.92 -28.47
CA LEU B 311 -46.62 -9.80 -29.59
C LEU B 311 -47.62 -10.94 -29.89
N GLN B 312 -47.95 -11.13 -31.17
CA GLN B 312 -48.93 -12.13 -31.60
C GLN B 312 -48.94 -12.31 -33.14
N SER B 313 -50.09 -12.74 -33.68
CA SER B 313 -50.24 -12.98 -35.12
C SER B 313 -49.90 -11.75 -35.96
N GLY C 2 16.56 13.43 13.72
CA GLY C 2 16.52 14.85 14.03
C GLY C 2 17.58 15.37 15.01
N LEU C 3 17.47 16.65 15.37
CA LEU C 3 18.37 17.31 16.31
C LEU C 3 17.58 17.92 17.46
N LEU C 4 18.29 18.35 18.51
CA LEU C 4 17.71 19.25 19.49
C LEU C 4 18.21 20.61 19.08
N ILE C 5 17.28 21.52 18.77
CA ILE C 5 17.67 22.82 18.25
C ILE C 5 17.84 23.88 19.35
N ASP C 6 16.75 24.32 19.99
CA ASP C 6 16.90 24.95 21.31
C ASP C 6 16.15 23.92 22.08
N GLY C 7 15.46 23.12 21.29
CA GLY C 7 15.32 21.74 21.67
C GLY C 7 14.35 21.44 22.76
N VAL C 8 13.07 21.30 22.41
CA VAL C 8 12.58 21.36 21.02
C VAL C 8 13.26 20.38 20.05
N TRP C 9 12.61 19.23 19.86
CA TRP C 9 13.14 18.20 18.99
C TRP C 9 12.73 18.54 17.57
N ARG C 10 13.71 18.76 16.72
CA ARG C 10 13.46 19.24 15.37
C ARG C 10 13.74 18.12 14.34
N ASP C 11 12.66 17.50 13.85
CA ASP C 11 12.69 16.25 13.05
C ASP C 11 13.34 16.34 11.66
N ALA C 12 13.97 17.47 11.35
CA ALA C 12 14.49 17.69 10.00
C ALA C 12 15.68 18.66 9.93
N TRP C 13 15.43 19.76 9.22
CA TRP C 13 16.40 20.81 8.86
C TRP C 13 17.41 21.27 9.94
N TYR C 14 18.19 22.31 9.61
CA TYR C 14 19.17 22.96 10.53
C TYR C 14 19.31 24.50 10.43
N ASP C 15 18.23 25.23 10.67
CA ASP C 15 16.88 24.67 10.77
C ASP C 15 15.89 25.63 10.09
N THR C 16 16.30 26.89 10.04
CA THR C 16 15.57 27.92 9.31
C THR C 16 15.96 27.85 7.82
N LYS C 17 15.14 28.44 6.92
CA LYS C 17 15.45 28.48 5.48
C LYS C 17 16.96 28.74 5.35
N SER C 18 17.44 29.55 6.29
CA SER C 18 18.84 29.63 6.73
C SER C 18 19.50 30.98 6.43
N SER C 19 20.61 31.23 7.15
CA SER C 19 21.47 32.42 7.04
C SER C 19 22.00 32.90 8.42
N GLY C 20 21.10 33.32 9.31
CA GLY C 20 19.64 33.21 9.13
C GLY C 20 18.82 32.30 10.06
N GLY C 21 19.48 31.44 10.86
CA GLY C 21 20.93 31.26 10.80
C GLY C 21 21.50 30.18 11.70
N ARG C 22 20.71 29.13 11.91
CA ARG C 22 21.02 28.06 12.87
C ARG C 22 22.28 27.30 12.48
N PHE C 23 23.38 27.54 13.22
CA PHE C 23 24.62 26.75 13.10
C PHE C 23 24.59 25.73 14.20
N VAL C 24 24.55 24.46 13.85
CA VAL C 24 24.39 23.47 14.90
C VAL C 24 25.67 22.75 15.13
N ARG C 25 26.09 22.76 16.39
CA ARG C 25 27.41 22.28 16.77
C ARG C 25 27.79 20.92 16.20
N LYS C 26 28.92 20.92 15.52
CA LYS C 26 29.55 19.74 14.98
C LYS C 26 29.01 18.36 15.43
N GLU C 27 28.77 18.16 16.74
CA GLU C 27 28.47 16.82 17.30
C GLU C 27 28.45 16.57 18.86
N SER C 28 29.65 16.57 19.46
CA SER C 28 29.94 15.84 20.72
C SER C 28 30.46 16.70 21.88
N GLN C 29 29.55 17.04 22.78
CA GLN C 29 29.74 18.24 23.56
C GLN C 29 30.22 18.13 25.01
N TYR C 30 29.84 17.06 25.71
CA TYR C 30 30.20 16.88 27.11
C TYR C 30 31.49 16.10 27.28
N ARG C 31 32.57 16.83 27.58
CA ARG C 31 33.88 16.21 27.70
C ARG C 31 34.51 16.23 29.10
N GLY C 32 33.78 15.75 30.10
CA GLY C 32 34.21 15.72 31.50
C GLY C 32 35.15 14.59 31.79
N GLY C 33 35.27 14.18 33.06
CA GLY C 33 36.22 13.11 33.43
C GLY C 33 37.54 13.58 32.90
N LEU C 34 38.50 12.70 32.72
CA LEU C 34 39.71 13.15 31.95
C LEU C 34 40.81 13.86 32.75
N ASP C 35 40.54 15.09 33.18
CA ASP C 35 41.22 15.78 34.29
C ASP C 35 42.55 15.25 34.89
N ALA C 36 42.52 14.45 35.95
CA ALA C 36 43.78 14.16 36.65
C ALA C 36 43.57 13.28 37.87
N GLY C 37 42.84 13.81 38.87
CA GLY C 37 41.88 13.05 39.69
C GLY C 37 40.52 13.55 39.12
N PHE C 38 39.62 12.73 38.52
CA PHE C 38 39.55 11.27 38.60
C PHE C 38 38.61 10.76 39.76
N ARG C 39 37.33 11.10 39.63
CA ARG C 39 36.35 10.61 40.62
C ARG C 39 36.47 9.12 40.38
N GLY C 40 35.36 8.56 39.93
CA GLY C 40 35.22 7.14 39.86
C GLY C 40 34.72 6.78 41.23
N GLU C 41 33.40 6.73 41.40
CA GLU C 41 32.85 6.44 42.70
C GLU C 41 31.75 5.46 42.52
N PRO C 42 31.71 4.42 43.34
CA PRO C 42 30.68 3.38 43.12
C PRO C 42 29.33 3.96 43.29
N GLY C 43 28.44 3.66 42.33
CA GLY C 43 27.02 4.04 42.37
C GLY C 43 26.62 5.46 41.98
N ARG C 44 27.61 6.23 41.54
CA ARG C 44 27.42 7.61 41.18
C ARG C 44 27.15 7.73 39.72
N TYR C 45 27.76 6.86 38.91
CA TYR C 45 27.62 7.07 37.47
C TYR C 45 26.71 6.10 36.70
N HIS C 46 26.01 6.64 35.68
CA HIS C 46 25.05 5.86 34.88
C HIS C 46 25.41 5.84 33.41
N LEU C 47 25.35 4.66 32.77
CA LEU C 47 25.66 4.54 31.34
C LEU C 47 24.40 4.52 30.53
N TYR C 48 24.33 5.33 29.49
CA TYR C 48 23.20 5.26 28.57
C TYR C 48 23.74 4.63 27.33
N ALA C 49 23.17 3.51 26.93
CA ALA C 49 23.75 2.77 25.84
C ALA C 49 22.75 1.99 24.97
N GLY C 50 23.29 1.12 24.13
CA GLY C 50 22.48 0.26 23.30
C GLY C 50 23.27 -0.94 22.83
N PHE C 51 22.56 -1.91 22.26
CA PHE C 51 23.20 -3.03 21.61
C PHE C 51 23.56 -2.83 20.14
N ALA C 52 22.96 -1.84 19.49
CA ALA C 52 23.15 -1.65 18.10
C ALA C 52 24.31 -0.73 17.81
N CYS C 53 24.30 0.46 18.39
CA CYS C 53 25.34 1.48 18.13
C CYS C 53 26.80 0.94 18.37
N PRO C 54 27.69 1.01 17.37
CA PRO C 54 29.02 0.46 17.66
C PRO C 54 29.78 1.29 18.68
N TRP C 55 29.49 2.59 18.75
CA TRP C 55 30.29 3.44 19.60
C TRP C 55 29.92 3.15 21.05
N ALA C 56 28.65 3.04 21.33
CA ALA C 56 28.28 2.62 22.65
C ALA C 56 28.93 1.26 22.91
N HIS C 57 29.05 0.46 21.88
CA HIS C 57 29.61 -0.87 22.05
C HIS C 57 31.03 -0.78 22.57
N ARG C 58 31.75 0.28 22.23
CA ARG C 58 33.04 0.49 22.86
C ARG C 58 32.90 0.55 24.37
N VAL C 59 32.04 1.39 24.93
CA VAL C 59 32.01 1.43 26.39
C VAL C 59 31.44 0.18 27.09
N LEU C 60 30.46 -0.47 26.49
CA LEU C 60 29.96 -1.68 27.13
C LEU C 60 31.11 -2.62 27.40
N ILE C 61 32.05 -2.69 26.44
CA ILE C 61 33.19 -3.59 26.54
C ILE C 61 34.10 -3.14 27.67
N MET C 62 34.47 -1.85 27.68
CA MET C 62 35.37 -1.36 28.71
C MET C 62 34.74 -1.49 30.07
N ARG C 63 33.44 -1.20 30.12
CA ARG C 63 32.68 -1.38 31.34
C ARG C 63 32.78 -2.82 31.76
N ALA C 64 32.78 -3.75 30.82
CA ALA C 64 32.69 -5.15 31.17
C ALA C 64 34.05 -5.70 31.53
N LEU C 65 35.05 -5.24 30.81
CA LEU C 65 36.40 -5.72 31.00
C LEU C 65 36.94 -5.25 32.33
N LYS C 66 36.23 -4.35 33.01
CA LYS C 66 36.77 -3.76 34.25
C LYS C 66 35.94 -4.01 35.48
N GLY C 67 34.96 -4.89 35.41
CA GLY C 67 34.18 -5.23 36.59
C GLY C 67 33.16 -4.16 36.87
N LEU C 68 33.24 -3.10 36.09
CA LEU C 68 32.38 -1.94 36.29
C LEU C 68 30.87 -2.18 36.16
N GLU C 69 30.45 -3.39 35.83
CA GLU C 69 29.03 -3.63 35.59
C GLU C 69 28.14 -3.44 36.85
N GLU C 70 28.78 -3.33 38.00
CA GLU C 70 28.10 -3.17 39.26
C GLU C 70 28.11 -1.70 39.74
N MET C 71 29.30 -1.17 39.93
CA MET C 71 29.58 0.27 40.11
C MET C 71 28.75 1.17 39.18
N ILE C 72 28.64 0.78 37.90
CA ILE C 72 28.01 1.65 36.89
C ILE C 72 26.78 1.02 36.27
N SER C 73 25.62 1.59 36.51
CA SER C 73 24.38 0.98 36.04
C SER C 73 24.03 1.50 34.65
N VAL C 74 23.23 0.72 33.91
CA VAL C 74 22.82 1.13 32.57
C VAL C 74 21.32 1.20 32.29
N SER C 75 21.05 1.94 31.24
CA SER C 75 19.81 1.87 30.50
C SER C 75 20.20 1.59 29.03
N MET C 76 19.44 0.73 28.39
CA MET C 76 19.79 0.29 27.07
C MET C 76 18.58 0.73 26.25
N VAL C 77 18.81 1.27 25.05
CA VAL C 77 17.68 1.77 24.22
C VAL C 77 17.20 0.76 23.20
N ASN C 78 15.98 0.99 22.72
CA ASN C 78 15.30 0.24 21.65
C ASN C 78 16.08 0.32 20.32
N ALA C 79 16.07 -0.76 19.54
CA ALA C 79 16.84 -0.78 18.29
C ALA C 79 16.27 0.13 17.21
N TYR C 80 14.95 0.29 17.21
CA TYR C 80 14.32 1.10 16.19
C TYR C 80 14.50 2.57 16.48
N MET C 81 15.29 3.28 15.68
CA MET C 81 15.57 4.70 15.84
C MET C 81 14.65 5.49 14.89
N GLY C 82 13.43 5.76 15.35
CA GLY C 82 12.45 6.37 14.47
C GLY C 82 12.43 7.87 14.48
N GLU C 83 11.25 8.44 14.28
CA GLU C 83 11.07 9.88 14.15
C GLU C 83 11.49 10.64 15.41
N ASN C 84 11.65 9.92 16.52
CA ASN C 84 12.05 10.56 17.78
C ASN C 84 13.47 10.24 18.23
N GLY C 85 14.28 9.74 17.32
CA GLY C 85 15.60 9.36 17.70
C GLY C 85 15.55 8.10 18.53
N TRP C 86 16.62 7.86 19.27
CA TRP C 86 16.69 6.71 20.15
C TRP C 86 15.60 6.78 21.19
N THR C 87 15.26 5.63 21.74
CA THR C 87 14.04 5.50 22.49
C THR C 87 14.19 4.50 23.62
N PHE C 88 13.33 4.58 24.62
CA PHE C 88 13.30 3.61 25.68
C PHE C 88 11.97 2.84 25.68
N LEU C 89 11.27 2.86 24.55
CA LEU C 89 10.03 2.15 24.45
C LEU C 89 10.23 0.65 24.57
N PRO C 90 9.26 -0.02 25.19
CA PRO C 90 9.19 -1.43 25.58
C PRO C 90 9.93 -2.39 24.68
N GLY C 91 9.93 -2.24 23.36
CA GLY C 91 10.64 -3.19 22.49
C GLY C 91 11.74 -4.24 22.87
N ASP C 92 12.28 -4.88 21.82
CA ASP C 92 13.40 -5.84 21.86
C ASP C 92 14.18 -5.91 23.18
N ASP C 93 15.39 -5.37 23.26
CA ASP C 93 16.26 -5.50 24.47
C ASP C 93 16.47 -4.23 25.29
N VAL C 94 15.40 -3.58 25.71
CA VAL C 94 15.57 -2.26 26.25
C VAL C 94 15.58 -2.29 27.75
N VAL C 95 16.25 -1.32 28.34
CA VAL C 95 16.22 -1.12 29.78
C VAL C 95 15.90 0.35 29.92
N PRO C 96 14.77 0.66 30.56
CA PRO C 96 14.16 1.99 30.47
C PRO C 96 15.00 2.96 31.26
N ASP C 97 14.65 4.25 31.23
CA ASP C 97 15.47 5.23 31.91
C ASP C 97 15.09 5.39 33.39
N SER C 98 15.76 4.63 34.26
CA SER C 98 15.48 4.67 35.68
C SER C 98 15.94 5.98 36.36
N ILE C 99 16.77 6.76 35.67
CA ILE C 99 17.29 8.01 36.21
C ILE C 99 16.30 9.12 35.86
N ASN C 100 15.11 8.98 36.41
CA ASN C 100 13.94 9.78 36.02
C ASN C 100 13.43 9.76 34.54
N GLY C 101 12.39 8.96 34.32
CA GLY C 101 11.41 9.14 33.26
C GLY C 101 11.87 8.72 31.90
N ALA C 102 11.54 9.52 30.91
CA ALA C 102 12.19 9.47 29.61
C ALA C 102 11.84 8.26 28.70
N ASP C 103 11.17 8.61 27.60
CA ASP C 103 10.82 7.72 26.53
C ASP C 103 11.77 7.99 25.42
N TYR C 104 12.20 9.22 25.26
CA TYR C 104 13.15 9.48 24.21
C TYR C 104 14.48 9.91 24.75
N LEU C 105 15.54 9.46 24.10
CA LEU C 105 16.85 9.90 24.47
C LEU C 105 16.86 11.44 24.53
N TYR C 106 16.25 12.11 23.56
CA TYR C 106 16.50 13.55 23.54
C TYR C 106 15.98 14.16 24.85
N GLN C 107 15.05 13.49 25.52
CA GLN C 107 14.56 13.95 26.84
C GLN C 107 15.64 14.06 27.95
N VAL C 108 16.63 13.17 27.87
CA VAL C 108 17.75 13.08 28.79
C VAL C 108 18.74 14.23 28.62
N TYR C 109 18.98 14.65 27.37
CA TYR C 109 19.86 15.79 27.13
C TYR C 109 19.25 17.06 27.72
N THR C 110 17.92 17.03 27.78
CA THR C 110 17.06 18.18 28.01
C THR C 110 16.78 18.45 29.49
N ALA C 111 16.86 17.37 30.27
CA ALA C 111 16.66 17.42 31.70
C ALA C 111 17.81 18.13 32.39
N ALA C 112 18.97 18.11 31.75
CA ALA C 112 20.11 18.82 32.32
C ALA C 112 20.30 20.20 31.68
N ASP C 113 19.93 20.35 30.42
CA ASP C 113 20.08 21.63 29.73
C ASP C 113 18.91 21.86 28.84
N PRO C 114 17.86 22.51 29.33
CA PRO C 114 16.70 22.48 28.46
C PRO C 114 16.84 23.42 27.26
N THR C 115 18.03 23.97 27.02
CA THR C 115 18.28 24.73 25.80
C THR C 115 19.43 24.17 24.98
N TYR C 116 19.64 22.88 25.07
CA TYR C 116 20.75 22.21 24.42
C TYR C 116 20.54 22.25 22.91
N THR C 117 21.62 22.11 22.16
CA THR C 117 21.59 22.32 20.73
C THR C 117 22.71 21.56 20.08
N GLY C 118 22.43 20.31 19.75
CA GLY C 118 23.40 19.44 19.11
C GLY C 118 22.80 18.07 18.85
N ARG C 119 23.67 17.12 18.57
CA ARG C 119 23.18 15.79 18.28
C ARG C 119 22.71 15.08 19.57
N VAL C 120 21.77 14.17 19.44
CA VAL C 120 21.31 13.45 20.60
C VAL C 120 21.81 12.03 20.41
N THR C 121 23.02 11.79 20.91
CA THR C 121 23.75 10.54 20.65
C THR C 121 23.88 9.67 21.91
N ILE C 122 24.12 8.36 21.74
CA ILE C 122 24.67 7.56 22.81
C ILE C 122 26.07 7.28 22.36
N PRO C 123 26.97 6.82 23.26
CA PRO C 123 26.79 6.51 24.68
C PRO C 123 26.96 7.75 25.56
N ILE C 124 26.32 7.73 26.73
CA ILE C 124 26.32 8.88 27.62
C ILE C 124 26.71 8.47 29.03
N LEU C 125 27.76 9.07 29.59
CA LEU C 125 28.11 8.81 30.99
C LEU C 125 27.49 9.92 31.84
N TRP C 126 26.50 9.57 32.64
CA TRP C 126 25.64 10.53 33.36
C TRP C 126 25.93 10.51 34.84
N ASP C 127 26.27 11.67 35.40
CA ASP C 127 26.54 11.89 36.85
C ASP C 127 25.21 11.89 37.57
N LYS C 128 24.91 10.84 38.31
CA LYS C 128 23.59 10.72 38.89
C LYS C 128 23.46 11.81 39.94
N VAL C 129 24.53 12.12 40.65
CA VAL C 129 24.42 13.06 41.75
C VAL C 129 24.21 14.49 41.25
N GLU C 130 25.11 14.96 40.37
CA GLU C 130 25.06 16.32 39.80
C GLU C 130 23.91 16.54 38.83
N LYS C 131 23.35 15.45 38.32
CA LYS C 131 22.12 15.47 37.50
C LYS C 131 22.34 16.00 36.12
N ARG C 132 23.53 15.74 35.60
CA ARG C 132 23.98 16.30 34.34
C ARG C 132 24.78 15.26 33.56
N ILE C 133 25.01 15.52 32.27
CA ILE C 133 25.90 14.63 31.55
C ILE C 133 27.33 15.06 31.79
N LEU C 134 28.18 14.05 31.94
CA LEU C 134 29.58 14.24 32.25
C LEU C 134 30.34 14.17 31.00
N ASN C 135 30.09 13.13 30.23
CA ASN C 135 30.83 12.93 29.01
C ASN C 135 30.01 12.01 28.12
N ASN C 136 29.81 12.44 26.87
CA ASN C 136 29.05 11.69 25.88
C ASN C 136 29.89 11.57 24.63
N GLU C 137 31.22 11.55 24.82
CA GLU C 137 32.14 11.33 23.72
C GLU C 137 32.71 9.93 23.80
N SER C 138 32.39 9.13 22.79
CA SER C 138 32.71 7.70 22.76
C SER C 138 34.08 7.30 23.31
N SER C 139 35.13 7.90 22.78
CA SER C 139 36.49 7.42 22.96
C SER C 139 37.15 8.00 24.18
N GLU C 140 36.37 8.67 25.00
CA GLU C 140 36.91 9.30 26.19
C GLU C 140 36.38 8.53 27.38
N ILE C 141 35.08 8.30 27.37
CA ILE C 141 34.45 7.39 28.31
C ILE C 141 35.29 6.13 28.41
N ILE C 142 35.84 5.72 27.28
CA ILE C 142 36.65 4.51 27.22
C ILE C 142 37.86 4.67 28.14
N ARG C 143 38.57 5.82 28.07
CA ARG C 143 39.72 6.11 28.98
C ARG C 143 39.33 6.36 30.46
N ILE C 144 38.20 7.02 30.73
CA ILE C 144 37.71 7.21 32.08
C ILE C 144 37.47 5.88 32.77
N LEU C 145 36.67 5.01 32.19
CA LEU C 145 36.49 3.66 32.72
C LEU C 145 37.82 2.84 32.87
N ASN C 146 38.85 3.19 32.12
CA ASN C 146 40.14 2.50 32.20
C ASN C 146 40.77 2.55 33.59
N SER C 147 40.73 3.74 34.17
CA SER C 147 41.48 3.99 35.40
C SER C 147 40.66 4.63 36.52
N ALA C 148 39.90 5.66 36.22
CA ALA C 148 39.11 6.37 37.22
C ALA C 148 38.50 5.49 38.30
N PHE C 149 38.27 4.22 38.00
CA PHE C 149 37.63 3.41 39.00
C PHE C 149 38.59 2.41 39.68
N ASP C 150 39.89 2.60 39.49
CA ASP C 150 40.83 1.56 39.91
C ASP C 150 41.01 1.59 41.41
N ASP C 151 40.72 2.74 42.03
CA ASP C 151 40.99 2.85 43.48
C ASP C 151 39.83 2.29 44.26
N VAL C 152 38.71 2.14 43.56
CA VAL C 152 37.61 1.36 44.13
C VAL C 152 37.59 -0.04 43.53
N GLY C 153 36.40 -0.61 43.39
CA GLY C 153 36.28 -2.02 43.00
C GLY C 153 36.90 -2.58 41.73
N ALA C 154 37.30 -1.71 40.80
CA ALA C 154 37.63 -2.10 39.41
C ALA C 154 38.68 -3.19 39.24
N LEU C 155 38.38 -4.13 38.35
CA LEU C 155 39.37 -5.12 37.92
C LEU C 155 40.53 -4.45 37.23
N PRO C 156 41.71 -5.10 37.28
CA PRO C 156 42.96 -4.51 36.76
C PRO C 156 43.01 -4.52 35.25
N GLY C 157 43.68 -3.53 34.68
CA GLY C 157 43.78 -3.42 33.25
C GLY C 157 44.22 -2.03 32.85
N ASP C 158 45.18 -1.96 31.94
CA ASP C 158 45.51 -0.68 31.35
C ASP C 158 45.44 -0.91 29.86
N TYR C 159 44.44 -0.30 29.25
CA TYR C 159 44.19 -0.55 27.84
C TYR C 159 44.74 0.55 26.99
N TYR C 160 45.29 1.57 27.66
CA TYR C 160 46.04 2.65 27.05
C TYR C 160 47.38 2.81 27.77
N PRO C 161 48.23 1.77 27.69
CA PRO C 161 49.60 1.79 28.17
C PRO C 161 50.38 3.00 27.70
N ALA C 162 50.79 3.84 28.65
CA ALA C 162 51.52 5.05 28.34
C ALA C 162 52.73 4.72 27.48
N GLU C 163 53.46 3.68 27.89
CA GLU C 163 54.52 3.13 27.05
C GLU C 163 54.13 3.22 25.57
N PHE C 164 53.12 2.41 25.24
CA PHE C 164 52.61 2.19 23.89
C PHE C 164 51.67 3.25 23.24
N ARG C 165 51.16 4.18 24.03
CA ARG C 165 50.22 5.17 23.50
C ARG C 165 50.43 5.63 22.04
N PRO C 166 51.54 6.33 21.75
CA PRO C 166 51.55 7.03 20.48
C PRO C 166 51.37 6.06 19.27
N GLU C 167 51.57 4.75 19.45
CA GLU C 167 51.15 3.79 18.40
C GLU C 167 49.65 3.60 18.44
N ILE C 168 49.14 3.17 19.59
CA ILE C 168 47.70 3.15 19.79
C ILE C 168 47.07 4.38 19.14
N ASP C 169 47.63 5.56 19.42
CA ASP C 169 47.13 6.77 18.78
C ASP C 169 47.12 6.65 17.27
N ARG C 170 48.24 6.24 16.68
CA ARG C 170 48.32 6.19 15.22
C ARG C 170 47.21 5.33 14.65
N ILE C 171 47.20 4.06 15.09
CA ILE C 171 46.25 3.08 14.60
C ILE C 171 44.85 3.61 14.71
N ASN C 172 44.45 4.07 15.90
CA ASN C 172 43.12 4.68 16.00
C ASN C 172 42.82 5.78 14.95
N ALA C 173 43.76 6.68 14.68
CA ALA C 173 43.51 7.71 13.67
C ALA C 173 42.95 7.09 12.39
N ARG C 174 43.75 6.22 11.77
CA ARG C 174 43.36 5.59 10.52
C ARG C 174 42.07 4.72 10.64
N VAL C 175 42.11 3.67 11.44
CA VAL C 175 40.87 2.93 11.71
C VAL C 175 39.62 3.80 11.96
N TYR C 176 39.72 4.82 12.78
CA TYR C 176 38.57 5.64 13.02
C TYR C 176 37.99 6.23 11.77
N GLU C 177 38.78 7.07 11.12
CA GLU C 177 38.26 7.92 10.09
C GLU C 177 37.98 7.19 8.78
N THR C 178 38.54 6.00 8.59
CA THR C 178 38.31 5.28 7.33
C THR C 178 37.59 3.95 7.41
N LEU C 179 37.35 3.45 8.61
CA LEU C 179 36.67 2.15 8.82
C LEU C 179 35.50 2.28 9.78
N ASN C 180 35.74 2.74 11.01
CA ASN C 180 34.69 2.96 12.00
C ASN C 180 33.63 3.88 11.46
N ASN C 181 34.09 5.03 11.02
CA ASN C 181 33.28 6.05 10.41
C ASN C 181 33.10 5.73 8.93
N GLY C 182 34.06 4.96 8.44
CA GLY C 182 34.13 4.59 7.05
C GLY C 182 32.92 3.85 6.52
N VAL C 183 32.44 2.84 7.24
CA VAL C 183 31.27 2.10 6.79
C VAL C 183 30.02 2.98 6.64
N TYR C 184 29.81 3.88 7.59
CA TYR C 184 28.73 4.85 7.44
C TYR C 184 28.99 5.74 6.22
N ARG C 185 30.19 6.28 6.06
CA ARG C 185 30.36 7.30 5.03
C ARG C 185 29.94 6.77 3.68
N SER C 186 30.27 5.50 3.47
CA SER C 186 30.04 4.84 2.22
C SER C 186 28.63 4.32 2.11
N GLY C 187 28.13 3.64 3.11
CA GLY C 187 26.72 3.27 3.13
C GLY C 187 25.66 4.37 2.99
N PHE C 188 26.00 5.60 3.32
CA PHE C 188 25.05 6.70 3.29
C PHE C 188 25.39 7.66 2.18
N ALA C 189 26.12 7.19 1.20
CA ALA C 189 26.60 8.09 0.17
C ALA C 189 25.45 8.21 -0.77
N THR C 190 25.28 9.37 -1.39
CA THR C 190 24.15 9.52 -2.27
C THR C 190 24.47 9.29 -3.74
N THR C 191 25.75 9.22 -4.09
CA THR C 191 26.17 9.09 -5.49
C THR C 191 27.18 7.95 -5.63
N GLN C 192 27.18 7.29 -6.78
CA GLN C 192 28.09 6.16 -6.96
C GLN C 192 29.49 6.66 -6.84
N GLU C 193 29.67 7.94 -7.16
CA GLU C 193 31.01 8.51 -7.16
C GLU C 193 31.50 8.74 -5.74
N ALA C 194 30.60 9.06 -4.82
CA ALA C 194 30.99 9.36 -3.46
C ALA C 194 31.09 8.08 -2.70
N TYR C 195 30.17 7.16 -2.95
CA TYR C 195 30.29 5.85 -2.36
C TYR C 195 31.70 5.33 -2.59
N GLU C 196 32.19 5.46 -3.81
CA GLU C 196 33.47 4.88 -4.16
C GLU C 196 34.62 5.64 -3.49
N GLU C 197 34.40 6.93 -3.26
CA GLU C 197 35.40 7.72 -2.56
C GLU C 197 35.66 7.12 -1.19
N ALA C 198 34.64 6.52 -0.60
CA ALA C 198 34.77 5.99 0.73
C ALA C 198 35.10 4.49 0.76
N PHE C 199 34.23 3.64 0.20
CA PHE C 199 34.40 2.20 0.40
C PHE C 199 35.80 1.69 -0.03
N TYR C 200 36.54 2.49 -0.82
CA TYR C 200 37.86 2.04 -1.28
C TYR C 200 38.97 2.14 -0.23
N PRO C 201 39.25 3.35 0.29
CA PRO C 201 40.08 3.42 1.49
C PRO C 201 39.54 2.50 2.59
N LEU C 202 38.24 2.55 2.88
CA LEU C 202 37.69 1.57 3.82
C LEU C 202 38.42 0.23 3.66
N PHE C 203 38.51 -0.27 2.43
CA PHE C 203 39.05 -1.59 2.20
C PHE C 203 40.57 -1.66 2.23
N ASP C 204 41.22 -0.63 1.68
CA ASP C 204 42.67 -0.47 1.86
C ASP C 204 43.10 -0.61 3.32
N THR C 205 42.29 -0.02 4.20
CA THR C 205 42.55 -0.02 5.62
C THR C 205 42.30 -1.40 6.20
N LEU C 206 41.40 -2.17 5.62
CA LEU C 206 41.29 -3.55 6.05
C LEU C 206 42.47 -4.38 5.58
N ASP C 207 43.03 -4.02 4.43
CA ASP C 207 44.23 -4.67 3.90
C ASP C 207 45.40 -4.43 4.83
N TRP C 208 45.60 -3.14 5.13
CA TRP C 208 46.66 -2.71 6.02
C TRP C 208 46.55 -3.36 7.37
N LEU C 209 45.33 -3.50 7.85
CA LEU C 209 45.12 -4.18 9.10
C LEU C 209 45.56 -5.63 8.97
N GLU C 210 45.20 -6.30 7.88
CA GLU C 210 45.61 -7.70 7.69
C GLU C 210 47.13 -7.92 7.69
N GLU C 211 47.91 -7.11 6.95
CA GLU C 211 49.38 -7.25 6.93
C GLU C 211 49.96 -7.09 8.33
N HIS C 212 49.46 -6.07 9.01
CA HIS C 212 49.90 -5.73 10.34
C HIS C 212 49.72 -6.87 11.31
N LEU C 213 48.45 -7.34 11.42
CA LEU C 213 48.00 -8.37 12.36
C LEU C 213 48.59 -9.76 12.15
N THR C 214 49.54 -9.81 11.23
CA THR C 214 50.01 -11.07 10.72
C THR C 214 50.76 -11.83 11.81
N GLY C 215 51.97 -11.37 12.11
CA GLY C 215 52.76 -12.02 13.14
C GLY C 215 52.15 -11.86 14.53
N ARG C 216 50.98 -11.22 14.59
CA ARG C 216 50.48 -10.64 15.83
C ARG C 216 49.34 -11.40 16.48
N GLU C 217 49.17 -11.16 17.79
CA GLU C 217 48.04 -11.69 18.53
C GLU C 217 47.06 -10.56 18.84
N TRP C 218 47.59 -9.33 18.76
CA TRP C 218 46.86 -8.09 19.04
C TRP C 218 47.49 -6.93 18.26
N LEU C 219 46.77 -5.82 18.16
CA LEU C 219 47.23 -4.74 17.34
C LEU C 219 48.45 -4.07 17.87
N VAL C 220 48.53 -3.95 19.19
CA VAL C 220 49.63 -3.20 19.78
C VAL C 220 50.17 -3.91 21.00
N GLY C 221 51.48 -3.79 21.24
CA GLY C 221 52.17 -4.56 22.27
C GLY C 221 51.74 -5.98 22.01
N ASP C 222 51.94 -6.88 22.94
CA ASP C 222 51.41 -8.18 22.66
C ASP C 222 50.20 -8.26 23.55
N ARG C 223 49.66 -7.09 23.86
CA ARG C 223 48.61 -6.98 24.84
C ARG C 223 47.31 -6.53 24.15
N LEU C 224 46.17 -7.07 24.58
CA LEU C 224 44.89 -6.47 24.22
C LEU C 224 44.86 -4.99 24.63
N THR C 225 44.70 -4.09 23.67
CA THR C 225 44.75 -2.64 23.96
C THR C 225 43.48 -1.96 23.55
N GLU C 226 43.42 -0.64 23.62
CA GLU C 226 42.14 0.00 23.34
C GLU C 226 41.91 0.08 21.87
N ALA C 227 42.99 -0.01 21.10
CA ALA C 227 42.86 0.02 19.66
C ALA C 227 42.04 -1.18 19.17
N ASP C 228 42.28 -2.34 19.75
CA ASP C 228 41.47 -3.47 19.41
C ASP C 228 40.06 -3.14 19.85
N ILE C 229 39.93 -2.59 21.03
CA ILE C 229 38.59 -2.34 21.54
C ILE C 229 37.75 -1.44 20.64
N ARG C 230 38.31 -0.34 20.15
CA ARG C 230 37.50 0.50 19.32
C ARG C 230 37.36 0.00 17.88
N LEU C 231 38.14 -1.02 17.48
CA LEU C 231 38.03 -1.61 16.13
C LEU C 231 37.08 -2.80 16.10
N PHE C 232 36.92 -3.48 17.22
CA PHE C 232 36.13 -4.70 17.21
C PHE C 232 34.63 -4.45 16.97
N PRO C 233 34.09 -3.36 17.50
CA PRO C 233 32.67 -3.12 17.17
C PRO C 233 32.35 -2.95 15.65
N THR C 234 33.20 -2.27 14.86
CA THR C 234 32.94 -2.23 13.44
C THR C 234 33.10 -3.62 12.77
N LEU C 235 34.05 -4.43 13.23
CA LEU C 235 34.27 -5.73 12.65
C LEU C 235 33.12 -6.69 12.90
N VAL C 236 32.64 -6.72 14.12
CA VAL C 236 31.70 -7.76 14.53
C VAL C 236 30.33 -7.50 13.88
N ARG C 237 30.09 -6.23 13.57
CA ARG C 237 28.93 -5.84 12.81
C ARG C 237 29.22 -5.83 11.31
N PHE C 238 30.40 -6.23 10.87
CA PHE C 238 30.74 -6.00 9.46
C PHE C 238 30.05 -6.99 8.54
N ASP C 239 30.18 -8.26 8.88
CA ASP C 239 29.62 -9.27 7.98
C ASP C 239 28.10 -9.35 7.99
N ALA C 240 27.44 -8.94 9.07
CA ALA C 240 25.97 -9.06 9.08
C ALA C 240 25.30 -7.80 8.57
N ILE C 241 25.90 -6.67 8.91
CA ILE C 241 25.30 -5.43 8.53
C ILE C 241 26.07 -4.72 7.44
N TYR C 242 27.27 -4.26 7.76
CA TYR C 242 27.92 -3.31 6.87
C TYR C 242 28.00 -3.79 5.43
N HIS C 243 28.34 -5.06 5.29
CA HIS C 243 28.63 -5.73 4.03
C HIS C 243 27.42 -5.73 3.11
N GLY C 244 26.28 -6.20 3.62
CA GLY C 244 25.00 -5.98 2.94
C GLY C 244 24.46 -4.55 3.00
N HIS C 245 23.69 -4.26 4.03
CA HIS C 245 23.21 -2.90 4.27
C HIS C 245 24.00 -1.72 3.74
N PHE C 246 25.28 -1.63 4.04
CA PHE C 246 26.03 -0.43 3.63
C PHE C 246 26.88 -0.68 2.39
N LYS C 247 26.62 -1.78 1.66
CA LYS C 247 27.31 -2.11 0.39
C LYS C 247 28.85 -2.14 0.55
N CYS C 248 29.35 -2.61 1.69
CA CYS C 248 30.77 -2.73 1.92
C CYS C 248 31.06 -4.16 1.68
N ASN C 249 31.26 -4.52 0.42
CA ASN C 249 31.33 -5.94 0.04
C ASN C 249 32.48 -6.31 -0.92
N LEU C 250 33.50 -5.44 -1.00
CA LEU C 250 34.69 -5.75 -1.78
C LEU C 250 35.15 -7.17 -1.40
N ARG C 251 35.34 -7.43 -0.11
CA ARG C 251 35.26 -8.80 0.39
C ARG C 251 34.67 -8.88 1.78
N ARG C 252 34.67 -10.04 2.39
CA ARG C 252 34.09 -10.15 3.72
C ARG C 252 35.16 -10.05 4.78
N ILE C 253 34.76 -9.88 6.02
CA ILE C 253 35.72 -9.96 7.09
C ILE C 253 36.16 -11.41 7.17
N ALA C 254 35.28 -12.32 6.73
CA ALA C 254 35.60 -13.75 6.85
C ALA C 254 36.71 -14.16 5.92
N ASP C 255 36.95 -13.35 4.90
CA ASP C 255 37.97 -13.66 3.92
C ASP C 255 39.35 -13.30 4.48
N TYR C 256 39.43 -12.20 5.23
CA TYR C 256 40.65 -11.76 5.93
C TYR C 256 40.90 -12.61 7.18
N PRO C 257 41.83 -13.57 7.12
CA PRO C 257 41.83 -14.63 8.14
C PRO C 257 42.51 -14.24 9.45
N ASN C 258 43.46 -13.30 9.46
CA ASN C 258 43.91 -12.68 10.71
C ASN C 258 42.79 -11.96 11.45
N LEU C 259 42.37 -10.82 10.88
CA LEU C 259 41.18 -10.10 11.30
C LEU C 259 40.19 -11.07 11.91
N SER C 260 39.86 -12.11 11.18
CA SER C 260 38.89 -13.08 11.70
C SER C 260 39.32 -13.71 13.03
N ARG C 261 40.59 -14.07 13.13
CA ARG C 261 41.07 -14.65 14.35
C ARG C 261 40.96 -13.63 15.50
N LEU C 262 41.36 -12.39 15.25
CA LEU C 262 41.17 -11.31 16.23
C LEU C 262 39.71 -11.14 16.63
N VAL C 263 38.81 -11.12 15.65
CA VAL C 263 37.41 -10.98 15.97
C VAL C 263 36.94 -12.20 16.72
N GLY C 264 37.33 -13.38 16.30
CA GLY C 264 36.91 -14.56 17.01
C GLY C 264 37.46 -14.61 18.43
N LYS C 265 38.60 -13.97 18.66
CA LYS C 265 39.27 -14.06 19.95
C LYS C 265 38.52 -13.24 20.98
N LEU C 266 38.15 -12.02 20.58
CA LEU C 266 37.35 -11.14 21.42
C LEU C 266 35.96 -11.65 21.63
N ALA C 267 35.28 -11.94 20.53
CA ALA C 267 33.92 -12.43 20.58
C ALA C 267 33.69 -13.51 21.64
N SER C 268 34.74 -14.26 21.94
CA SER C 268 34.60 -15.45 22.78
C SER C 268 35.16 -15.23 24.17
N HIS C 269 35.96 -14.17 24.30
CA HIS C 269 36.38 -13.70 25.60
C HIS C 269 35.14 -13.50 26.43
N GLU C 270 34.90 -14.32 27.47
CA GLU C 270 33.73 -14.08 28.34
C GLU C 270 33.80 -12.62 28.74
N ARG C 271 32.75 -12.05 29.31
CA ARG C 271 32.89 -10.63 29.67
C ARG C 271 32.70 -9.74 28.47
N VAL C 272 33.40 -10.03 27.38
CA VAL C 272 33.09 -9.40 26.09
C VAL C 272 31.87 -10.03 25.38
N ALA C 273 31.75 -11.35 25.39
CA ALA C 273 30.68 -11.99 24.63
C ALA C 273 29.25 -11.52 24.97
N PRO C 274 29.00 -11.10 26.21
CA PRO C 274 27.61 -10.76 26.53
C PRO C 274 27.20 -9.37 26.08
N THR C 275 28.19 -8.59 25.66
CA THR C 275 27.96 -7.25 25.13
C THR C 275 27.53 -7.28 23.69
N ILE C 276 27.51 -8.48 23.10
CA ILE C 276 27.19 -8.64 21.68
C ILE C 276 25.78 -9.16 21.42
N ASN C 277 25.07 -8.46 20.54
CA ASN C 277 23.73 -8.87 20.20
C ASN C 277 23.43 -8.49 18.78
N LEU C 278 23.92 -9.31 17.89
CA LEU C 278 23.85 -9.01 16.48
C LEU C 278 22.42 -8.96 16.01
N ARG C 279 21.57 -9.81 16.56
CA ARG C 279 20.19 -9.87 16.11
C ARG C 279 19.53 -8.54 16.32
N HIS C 280 20.02 -7.82 17.30
CA HIS C 280 19.44 -6.54 17.64
C HIS C 280 20.03 -5.49 16.71
N ALA C 281 21.36 -5.36 16.71
CA ALA C 281 22.04 -4.45 15.78
C ALA C 281 21.55 -4.59 14.35
N LYS C 282 21.32 -5.81 13.88
CA LYS C 282 20.73 -5.96 12.57
C LYS C 282 19.36 -5.32 12.49
N ALA C 283 18.53 -5.55 13.49
CA ALA C 283 17.19 -4.96 13.50
C ALA C 283 17.25 -3.48 13.47
N HIS C 284 18.29 -2.92 14.07
CA HIS C 284 18.39 -1.46 14.07
C HIS C 284 18.71 -0.94 12.71
N TYR C 285 19.92 -1.23 12.22
CA TYR C 285 20.35 -0.74 10.93
C TYR C 285 19.34 -0.92 9.79
N TYR C 286 18.78 -2.12 9.64
CA TYR C 286 17.89 -2.35 8.51
C TYR C 286 16.50 -1.79 8.71
N GLY C 287 16.12 -1.56 9.96
CA GLY C 287 14.79 -1.08 10.25
C GLY C 287 14.70 0.42 10.42
N SER C 288 15.85 1.09 10.47
CA SER C 288 15.85 2.47 10.87
C SER C 288 16.52 3.39 9.88
N HIS C 289 16.93 2.86 8.74
CA HIS C 289 17.59 3.67 7.71
C HIS C 289 16.80 3.64 6.43
N PRO C 290 15.62 4.25 6.42
CA PRO C 290 14.73 4.17 5.27
C PRO C 290 15.34 4.88 4.07
N SER C 291 16.24 5.82 4.37
CA SER C 291 17.04 6.55 3.36
C SER C 291 17.76 5.57 2.48
N VAL C 292 17.86 4.32 2.93
CA VAL C 292 18.83 3.35 2.43
C VAL C 292 18.25 1.96 2.27
N ASN C 293 17.44 1.53 3.22
CA ASN C 293 16.66 0.30 3.06
C ASN C 293 15.20 0.58 3.42
N PRO C 294 14.46 1.17 2.46
CA PRO C 294 13.08 1.62 2.61
C PRO C 294 12.07 0.53 3.00
N THR C 295 12.26 -0.71 2.62
CA THR C 295 11.31 -1.69 3.11
C THR C 295 11.50 -1.96 4.62
N GLY C 296 12.64 -1.54 5.16
CA GLY C 296 13.02 -1.90 6.51
C GLY C 296 12.85 -3.39 6.82
N ILE C 297 13.03 -4.22 5.80
CA ILE C 297 13.00 -5.67 6.00
C ILE C 297 14.41 -6.04 6.39
N VAL C 298 14.56 -6.94 7.36
CA VAL C 298 15.87 -7.33 7.89
C VAL C 298 16.24 -8.72 7.43
N PRO C 299 17.41 -8.85 6.77
CA PRO C 299 17.77 -10.13 6.17
C PRO C 299 17.80 -11.25 7.19
N VAL C 300 17.54 -12.47 6.75
CA VAL C 300 17.68 -13.64 7.59
C VAL C 300 19.16 -13.81 8.05
N GLY C 301 20.03 -12.91 7.55
CA GLY C 301 21.41 -12.66 8.00
C GLY C 301 22.35 -13.75 7.61
N PRO C 302 23.68 -13.49 7.59
CA PRO C 302 24.61 -14.61 7.41
C PRO C 302 24.26 -15.52 8.52
N ALA C 303 24.13 -16.83 8.32
CA ALA C 303 23.72 -17.67 9.44
C ALA C 303 24.90 -17.96 10.40
N GLN C 304 26.09 -17.54 10.00
CA GLN C 304 27.27 -17.69 10.81
C GLN C 304 28.10 -16.46 10.50
N PRO C 305 27.80 -15.34 11.19
CA PRO C 305 28.55 -14.12 10.86
C PRO C 305 30.02 -14.30 11.28
N LEU C 306 30.24 -14.59 12.56
CA LEU C 306 31.53 -15.08 13.04
C LEU C 306 31.55 -16.55 12.75
N PRO C 307 32.69 -17.05 12.20
CA PRO C 307 32.95 -18.46 11.87
C PRO C 307 32.89 -19.41 13.11
N GLY C 308 32.69 -18.81 14.28
CA GLY C 308 32.61 -19.52 15.55
C GLY C 308 33.59 -18.91 16.54
N LEU C 309 34.52 -19.74 17.06
CA LEU C 309 35.60 -19.37 18.01
C LEU C 309 36.84 -18.81 17.28
N THR C 310 38.03 -19.13 17.80
CA THR C 310 39.32 -18.67 17.22
C THR C 310 40.54 -19.60 17.49
N LEU C 311 41.28 -19.95 16.43
CA LEU C 311 42.58 -20.60 16.62
C LEU C 311 43.55 -19.63 17.32
N GLN C 312 44.19 -20.08 18.39
CA GLN C 312 45.04 -19.23 19.25
C GLN C 312 46.50 -19.73 19.36
N SER C 313 47.29 -19.08 20.23
CA SER C 313 48.71 -19.41 20.48
C SER C 313 49.69 -18.55 19.63
N GLY D 2 5.65 -0.84 -15.30
CA GLY D 2 5.01 -0.38 -16.53
C GLY D 2 4.22 -1.48 -17.21
N LEU D 3 3.19 -1.09 -17.96
CA LEU D 3 2.29 -2.02 -18.64
C LEU D 3 1.98 -1.43 -19.99
N LEU D 4 1.65 -2.26 -20.96
CA LEU D 4 0.90 -1.69 -22.08
C LEU D 4 -0.56 -1.80 -21.74
N ILE D 5 -1.29 -0.75 -22.05
CA ILE D 5 -2.70 -0.76 -21.77
C ILE D 5 -3.59 -0.89 -22.98
N ASP D 6 -3.60 0.08 -23.84
CA ASP D 6 -4.17 -0.20 -25.14
C ASP D 6 -3.05 0.30 -26.00
N GLY D 7 -1.91 0.43 -25.30
CA GLY D 7 -0.57 0.61 -25.82
C GLY D 7 -0.12 1.95 -26.35
N VAL D 8 -0.14 3.10 -25.65
CA VAL D 8 -0.41 3.40 -24.23
C VAL D 8 0.58 2.68 -23.33
N TRP D 9 1.68 3.33 -23.04
CA TRP D 9 2.55 2.80 -22.02
C TRP D 9 2.20 3.49 -20.74
N ARG D 10 1.38 2.84 -19.94
CA ARG D 10 1.04 3.37 -18.64
C ARG D 10 2.08 2.86 -17.64
N ASP D 11 2.81 3.78 -16.99
CA ASP D 11 3.64 3.42 -15.83
C ASP D 11 2.84 3.37 -14.53
N ALA D 12 1.60 3.84 -14.60
CA ALA D 12 0.72 3.94 -13.44
C ALA D 12 0.05 2.63 -13.09
N TRP D 13 -1.18 2.75 -12.58
CA TRP D 13 -1.90 1.65 -11.94
C TRP D 13 -2.40 0.59 -12.92
N TYR D 14 -2.73 -0.57 -12.36
CA TYR D 14 -3.37 -1.66 -13.11
C TYR D 14 -4.76 -2.00 -12.57
N ASP D 15 -5.83 -1.37 -13.08
CA ASP D 15 -5.74 -0.20 -13.98
C ASP D 15 -6.76 0.90 -13.58
N THR D 16 -6.44 1.62 -12.50
CA THR D 16 -7.38 2.53 -11.82
C THR D 16 -8.81 1.92 -11.64
N LYS D 17 -9.02 0.74 -12.25
CA LYS D 17 -10.14 -0.20 -11.99
C LYS D 17 -9.78 -1.68 -12.32
N SER D 18 -9.40 -2.45 -11.28
CA SER D 18 -8.95 -3.88 -11.32
C SER D 18 -9.41 -4.74 -10.13
N SER D 19 -9.93 -5.93 -10.41
CA SER D 19 -9.96 -6.47 -11.78
C SER D 19 -11.09 -7.49 -11.90
N GLY D 20 -12.32 -7.00 -11.83
CA GLY D 20 -12.60 -5.60 -11.62
C GLY D 20 -13.37 -5.04 -12.79
N GLY D 21 -13.13 -3.77 -13.09
CA GLY D 21 -13.51 -3.28 -14.39
C GLY D 21 -12.61 -3.96 -15.42
N ARG D 22 -11.31 -3.68 -15.33
CA ARG D 22 -10.36 -4.00 -16.39
C ARG D 22 -9.26 -4.98 -15.98
N PHE D 23 -9.50 -6.25 -16.27
CA PHE D 23 -8.51 -7.27 -16.01
C PHE D 23 -7.37 -7.24 -17.02
N VAL D 24 -6.15 -7.07 -16.52
CA VAL D 24 -4.93 -7.12 -17.32
C VAL D 24 -4.22 -8.49 -17.15
N ARG D 25 -4.12 -9.26 -18.25
CA ARG D 25 -3.52 -10.61 -18.27
C ARG D 25 -2.03 -10.45 -18.08
N LYS D 26 -1.47 -11.03 -17.02
CA LYS D 26 -0.09 -10.72 -16.69
C LYS D 26 0.94 -11.74 -17.18
N GLU D 27 0.43 -12.86 -17.70
CA GLU D 27 1.33 -13.93 -18.10
C GLU D 27 1.88 -13.75 -19.52
N SER D 28 2.87 -14.56 -19.88
CA SER D 28 3.38 -14.61 -21.25
C SER D 28 2.28 -14.94 -22.27
N GLN D 29 2.03 -14.02 -23.21
CA GLN D 29 0.89 -14.15 -24.12
C GLN D 29 1.13 -14.93 -25.45
N TYR D 30 2.38 -15.02 -25.89
CA TYR D 30 2.74 -15.67 -27.14
C TYR D 30 3.40 -17.03 -26.97
N ARG D 31 2.72 -18.06 -27.42
CA ARG D 31 3.17 -19.43 -27.19
C ARG D 31 3.22 -20.31 -28.47
N GLY D 32 3.86 -19.74 -29.50
CA GLY D 32 4.07 -20.41 -30.76
C GLY D 32 5.00 -21.59 -30.62
N GLY D 33 5.52 -22.07 -31.75
CA GLY D 33 6.39 -23.23 -31.77
C GLY D 33 5.67 -24.40 -31.15
N LEU D 34 6.43 -25.31 -30.55
CA LEU D 34 5.81 -26.43 -29.82
C LEU D 34 5.05 -27.48 -30.67
N ASP D 35 3.71 -27.43 -30.63
CA ASP D 35 2.78 -28.42 -31.26
C ASP D 35 3.32 -29.64 -32.05
N ALA D 36 4.20 -29.38 -33.00
CA ALA D 36 4.80 -30.42 -33.83
C ALA D 36 5.77 -29.77 -34.80
N GLY D 37 6.38 -30.59 -35.65
CA GLY D 37 7.29 -30.05 -36.63
C GLY D 37 6.70 -28.93 -37.47
N PHE D 38 7.30 -27.73 -37.46
CA PHE D 38 8.26 -27.29 -36.45
C PHE D 38 8.79 -25.90 -36.72
N ARG D 39 9.81 -25.84 -37.62
CA ARG D 39 10.79 -24.73 -37.66
C ARG D 39 11.29 -24.25 -38.98
N GLY D 40 11.64 -22.96 -39.04
CA GLY D 40 12.04 -22.29 -40.27
C GLY D 40 13.54 -22.13 -40.40
N GLU D 41 13.99 -21.81 -41.61
CA GLU D 41 15.43 -21.77 -41.96
C GLU D 41 16.06 -20.68 -41.12
N PRO D 42 17.40 -20.56 -41.20
CA PRO D 42 18.02 -19.33 -40.69
C PRO D 42 17.45 -18.12 -41.39
N GLY D 43 17.48 -16.97 -40.74
CA GLY D 43 16.97 -15.75 -41.33
C GLY D 43 15.60 -15.50 -40.74
N ARG D 44 14.87 -16.57 -40.45
CA ARG D 44 13.42 -16.45 -40.17
C ARG D 44 13.23 -15.75 -38.85
N TYR D 45 14.16 -15.96 -37.94
CA TYR D 45 13.88 -15.54 -36.60
C TYR D 45 14.92 -14.63 -35.97
N HIS D 46 14.42 -13.88 -34.98
CA HIS D 46 15.16 -12.86 -34.23
C HIS D 46 14.92 -13.05 -32.74
N LEU D 47 15.93 -12.66 -31.97
CA LEU D 47 15.89 -12.80 -30.52
C LEU D 47 16.03 -11.43 -29.87
N TYR D 48 15.05 -11.09 -29.07
CA TYR D 48 15.14 -9.88 -28.27
C TYR D 48 15.50 -10.25 -26.82
N ALA D 49 16.62 -9.72 -26.33
CA ALA D 49 17.08 -10.06 -24.99
C ALA D 49 18.15 -9.06 -24.45
N GLY D 50 18.83 -9.46 -23.37
CA GLY D 50 19.93 -8.70 -22.80
C GLY D 50 20.72 -9.49 -21.77
N PHE D 51 21.81 -8.89 -21.31
CA PHE D 51 22.67 -9.57 -20.33
C PHE D 51 22.10 -9.55 -18.92
N ALA D 52 21.19 -8.60 -18.70
CA ALA D 52 20.47 -8.45 -17.46
C ALA D 52 19.66 -9.68 -16.98
N CYS D 53 18.60 -10.01 -17.72
CA CYS D 53 17.52 -10.90 -17.26
C CYS D 53 17.94 -12.33 -17.05
N PRO D 54 17.64 -12.92 -15.91
CA PRO D 54 17.92 -14.36 -15.82
C PRO D 54 17.11 -15.17 -16.82
N TRP D 55 15.97 -14.64 -17.21
CA TRP D 55 15.10 -15.45 -18.05
C TRP D 55 15.68 -15.41 -19.45
N ALA D 56 15.89 -14.19 -19.93
CA ALA D 56 16.52 -13.98 -21.22
C ALA D 56 17.82 -14.75 -21.23
N HIS D 57 18.54 -14.68 -20.13
CA HIS D 57 19.85 -15.25 -20.12
C HIS D 57 19.75 -16.77 -20.31
N ARG D 58 18.55 -17.36 -20.15
CA ARG D 58 18.38 -18.81 -20.40
C ARG D 58 18.65 -19.16 -21.85
N VAL D 59 17.92 -18.48 -22.71
CA VAL D 59 17.96 -18.77 -24.12
C VAL D 59 19.24 -18.22 -24.78
N LEU D 60 19.74 -17.08 -24.36
CA LEU D 60 21.03 -16.64 -24.87
C LEU D 60 22.06 -17.79 -24.90
N ILE D 61 21.91 -18.69 -23.94
CA ILE D 61 22.73 -19.88 -23.74
C ILE D 61 22.32 -20.96 -24.76
N MET D 62 21.13 -21.55 -24.64
CA MET D 62 20.71 -22.49 -25.68
C MET D 62 21.08 -21.96 -27.09
N ARG D 63 20.71 -20.73 -27.39
CA ARG D 63 21.04 -20.10 -28.65
C ARG D 63 22.51 -20.21 -29.00
N ALA D 64 23.39 -20.13 -28.03
CA ALA D 64 24.80 -20.24 -28.34
C ALA D 64 25.20 -21.72 -28.23
N LEU D 65 24.45 -22.44 -27.42
CA LEU D 65 24.77 -23.81 -27.18
C LEU D 65 24.39 -24.67 -28.40
N LYS D 66 23.76 -24.04 -29.39
CA LYS D 66 23.32 -24.73 -30.62
C LYS D 66 23.80 -23.99 -31.86
N GLY D 67 24.90 -23.27 -31.77
CA GLY D 67 25.44 -22.56 -32.92
C GLY D 67 24.45 -21.63 -33.61
N LEU D 68 23.23 -21.58 -33.10
CA LEU D 68 22.20 -20.76 -33.69
C LEU D 68 22.56 -19.28 -33.81
N GLU D 69 23.71 -18.89 -33.27
CA GLU D 69 24.10 -17.48 -33.21
C GLU D 69 24.20 -16.79 -34.57
N GLU D 70 24.23 -17.58 -35.65
CA GLU D 70 24.38 -17.01 -36.96
C GLU D 70 22.99 -16.96 -37.55
N MET D 71 22.34 -18.11 -37.49
CA MET D 71 20.95 -18.23 -37.95
C MET D 71 19.91 -17.32 -37.25
N ILE D 72 20.01 -17.18 -35.92
CA ILE D 72 19.14 -16.23 -35.21
C ILE D 72 19.88 -14.98 -34.76
N SER D 73 19.42 -13.82 -35.22
CA SER D 73 20.05 -12.55 -34.92
C SER D 73 19.44 -12.02 -33.65
N VAL D 74 20.14 -11.11 -32.97
CA VAL D 74 19.67 -10.55 -31.70
C VAL D 74 19.79 -9.07 -31.65
N SER D 75 18.86 -8.48 -30.90
CA SER D 75 19.05 -7.18 -30.30
C SER D 75 19.24 -7.41 -28.79
N MET D 76 19.81 -6.42 -28.12
CA MET D 76 20.08 -6.51 -26.70
C MET D 76 19.74 -5.16 -26.00
N VAL D 77 18.83 -5.23 -25.04
CA VAL D 77 18.33 -4.05 -24.35
C VAL D 77 19.31 -3.48 -23.33
N ASN D 78 19.25 -2.17 -23.15
CA ASN D 78 19.99 -1.46 -22.12
C ASN D 78 19.72 -2.02 -20.72
N ALA D 79 20.64 -1.78 -19.79
CA ALA D 79 20.55 -2.38 -18.46
C ALA D 79 19.63 -1.57 -17.54
N TYR D 80 19.46 -0.29 -17.84
CA TYR D 80 18.63 0.57 -16.99
C TYR D 80 17.14 0.48 -17.31
N MET D 81 16.40 -0.33 -16.57
CA MET D 81 15.00 -0.49 -16.84
C MET D 81 14.24 0.56 -16.10
N GLY D 82 14.06 1.73 -16.72
CA GLY D 82 13.47 2.90 -16.08
C GLY D 82 12.01 3.15 -16.35
N GLU D 83 11.65 4.41 -16.56
CA GLU D 83 10.25 4.79 -16.71
C GLU D 83 9.62 4.40 -18.05
N ASN D 84 10.43 3.87 -18.95
CA ASN D 84 9.92 3.47 -20.24
C ASN D 84 10.04 1.99 -20.41
N GLY D 85 10.42 1.33 -19.35
CA GLY D 85 10.57 -0.11 -19.39
C GLY D 85 11.90 -0.41 -20.04
N TRP D 86 12.06 -1.64 -20.49
CA TRP D 86 13.33 -1.99 -21.08
C TRP D 86 13.58 -1.11 -22.30
N THR D 87 14.85 -0.89 -22.64
CA THR D 87 15.21 0.11 -23.66
C THR D 87 16.34 -0.29 -24.62
N PHE D 88 16.45 0.42 -25.75
CA PHE D 88 17.49 0.16 -26.76
C PHE D 88 18.28 1.43 -26.95
N LEU D 89 18.22 2.29 -25.94
CA LEU D 89 18.94 3.55 -25.97
C LEU D 89 20.41 3.24 -25.68
N PRO D 90 21.30 3.99 -26.34
CA PRO D 90 22.75 3.87 -26.27
C PRO D 90 23.24 3.45 -24.88
N GLY D 91 23.94 2.31 -24.78
CA GLY D 91 24.51 1.90 -23.52
C GLY D 91 25.38 0.67 -23.57
N ASP D 92 26.13 0.44 -22.50
CA ASP D 92 26.97 -0.75 -22.36
C ASP D 92 26.24 -2.04 -22.74
N ASP D 93 26.73 -2.74 -23.77
CA ASP D 93 26.25 -4.08 -24.14
C ASP D 93 24.92 -4.06 -24.87
N VAL D 94 24.54 -2.88 -25.32
CA VAL D 94 23.26 -2.67 -26.00
C VAL D 94 23.40 -2.93 -27.48
N VAL D 95 22.39 -3.57 -28.05
CA VAL D 95 22.43 -3.93 -29.43
C VAL D 95 21.10 -3.54 -30.00
N PRO D 96 21.09 -2.38 -30.66
CA PRO D 96 19.95 -1.67 -31.24
C PRO D 96 18.89 -2.55 -31.93
N ASP D 97 17.72 -1.98 -32.12
CA ASP D 97 16.66 -2.76 -32.72
C ASP D 97 16.73 -2.73 -34.22
N SER D 98 17.50 -3.64 -34.82
CA SER D 98 17.37 -3.92 -36.25
C SER D 98 15.90 -4.22 -36.44
N ILE D 99 15.49 -4.70 -37.59
CA ILE D 99 14.09 -5.10 -37.77
C ILE D 99 13.00 -4.01 -37.52
N ASN D 100 12.91 -3.43 -36.32
CA ASN D 100 11.89 -2.41 -36.02
C ASN D 100 12.44 -1.00 -35.78
N GLY D 101 13.55 -0.90 -35.05
CA GLY D 101 14.21 0.37 -34.90
C GLY D 101 13.59 1.03 -33.72
N ALA D 102 13.00 0.19 -32.88
CA ALA D 102 12.39 0.62 -31.61
C ALA D 102 13.37 1.25 -30.65
N ASP D 103 12.91 2.30 -29.95
CA ASP D 103 13.57 2.86 -28.77
C ASP D 103 13.21 2.13 -27.48
N TYR D 104 12.01 1.58 -27.43
CA TYR D 104 11.54 0.98 -26.21
C TYR D 104 11.04 -0.38 -26.49
N LEU D 105 11.34 -1.32 -25.61
CA LEU D 105 10.87 -2.67 -25.83
C LEU D 105 9.40 -2.66 -26.15
N TYR D 106 8.65 -1.76 -25.58
CA TYR D 106 7.20 -1.93 -25.72
C TYR D 106 6.72 -1.62 -27.12
N GLN D 107 7.55 -0.89 -27.89
CA GLN D 107 7.28 -0.58 -29.29
C GLN D 107 7.41 -1.85 -30.13
N VAL D 108 8.14 -2.84 -29.64
CA VAL D 108 8.19 -4.14 -30.31
C VAL D 108 6.89 -4.89 -30.17
N TYR D 109 6.14 -4.69 -29.09
CA TYR D 109 4.82 -5.32 -28.89
C TYR D 109 3.78 -4.54 -29.67
N THR D 110 3.88 -3.23 -29.52
CA THR D 110 3.02 -2.25 -30.15
C THR D 110 3.06 -2.36 -31.68
N ALA D 111 4.22 -2.59 -32.27
CA ALA D 111 4.35 -2.60 -33.73
C ALA D 111 3.60 -3.75 -34.40
N ALA D 112 3.40 -4.84 -33.64
CA ALA D 112 2.67 -6.01 -34.13
C ALA D 112 1.17 -5.96 -33.79
N ASP D 113 0.80 -5.11 -32.84
CA ASP D 113 -0.56 -5.10 -32.31
C ASP D 113 -0.84 -3.81 -31.61
N PRO D 114 -1.31 -2.81 -32.36
CA PRO D 114 -1.20 -1.46 -31.82
C PRO D 114 -1.99 -1.22 -30.54
N THR D 115 -2.88 -2.14 -30.12
CA THR D 115 -3.65 -2.01 -28.88
C THR D 115 -3.40 -3.19 -27.96
N TYR D 116 -2.15 -3.62 -27.89
CA TYR D 116 -1.76 -4.70 -27.02
C TYR D 116 -2.06 -4.29 -25.60
N THR D 117 -2.40 -5.26 -24.75
CA THR D 117 -2.54 -5.03 -23.31
C THR D 117 -1.92 -6.20 -22.56
N GLY D 118 -0.83 -5.92 -21.85
CA GLY D 118 -0.14 -6.97 -21.11
C GLY D 118 1.25 -6.50 -20.68
N ARG D 119 2.06 -7.43 -20.17
CA ARG D 119 3.40 -7.03 -19.79
C ARG D 119 4.33 -6.88 -20.99
N VAL D 120 5.46 -6.27 -20.78
CA VAL D 120 6.36 -6.02 -21.86
C VAL D 120 7.68 -6.63 -21.44
N THR D 121 7.77 -7.96 -21.60
CA THR D 121 8.86 -8.78 -21.07
C THR D 121 9.92 -9.16 -22.12
N ILE D 122 11.08 -9.68 -21.65
CA ILE D 122 11.97 -10.49 -22.48
C ILE D 122 12.15 -11.86 -21.84
N PRO D 123 12.71 -12.83 -22.59
CA PRO D 123 13.14 -12.72 -23.99
C PRO D 123 11.92 -12.76 -24.93
N ILE D 124 12.10 -12.36 -26.20
CA ILE D 124 11.05 -12.53 -27.22
C ILE D 124 11.59 -13.24 -28.45
N LEU D 125 10.85 -14.23 -28.96
CA LEU D 125 11.21 -14.93 -30.20
C LEU D 125 10.40 -14.33 -31.34
N TRP D 126 11.05 -13.62 -32.25
CA TRP D 126 10.28 -12.87 -33.23
C TRP D 126 10.42 -13.31 -34.68
N ASP D 127 9.29 -13.72 -35.27
CA ASP D 127 9.18 -14.11 -36.69
C ASP D 127 9.30 -12.92 -37.65
N LYS D 128 10.47 -12.73 -38.26
CA LYS D 128 10.66 -11.58 -39.11
C LYS D 128 9.76 -11.65 -40.33
N VAL D 129 9.38 -12.88 -40.69
CA VAL D 129 8.53 -13.16 -41.86
C VAL D 129 7.05 -12.71 -41.68
N GLU D 130 6.35 -13.36 -40.74
CA GLU D 130 4.98 -13.01 -40.38
C GLU D 130 4.86 -11.67 -39.62
N LYS D 131 6.00 -10.99 -39.42
CA LYS D 131 6.16 -9.71 -38.70
C LYS D 131 5.47 -9.61 -37.32
N ARG D 132 5.72 -10.59 -36.48
CA ARG D 132 4.93 -10.86 -35.26
C ARG D 132 5.75 -11.66 -34.22
N ILE D 133 5.19 -11.86 -33.03
CA ILE D 133 5.93 -12.56 -32.02
C ILE D 133 5.50 -14.01 -31.95
N LEU D 134 6.44 -14.93 -32.09
CA LEU D 134 6.05 -16.34 -32.15
C LEU D 134 5.70 -16.75 -30.76
N ASN D 135 6.61 -16.42 -29.83
CA ASN D 135 6.57 -16.90 -28.45
C ASN D 135 7.59 -16.13 -27.62
N ASN D 136 7.16 -15.66 -26.44
CA ASN D 136 7.95 -14.83 -25.52
C ASN D 136 7.97 -15.38 -24.10
N GLU D 137 7.65 -16.67 -23.99
CA GLU D 137 7.76 -17.39 -22.73
C GLU D 137 9.07 -18.18 -22.73
N SER D 138 10.04 -17.70 -21.95
CA SER D 138 11.40 -18.26 -21.94
C SER D 138 11.51 -19.79 -21.85
N SER D 139 10.59 -20.45 -21.16
CA SER D 139 10.77 -21.88 -20.86
C SER D 139 10.39 -22.67 -22.05
N GLU D 140 9.73 -21.97 -22.99
CA GLU D 140 9.21 -22.55 -24.22
C GLU D 140 10.14 -22.27 -25.35
N ILE D 141 10.59 -21.05 -25.46
CA ILE D 141 11.67 -20.77 -26.39
C ILE D 141 12.80 -21.77 -26.17
N ILE D 142 13.09 -22.03 -24.91
CA ILE D 142 14.14 -22.95 -24.51
C ILE D 142 14.01 -24.36 -25.16
N ARG D 143 12.77 -24.84 -25.39
CA ARG D 143 12.54 -26.15 -26.03
C ARG D 143 12.70 -26.07 -27.54
N ILE D 144 11.96 -25.14 -28.13
CA ILE D 144 12.07 -24.84 -29.54
C ILE D 144 13.49 -24.86 -30.10
N LEU D 145 14.46 -24.27 -29.40
CA LEU D 145 15.82 -24.14 -29.95
C LEU D 145 16.65 -25.42 -29.93
N ASN D 146 16.34 -26.35 -29.04
CA ASN D 146 17.17 -27.56 -28.89
C ASN D 146 16.75 -28.65 -29.89
N SER D 147 15.54 -28.49 -30.44
CA SER D 147 14.91 -29.45 -31.37
C SER D 147 14.61 -28.86 -32.76
N ALA D 148 13.54 -28.10 -32.87
CA ALA D 148 13.10 -27.56 -34.15
C ALA D 148 14.20 -26.99 -35.03
N PHE D 149 15.35 -26.68 -34.49
CA PHE D 149 16.33 -26.11 -35.37
C PHE D 149 17.34 -27.14 -35.88
N ASP D 150 17.08 -28.41 -35.62
CA ASP D 150 18.08 -29.42 -35.94
C ASP D 150 18.38 -29.51 -37.45
N ASP D 151 17.49 -30.18 -38.18
CA ASP D 151 17.76 -30.54 -39.58
C ASP D 151 17.93 -29.34 -40.51
N VAL D 152 18.37 -28.22 -39.97
CA VAL D 152 18.59 -27.01 -40.74
C VAL D 152 19.92 -26.40 -40.34
N GLY D 153 20.75 -27.19 -39.67
CA GLY D 153 22.08 -26.73 -39.33
C GLY D 153 22.41 -26.64 -37.86
N ALA D 154 21.46 -27.03 -37.01
CA ALA D 154 21.69 -27.04 -35.57
C ALA D 154 22.77 -28.04 -35.14
N LEU D 155 23.77 -27.54 -34.42
CA LEU D 155 24.75 -28.40 -33.78
C LEU D 155 24.05 -29.49 -33.01
N PRO D 156 24.73 -30.63 -32.77
CA PRO D 156 24.16 -31.68 -31.92
C PRO D 156 23.66 -31.11 -30.61
N GLY D 157 23.00 -31.95 -29.82
CA GLY D 157 22.53 -31.52 -28.52
C GLY D 157 21.03 -31.60 -28.41
N ASP D 158 20.57 -32.60 -27.66
CA ASP D 158 19.19 -32.67 -27.22
C ASP D 158 19.26 -32.53 -25.72
N TYR D 159 18.66 -31.46 -25.24
CA TYR D 159 18.73 -31.13 -23.83
C TYR D 159 17.45 -31.49 -23.08
N TYR D 160 16.55 -32.22 -23.74
CA TYR D 160 15.30 -32.66 -23.11
C TYR D 160 14.89 -34.10 -23.53
N PRO D 161 15.79 -35.08 -23.35
CA PRO D 161 15.58 -36.51 -23.63
C PRO D 161 14.46 -37.12 -22.82
N ALA D 162 13.57 -37.92 -23.41
CA ALA D 162 12.34 -38.34 -22.71
C ALA D 162 12.58 -39.57 -21.86
N GLU D 163 13.83 -40.05 -21.92
CA GLU D 163 14.30 -41.05 -20.98
C GLU D 163 14.52 -40.38 -19.60
N PHE D 164 14.30 -39.05 -19.55
CA PHE D 164 14.61 -38.20 -18.39
C PHE D 164 13.55 -37.16 -18.04
N ARG D 165 12.72 -36.82 -19.02
CA ARG D 165 11.74 -35.76 -18.87
C ARG D 165 10.90 -35.80 -17.58
N PRO D 166 10.53 -37.00 -17.11
CA PRO D 166 9.75 -37.03 -15.87
C PRO D 166 10.52 -36.37 -14.71
N GLU D 167 11.83 -36.64 -14.59
CA GLU D 167 12.64 -36.00 -13.58
C GLU D 167 12.90 -34.53 -13.94
N ILE D 168 13.58 -34.23 -15.04
CA ILE D 168 13.82 -32.83 -15.41
C ILE D 168 12.59 -31.94 -15.13
N ASP D 169 11.42 -32.46 -15.46
CA ASP D 169 10.17 -31.78 -15.20
C ASP D 169 9.95 -31.43 -13.71
N ARG D 170 10.28 -32.37 -12.82
CA ARG D 170 10.04 -32.21 -11.37
C ARG D 170 11.08 -31.35 -10.71
N ILE D 171 12.30 -31.37 -11.23
CA ILE D 171 13.35 -30.49 -10.75
C ILE D 171 13.08 -29.09 -11.23
N ASN D 172 12.73 -28.97 -12.49
CA ASN D 172 12.37 -27.66 -12.99
C ASN D 172 11.19 -27.05 -12.21
N ALA D 173 10.29 -27.87 -11.73
CA ALA D 173 9.19 -27.36 -10.92
C ALA D 173 9.80 -26.58 -9.76
N ARG D 174 10.18 -27.34 -8.72
CA ARG D 174 10.85 -26.79 -7.55
C ARG D 174 11.91 -25.74 -7.91
N VAL D 175 12.86 -26.07 -8.75
CA VAL D 175 13.91 -25.10 -8.97
C VAL D 175 13.41 -23.79 -9.56
N TYR D 176 12.16 -23.75 -9.99
CA TYR D 176 11.58 -22.54 -10.56
C TYR D 176 10.82 -21.79 -9.49
N GLU D 177 9.87 -22.50 -8.89
CA GLU D 177 9.04 -21.95 -7.84
C GLU D 177 9.88 -21.36 -6.70
N THR D 178 10.84 -22.13 -6.18
CA THR D 178 11.52 -21.70 -4.98
C THR D 178 12.79 -20.92 -5.24
N LEU D 179 13.21 -20.83 -6.51
CA LEU D 179 14.55 -20.26 -6.73
C LEU D 179 14.67 -19.28 -7.90
N ASN D 180 14.44 -19.72 -9.15
CA ASN D 180 14.45 -18.80 -10.30
C ASN D 180 13.56 -17.63 -9.93
N ASN D 181 12.43 -17.99 -9.33
CA ASN D 181 11.46 -17.03 -8.88
C ASN D 181 11.47 -16.76 -7.37
N GLY D 182 12.03 -17.68 -6.58
CA GLY D 182 12.19 -17.46 -5.15
C GLY D 182 12.98 -16.21 -4.80
N VAL D 183 14.01 -15.89 -5.57
CA VAL D 183 14.80 -14.72 -5.27
C VAL D 183 13.99 -13.45 -5.39
N TYR D 184 13.06 -13.43 -6.33
CA TYR D 184 12.19 -12.28 -6.50
C TYR D 184 11.05 -12.26 -5.44
N ARG D 185 10.33 -13.36 -5.23
CA ARG D 185 9.39 -13.35 -4.12
C ARG D 185 10.14 -12.73 -2.89
N SER D 186 11.34 -13.22 -2.58
CA SER D 186 12.17 -12.65 -1.50
C SER D 186 12.49 -11.16 -1.64
N GLY D 187 13.34 -10.81 -2.58
CA GLY D 187 13.76 -9.44 -2.69
C GLY D 187 12.66 -8.38 -2.72
N PHE D 188 11.52 -8.70 -3.32
CA PHE D 188 10.48 -7.72 -3.50
C PHE D 188 9.38 -7.78 -2.48
N ALA D 189 9.40 -8.81 -1.64
CA ALA D 189 8.45 -8.93 -0.53
C ALA D 189 8.46 -7.62 0.26
N THR D 190 7.37 -7.33 0.97
CA THR D 190 7.29 -6.05 1.70
C THR D 190 6.95 -6.24 3.15
N THR D 191 6.99 -7.47 3.62
CA THR D 191 6.82 -7.72 5.04
C THR D 191 7.76 -8.80 5.53
N GLN D 192 8.30 -8.63 6.73
CA GLN D 192 9.24 -9.63 7.16
C GLN D 192 8.63 -10.99 6.92
N GLU D 193 7.42 -11.20 7.46
CA GLU D 193 6.77 -12.48 7.34
C GLU D 193 6.80 -13.07 5.90
N ALA D 194 6.59 -12.20 4.91
CA ALA D 194 6.58 -12.63 3.53
C ALA D 194 7.99 -12.97 3.06
N TYR D 195 8.91 -12.06 3.34
CA TYR D 195 10.29 -12.25 2.91
C TYR D 195 10.80 -13.54 3.52
N GLU D 196 10.47 -13.79 4.76
CA GLU D 196 10.93 -15.02 5.36
C GLU D 196 10.33 -16.23 4.67
N GLU D 197 9.02 -16.22 4.49
CA GLU D 197 8.33 -17.31 3.78
C GLU D 197 8.88 -17.66 2.36
N ALA D 198 9.65 -16.77 1.74
CA ALA D 198 10.38 -17.13 0.52
C ALA D 198 11.89 -17.45 0.71
N PHE D 199 12.67 -16.58 1.39
CA PHE D 199 14.12 -16.80 1.63
C PHE D 199 14.34 -18.18 2.24
N TYR D 200 13.46 -18.59 3.14
CA TYR D 200 13.69 -19.88 3.80
C TYR D 200 13.54 -21.09 2.87
N PRO D 201 12.39 -21.21 2.20
CA PRO D 201 12.27 -22.35 1.27
C PRO D 201 13.33 -22.35 0.15
N LEU D 202 13.76 -21.17 -0.27
CA LEU D 202 14.71 -21.09 -1.35
C LEU D 202 16.02 -21.70 -0.91
N PHE D 203 16.41 -21.48 0.33
CA PHE D 203 17.62 -22.16 0.80
C PHE D 203 17.38 -23.66 1.02
N ASP D 204 16.21 -24.04 1.53
CA ASP D 204 15.86 -25.46 1.60
C ASP D 204 16.15 -26.21 0.29
N THR D 205 15.71 -25.58 -0.80
CA THR D 205 15.97 -26.01 -2.19
C THR D 205 17.45 -26.04 -2.55
N LEU D 206 18.21 -24.96 -2.29
CA LEU D 206 19.67 -25.02 -2.48
C LEU D 206 20.31 -26.16 -1.68
N ASP D 207 19.83 -26.43 -0.47
CA ASP D 207 20.27 -27.60 0.28
C ASP D 207 20.03 -28.83 -0.54
N TRP D 208 18.77 -29.06 -0.86
CA TRP D 208 18.41 -30.25 -1.61
C TRP D 208 19.21 -30.46 -2.89
N LEU D 209 19.54 -29.38 -3.59
CA LEU D 209 20.33 -29.50 -4.79
C LEU D 209 21.72 -29.91 -4.44
N GLU D 210 22.30 -29.24 -3.47
CA GLU D 210 23.65 -29.57 -3.09
C GLU D 210 23.83 -31.05 -2.76
N GLU D 211 22.82 -31.69 -2.16
CA GLU D 211 22.92 -33.12 -1.84
C GLU D 211 22.70 -33.95 -3.09
N HIS D 212 21.99 -33.36 -4.04
CA HIS D 212 21.61 -34.06 -5.26
C HIS D 212 22.75 -34.08 -6.23
N LEU D 213 23.38 -32.92 -6.35
CA LEU D 213 24.57 -32.62 -7.15
C LEU D 213 25.87 -33.24 -6.57
N THR D 214 25.63 -34.09 -5.56
CA THR D 214 26.65 -34.79 -4.77
C THR D 214 27.66 -35.67 -5.58
N GLY D 215 27.34 -36.96 -5.78
CA GLY D 215 28.13 -37.76 -6.70
C GLY D 215 27.75 -37.63 -8.19
N ARG D 216 27.61 -36.39 -8.66
CA ARG D 216 27.18 -36.10 -10.02
C ARG D 216 27.94 -34.90 -10.54
N GLU D 217 28.08 -34.79 -11.85
CA GLU D 217 28.83 -33.69 -12.47
C GLU D 217 27.80 -32.77 -13.11
N TRP D 218 26.69 -33.36 -13.51
CA TRP D 218 25.53 -32.64 -14.00
C TRP D 218 24.31 -32.99 -13.19
N LEU D 219 23.19 -32.38 -13.53
CA LEU D 219 22.01 -32.42 -12.69
C LEU D 219 21.14 -33.60 -13.03
N VAL D 220 20.80 -33.75 -14.30
CA VAL D 220 20.07 -34.95 -14.69
C VAL D 220 20.81 -35.82 -15.72
N GLY D 221 20.59 -37.14 -15.60
CA GLY D 221 21.22 -38.13 -16.44
C GLY D 221 22.67 -38.19 -16.10
N ASP D 222 23.51 -37.73 -17.01
CA ASP D 222 24.86 -37.50 -16.62
C ASP D 222 25.23 -36.38 -17.52
N ARG D 223 24.22 -35.78 -18.13
CA ARG D 223 24.54 -34.72 -19.05
C ARG D 223 24.02 -33.33 -18.74
N LEU D 224 24.46 -32.39 -19.55
CA LEU D 224 23.95 -31.02 -19.54
C LEU D 224 22.54 -31.05 -20.07
N THR D 225 21.62 -31.55 -19.27
CA THR D 225 20.22 -31.43 -19.58
C THR D 225 19.88 -29.91 -19.44
N GLU D 226 18.66 -29.51 -19.80
CA GLU D 226 18.22 -28.10 -19.63
C GLU D 226 18.01 -27.69 -18.18
N ALA D 227 17.71 -28.66 -17.32
CA ALA D 227 17.55 -28.37 -15.91
C ALA D 227 18.74 -27.57 -15.39
N ASP D 228 19.93 -27.93 -15.86
CA ASP D 228 21.13 -27.16 -15.53
C ASP D 228 21.08 -25.74 -16.11
N ILE D 229 20.44 -25.58 -17.26
CA ILE D 229 20.49 -24.32 -17.97
C ILE D 229 19.46 -23.37 -17.36
N ARG D 230 18.41 -23.94 -16.81
CA ARG D 230 17.38 -23.16 -16.14
C ARG D 230 17.93 -22.59 -14.83
N LEU D 231 18.50 -23.48 -14.02
CA LEU D 231 19.08 -23.13 -12.74
C LEU D 231 20.38 -22.34 -12.86
N PHE D 232 21.07 -22.42 -13.99
CA PHE D 232 22.30 -21.65 -14.08
C PHE D 232 22.14 -20.11 -14.05
N PRO D 233 21.19 -19.56 -14.80
CA PRO D 233 21.21 -18.08 -14.81
C PRO D 233 20.86 -17.42 -13.45
N THR D 234 20.31 -18.17 -12.51
CA THR D 234 20.04 -17.60 -11.19
C THR D 234 21.32 -17.65 -10.35
N LEU D 235 21.88 -18.84 -10.19
CA LEU D 235 23.09 -19.02 -9.42
C LEU D 235 24.17 -18.01 -9.80
N VAL D 236 24.36 -17.80 -11.08
CA VAL D 236 25.48 -17.01 -11.54
C VAL D 236 25.30 -15.57 -11.11
N ARG D 237 24.11 -15.31 -10.58
CA ARG D 237 23.82 -13.94 -10.22
C ARG D 237 23.82 -13.78 -8.69
N PHE D 238 23.58 -14.89 -7.98
CA PHE D 238 23.45 -14.91 -6.52
C PHE D 238 24.49 -14.10 -5.72
N ASP D 239 25.69 -14.63 -5.60
CA ASP D 239 26.63 -13.93 -4.76
C ASP D 239 26.90 -12.51 -5.24
N ALA D 240 26.49 -12.13 -6.43
CA ALA D 240 26.83 -10.77 -6.81
C ALA D 240 25.64 -9.80 -6.84
N ILE D 241 24.42 -10.34 -6.74
CA ILE D 241 23.21 -9.53 -6.79
C ILE D 241 22.16 -10.05 -5.84
N TYR D 242 21.67 -11.26 -6.07
CA TYR D 242 20.60 -11.77 -5.20
C TYR D 242 20.90 -11.77 -3.72
N HIS D 243 22.09 -12.25 -3.36
CA HIS D 243 22.46 -12.43 -1.97
C HIS D 243 22.60 -11.08 -1.27
N GLY D 244 22.97 -10.04 -2.03
CA GLY D 244 22.96 -8.69 -1.49
C GLY D 244 21.60 -8.01 -1.60
N HIS D 245 21.43 -7.24 -2.67
CA HIS D 245 20.18 -6.59 -3.10
C HIS D 245 18.86 -7.29 -2.69
N PHE D 246 18.63 -8.52 -3.14
CA PHE D 246 17.41 -9.20 -2.74
C PHE D 246 17.56 -9.97 -1.42
N LYS D 247 18.51 -9.59 -0.55
CA LYS D 247 18.56 -10.11 0.83
C LYS D 247 18.54 -11.65 0.91
N CYS D 248 19.20 -12.32 -0.02
CA CYS D 248 19.21 -13.77 0.01
C CYS D 248 20.53 -14.30 0.59
N ASN D 249 20.75 -14.11 1.89
CA ASN D 249 22.09 -14.23 2.47
C ASN D 249 22.29 -15.21 3.61
N LEU D 250 21.32 -16.09 3.85
CA LEU D 250 21.53 -17.20 4.78
C LEU D 250 22.94 -17.77 4.58
N ARG D 251 23.38 -17.83 3.34
CA ARG D 251 24.77 -18.09 2.99
C ARG D 251 24.91 -17.87 1.50
N ARG D 252 26.13 -17.99 1.00
CA ARG D 252 26.44 -17.68 -0.39
C ARG D 252 26.52 -18.94 -1.24
N ILE D 253 26.61 -18.78 -2.56
CA ILE D 253 26.75 -19.97 -3.36
C ILE D 253 28.16 -20.52 -3.21
N ALA D 254 29.10 -19.63 -2.90
CA ALA D 254 30.45 -20.06 -2.69
C ALA D 254 30.58 -21.01 -1.50
N ASP D 255 29.53 -21.10 -0.67
CA ASP D 255 29.59 -21.92 0.55
C ASP D 255 28.94 -23.22 0.27
N TYR D 256 28.47 -23.34 -0.94
CA TYR D 256 27.92 -24.59 -1.42
C TYR D 256 28.94 -25.11 -2.45
N PRO D 257 29.63 -26.21 -2.11
CA PRO D 257 30.76 -26.77 -2.86
C PRO D 257 30.30 -27.47 -4.13
N ASN D 258 29.54 -28.56 -4.02
CA ASN D 258 28.91 -29.21 -5.18
C ASN D 258 28.19 -28.22 -6.08
N LEU D 259 27.34 -27.37 -5.52
CA LEU D 259 26.74 -26.28 -6.28
C LEU D 259 27.74 -25.29 -6.88
N SER D 260 28.82 -24.98 -6.18
CA SER D 260 29.73 -23.95 -6.68
C SER D 260 30.56 -24.50 -7.84
N ARG D 261 30.73 -25.83 -7.79
CA ARG D 261 31.37 -26.66 -8.82
C ARG D 261 30.62 -26.58 -10.16
N LEU D 262 29.38 -27.04 -10.18
CA LEU D 262 28.53 -26.84 -11.36
C LEU D 262 28.60 -25.41 -11.87
N VAL D 263 28.43 -24.41 -11.01
CA VAL D 263 28.54 -23.07 -11.54
C VAL D 263 29.83 -22.85 -12.36
N GLY D 264 30.98 -23.20 -11.80
CA GLY D 264 32.26 -23.03 -12.50
C GLY D 264 32.45 -23.82 -13.80
N LYS D 265 31.86 -25.01 -13.87
CA LYS D 265 31.77 -25.78 -15.09
C LYS D 265 31.21 -24.92 -16.22
N LEU D 266 29.88 -24.74 -16.22
CA LEU D 266 29.18 -23.90 -17.18
C LEU D 266 29.71 -22.50 -17.37
N ALA D 267 30.35 -21.97 -16.35
CA ALA D 267 30.78 -20.59 -16.44
C ALA D 267 31.97 -20.52 -17.37
N SER D 268 32.80 -21.55 -17.30
CA SER D 268 34.07 -21.54 -18.02
C SER D 268 33.84 -22.04 -19.44
N HIS D 269 32.95 -23.02 -19.56
CA HIS D 269 32.50 -23.54 -20.86
C HIS D 269 32.45 -22.41 -21.90
N GLU D 270 33.47 -22.31 -22.74
CA GLU D 270 33.40 -21.45 -23.93
C GLU D 270 32.06 -21.81 -24.52
N ARG D 271 31.40 -20.84 -25.13
CA ARG D 271 30.00 -20.98 -25.59
C ARG D 271 29.05 -20.27 -24.65
N VAL D 272 28.99 -20.72 -23.39
CA VAL D 272 28.33 -20.00 -22.30
C VAL D 272 29.08 -18.74 -21.82
N ALA D 273 30.38 -18.88 -21.61
CA ALA D 273 31.18 -17.79 -21.04
C ALA D 273 30.92 -16.40 -21.61
N PRO D 274 30.59 -16.30 -22.90
CA PRO D 274 30.38 -14.92 -23.35
C PRO D 274 28.89 -14.52 -23.30
N THR D 275 28.01 -15.42 -22.87
CA THR D 275 26.64 -15.00 -22.56
C THR D 275 26.49 -14.45 -21.13
N ILE D 276 27.57 -14.52 -20.35
CA ILE D 276 27.60 -13.99 -18.99
C ILE D 276 28.27 -12.64 -18.92
N ASN D 277 27.53 -11.68 -18.41
CA ASN D 277 28.12 -10.38 -18.16
C ASN D 277 27.57 -9.79 -16.86
N LEU D 278 28.22 -10.13 -15.75
CA LEU D 278 27.73 -9.77 -14.42
C LEU D 278 27.81 -8.28 -14.11
N ARG D 279 28.75 -7.57 -14.75
CA ARG D 279 28.91 -6.16 -14.47
C ARG D 279 27.61 -5.49 -14.82
N HIS D 280 27.05 -5.92 -15.94
CA HIS D 280 25.83 -5.37 -16.52
C HIS D 280 24.65 -5.80 -15.64
N ALA D 281 24.48 -7.09 -15.39
CA ALA D 281 23.43 -7.52 -14.49
C ALA D 281 23.42 -6.67 -13.21
N LYS D 282 24.58 -6.50 -12.59
CA LYS D 282 24.65 -5.69 -11.39
C LYS D 282 24.17 -4.26 -11.63
N ALA D 283 24.59 -3.64 -12.73
CA ALA D 283 24.11 -2.29 -13.05
C ALA D 283 22.59 -2.21 -13.22
N HIS D 284 22.00 -3.31 -13.66
CA HIS D 284 20.58 -3.30 -13.90
C HIS D 284 19.87 -3.34 -12.59
N TYR D 285 20.12 -4.42 -11.86
CA TYR D 285 19.46 -4.67 -10.59
C TYR D 285 19.54 -3.54 -9.57
N TYR D 286 20.74 -3.26 -9.08
CA TYR D 286 20.94 -2.14 -8.20
C TYR D 286 20.47 -0.83 -8.82
N GLY D 287 20.54 -0.71 -10.13
CA GLY D 287 20.25 0.58 -10.74
C GLY D 287 18.78 0.87 -11.02
N SER D 288 17.94 -0.15 -11.04
CA SER D 288 16.59 -0.03 -11.61
C SER D 288 15.43 -0.44 -10.68
N HIS D 289 15.71 -0.82 -9.44
CA HIS D 289 14.66 -1.16 -8.49
C HIS D 289 14.69 -0.16 -7.39
N PRO D 290 14.14 1.02 -7.61
CA PRO D 290 14.26 2.03 -6.56
C PRO D 290 13.36 1.66 -5.37
N SER D 291 12.36 0.80 -5.58
CA SER D 291 11.59 0.27 -4.46
C SER D 291 12.49 -0.32 -3.37
N VAL D 292 13.60 -0.88 -3.82
CA VAL D 292 14.49 -1.70 -3.04
C VAL D 292 15.86 -1.02 -2.76
N ASN D 293 16.40 -0.25 -3.70
CA ASN D 293 17.73 0.37 -3.55
C ASN D 293 17.74 1.82 -4.03
N PRO D 294 16.89 2.65 -3.43
CA PRO D 294 16.50 3.96 -3.95
C PRO D 294 17.64 4.85 -4.42
N THR D 295 18.81 4.72 -3.83
CA THR D 295 19.95 5.55 -4.23
C THR D 295 20.44 5.10 -5.63
N GLY D 296 20.26 3.81 -5.88
CA GLY D 296 20.67 3.20 -7.13
C GLY D 296 22.17 3.14 -7.25
N ILE D 297 22.87 3.25 -6.14
CA ILE D 297 24.30 2.99 -6.11
C ILE D 297 24.56 1.47 -6.27
N VAL D 298 25.63 1.16 -7.00
CA VAL D 298 25.94 -0.23 -7.31
C VAL D 298 27.13 -0.62 -6.54
N PRO D 299 26.98 -1.66 -5.69
CA PRO D 299 28.03 -2.07 -4.77
C PRO D 299 29.24 -2.31 -5.61
N VAL D 300 30.37 -1.78 -5.16
CA VAL D 300 31.66 -2.02 -5.77
C VAL D 300 31.83 -3.53 -5.74
N GLY D 301 30.88 -4.20 -5.09
CA GLY D 301 30.46 -5.55 -5.44
C GLY D 301 31.49 -6.55 -5.08
N PRO D 302 31.09 -7.82 -4.86
CA PRO D 302 32.04 -8.85 -4.42
C PRO D 302 33.13 -8.99 -5.46
N ALA D 303 34.36 -8.62 -5.16
CA ALA D 303 35.45 -8.82 -6.11
C ALA D 303 35.53 -10.31 -6.29
N GLN D 304 35.68 -10.77 -7.53
CA GLN D 304 35.62 -12.20 -7.82
C GLN D 304 34.46 -12.91 -7.09
N PRO D 305 33.26 -12.88 -7.71
CA PRO D 305 31.99 -13.46 -7.24
C PRO D 305 31.82 -14.89 -7.67
N LEU D 306 32.78 -15.39 -8.44
CA LEU D 306 32.79 -16.79 -8.85
C LEU D 306 34.13 -17.36 -8.46
N PRO D 307 34.13 -18.52 -7.77
CA PRO D 307 35.39 -19.30 -7.78
C PRO D 307 35.57 -19.90 -9.20
N GLY D 308 36.39 -19.25 -10.03
CA GLY D 308 36.48 -19.53 -11.46
C GLY D 308 36.31 -20.99 -11.90
N LEU D 309 37.43 -21.70 -12.01
CA LEU D 309 37.49 -23.13 -12.38
C LEU D 309 38.93 -23.72 -12.30
N THR D 310 39.48 -23.87 -11.08
CA THR D 310 40.70 -24.66 -10.87
C THR D 310 40.29 -26.12 -10.57
N LEU D 311 39.01 -26.40 -10.83
CA LEU D 311 38.42 -27.75 -10.87
C LEU D 311 38.80 -28.39 -12.23
N GLN D 312 39.82 -29.26 -12.22
CA GLN D 312 40.42 -29.82 -13.44
C GLN D 312 39.63 -30.97 -14.08
N SER D 313 39.76 -32.16 -13.48
CA SER D 313 39.10 -33.36 -13.99
C SER D 313 37.93 -33.77 -13.09
N GLY E 2 18.55 25.29 -0.55
CA GLY E 2 19.44 24.56 -1.44
C GLY E 2 20.82 24.23 -0.88
N LEU E 3 21.23 22.96 -1.03
CA LEU E 3 22.50 22.47 -0.54
C LEU E 3 23.14 21.66 -1.60
N LEU E 4 24.43 21.46 -1.47
CA LEU E 4 25.06 20.40 -2.22
C LEU E 4 25.13 19.21 -1.29
N ILE E 5 24.66 18.05 -1.74
CA ILE E 5 25.04 16.82 -1.05
C ILE E 5 25.77 15.88 -1.98
N ASP E 6 27.04 15.66 -1.66
CA ASP E 6 27.89 14.70 -2.35
C ASP E 6 28.13 15.10 -3.79
N GLY E 7 27.55 16.20 -4.23
CA GLY E 7 27.16 16.21 -5.61
C GLY E 7 27.10 17.46 -6.41
N VAL E 8 25.94 17.78 -6.96
CA VAL E 8 24.63 17.15 -6.74
C VAL E 8 23.93 18.10 -5.78
N TRP E 9 22.98 18.84 -6.33
CA TRP E 9 22.35 19.98 -5.68
C TRP E 9 20.92 19.64 -5.36
N ARG E 10 20.55 19.75 -4.10
CA ARG E 10 19.23 19.36 -3.73
C ARG E 10 18.44 20.56 -3.26
N ASP E 11 17.12 20.48 -3.40
CA ASP E 11 16.24 21.38 -2.67
C ASP E 11 15.55 20.58 -1.60
N ALA E 12 16.05 19.36 -1.42
CA ALA E 12 15.55 18.39 -0.43
C ALA E 12 16.10 18.69 0.99
N TRP E 13 15.23 18.51 1.99
CA TRP E 13 15.50 18.91 3.39
C TRP E 13 16.58 18.09 4.11
N TYR E 14 17.84 18.41 3.77
CA TYR E 14 19.02 17.64 4.19
C TYR E 14 19.41 16.61 3.13
N ASP E 15 18.57 16.50 2.08
CA ASP E 15 18.55 15.35 1.15
C ASP E 15 17.46 14.32 1.58
N THR E 16 16.47 14.79 2.33
CA THR E 16 15.60 13.89 3.11
C THR E 16 16.44 12.97 4.04
N LYS E 17 16.43 13.32 5.32
CA LYS E 17 17.07 12.59 6.45
C LYS E 17 18.48 13.13 6.78
N SER E 18 18.66 13.80 7.94
CA SER E 18 17.69 14.15 9.03
C SER E 18 18.42 14.56 10.36
N SER E 19 18.88 13.53 11.10
CA SER E 19 19.76 13.68 12.28
C SER E 19 21.22 13.26 11.98
N GLY E 20 21.44 11.97 11.64
CA GLY E 20 20.45 10.88 11.66
C GLY E 20 19.64 10.42 10.43
N GLY E 21 20.30 9.88 9.40
CA GLY E 21 21.67 9.42 9.51
C GLY E 21 22.79 10.29 8.98
N ARG E 22 22.47 11.34 8.21
CA ARG E 22 23.54 12.16 7.65
C ARG E 22 23.62 13.61 8.12
N PHE E 23 24.82 14.03 8.50
CA PHE E 23 25.00 15.37 9.04
C PHE E 23 25.64 16.33 8.04
N VAL E 24 25.07 17.53 7.92
CA VAL E 24 25.43 18.46 6.84
C VAL E 24 25.99 19.82 7.30
N ARG E 25 27.31 19.95 7.41
CA ARG E 25 27.83 21.14 8.07
C ARG E 25 27.35 22.42 7.39
N LYS E 26 26.60 23.24 8.12
CA LYS E 26 26.15 24.52 7.59
C LYS E 26 27.18 25.66 7.67
N GLU E 27 28.20 25.47 8.50
CA GLU E 27 29.18 26.50 8.78
C GLU E 27 30.08 26.73 7.56
N SER E 28 30.61 27.95 7.41
CA SER E 28 31.59 28.26 6.33
C SER E 28 32.66 27.18 6.31
N GLN E 29 32.90 26.55 5.17
CA GLN E 29 33.81 25.42 5.22
C GLN E 29 35.25 25.71 4.75
N TYR E 30 35.50 26.88 4.21
CA TYR E 30 36.84 27.19 3.76
C TYR E 30 37.41 28.38 4.56
N ARG E 31 38.40 28.10 5.40
CA ARG E 31 38.87 29.11 6.33
C ARG E 31 40.40 29.30 6.39
N GLY E 32 41.01 29.48 5.23
CA GLY E 32 42.45 29.66 5.11
C GLY E 32 42.79 31.10 4.78
N GLY E 33 44.07 31.41 4.66
CA GLY E 33 44.53 32.78 4.77
C GLY E 33 44.58 32.88 6.27
N LEU E 34 44.54 34.09 6.82
CA LEU E 34 44.45 34.19 8.28
C LEU E 34 45.80 33.97 8.98
N ASP E 35 46.55 33.00 8.47
CA ASP E 35 47.87 32.59 9.00
C ASP E 35 48.84 33.74 9.24
N ALA E 36 49.70 33.54 10.25
CA ALA E 36 50.84 34.39 10.46
C ALA E 36 51.29 34.77 9.06
N GLY E 37 51.22 36.05 8.73
CA GLY E 37 51.39 36.50 7.35
C GLY E 37 51.76 35.49 6.25
N PHE E 38 51.07 35.45 5.12
CA PHE E 38 49.87 36.24 4.84
C PHE E 38 49.54 35.93 3.42
N ARG E 39 50.43 36.46 2.57
CA ARG E 39 50.70 35.97 1.24
C ARG E 39 49.88 36.63 0.12
N GLY E 40 49.47 37.88 0.30
CA GLY E 40 48.74 38.53 -0.78
C GLY E 40 49.57 38.55 -2.06
N GLU E 41 48.94 38.59 -3.24
CA GLU E 41 49.71 38.85 -4.49
C GLU E 41 48.85 39.32 -5.64
N PRO E 42 49.19 40.50 -6.19
CA PRO E 42 48.33 41.13 -7.20
C PRO E 42 47.96 40.20 -8.36
N GLY E 43 46.69 40.06 -8.68
CA GLY E 43 46.28 39.19 -9.79
C GLY E 43 45.94 37.74 -9.49
N ARG E 44 46.40 37.19 -8.36
CA ARG E 44 46.15 35.77 -8.05
C ARG E 44 44.74 35.46 -7.54
N TYR E 45 43.96 36.50 -7.23
CA TYR E 45 42.75 36.31 -6.42
C TYR E 45 41.39 36.77 -7.01
N HIS E 46 40.39 35.89 -6.98
CA HIS E 46 39.06 36.23 -7.46
C HIS E 46 38.04 36.32 -6.32
N LEU E 47 37.06 37.21 -6.49
CA LEU E 47 35.98 37.35 -5.51
C LEU E 47 34.59 37.26 -6.15
N TYR E 48 33.90 36.15 -5.84
CA TYR E 48 32.49 35.97 -6.15
C TYR E 48 31.61 36.70 -5.14
N ALA E 49 30.65 37.48 -5.61
CA ALA E 49 29.84 38.27 -4.71
C ALA E 49 28.56 38.78 -5.38
N GLY E 50 28.07 39.94 -4.95
CA GLY E 50 26.83 40.46 -5.51
C GLY E 50 26.27 41.61 -4.68
N PHE E 51 25.22 42.23 -5.21
CA PHE E 51 24.65 43.45 -4.65
C PHE E 51 23.61 43.27 -3.52
N ALA E 52 23.01 42.08 -3.48
CA ALA E 52 21.93 41.74 -2.58
C ALA E 52 22.44 41.32 -1.24
N CYS E 53 23.18 40.20 -1.21
CA CYS E 53 23.69 39.58 0.03
C CYS E 53 24.54 40.54 0.91
N PRO E 54 24.06 40.92 2.15
CA PRO E 54 24.81 41.86 2.99
C PRO E 54 26.15 41.27 3.43
N TRP E 55 26.23 39.96 3.46
CA TRP E 55 27.48 39.38 3.87
C TRP E 55 28.47 39.69 2.79
N ALA E 56 28.08 39.49 1.54
CA ALA E 56 28.93 39.85 0.41
C ALA E 56 29.26 41.32 0.46
N HIS E 57 28.26 42.14 0.70
CA HIS E 57 28.52 43.56 0.83
C HIS E 57 29.77 43.87 1.65
N ARG E 58 29.95 43.18 2.78
CA ARG E 58 31.10 43.46 3.66
C ARG E 58 32.43 43.42 2.91
N VAL E 59 32.62 42.42 2.05
CA VAL E 59 33.90 42.34 1.36
C VAL E 59 33.93 43.24 0.15
N LEU E 60 32.79 43.64 -0.39
CA LEU E 60 32.84 44.59 -1.50
C LEU E 60 33.30 45.96 -1.05
N ILE E 61 32.99 46.26 0.22
CA ILE E 61 33.39 47.50 0.86
C ILE E 61 34.88 47.48 1.11
N MET E 62 35.33 46.46 1.86
CA MET E 62 36.74 46.39 2.24
C MET E 62 37.55 46.55 0.99
N ARG E 63 37.11 45.85 -0.05
CA ARG E 63 37.81 45.88 -1.31
C ARG E 63 37.95 47.31 -1.85
N ALA E 64 36.91 48.12 -1.89
CA ALA E 64 37.05 49.44 -2.50
C ALA E 64 37.81 50.39 -1.56
N LEU E 65 37.99 49.94 -0.33
CA LEU E 65 38.51 50.82 0.71
C LEU E 65 40.05 50.66 0.87
N LYS E 66 40.56 49.56 0.33
CA LYS E 66 41.98 49.34 0.19
C LYS E 66 42.30 49.31 -1.32
N GLY E 67 41.55 50.11 -2.08
CA GLY E 67 41.69 50.22 -3.52
C GLY E 67 41.64 48.93 -4.34
N LEU E 68 42.27 47.89 -3.81
CA LEU E 68 42.63 46.71 -4.55
C LEU E 68 41.53 45.97 -5.32
N GLU E 69 40.85 46.69 -6.18
CA GLU E 69 39.84 46.10 -7.05
C GLU E 69 40.30 45.87 -8.51
N GLU E 70 41.58 45.64 -8.72
CA GLU E 70 42.06 45.16 -10.01
C GLU E 70 42.98 44.01 -9.68
N MET E 71 43.59 44.05 -8.50
CA MET E 71 44.37 42.87 -8.09
C MET E 71 43.44 41.69 -7.82
N ILE E 72 42.28 42.00 -7.23
CA ILE E 72 41.20 41.02 -7.02
C ILE E 72 40.02 41.38 -7.89
N SER E 73 39.81 40.57 -8.93
CA SER E 73 38.72 40.76 -9.88
C SER E 73 37.43 40.14 -9.35
N VAL E 74 36.29 40.50 -9.96
CA VAL E 74 34.98 40.06 -9.45
C VAL E 74 34.10 39.27 -10.41
N SER E 75 33.16 38.57 -9.81
CA SER E 75 31.99 38.10 -10.53
C SER E 75 30.82 38.44 -9.62
N MET E 76 29.67 38.75 -10.20
CA MET E 76 28.52 39.20 -9.40
C MET E 76 27.29 38.43 -9.83
N VAL E 77 26.61 37.80 -8.86
CA VAL E 77 25.50 36.91 -9.14
C VAL E 77 24.18 37.61 -9.27
N ASN E 78 23.30 36.94 -10.02
CA ASN E 78 21.98 37.42 -10.33
C ASN E 78 21.11 37.55 -9.08
N ALA E 79 20.33 38.65 -9.04
CA ALA E 79 19.49 39.01 -7.90
C ALA E 79 18.50 37.93 -7.52
N TYR E 80 18.07 37.16 -8.51
CA TYR E 80 17.11 36.11 -8.25
C TYR E 80 17.76 34.80 -7.81
N MET E 81 17.33 34.30 -6.64
CA MET E 81 17.83 33.08 -6.03
C MET E 81 16.74 31.99 -6.02
N GLY E 82 16.72 31.19 -7.07
CA GLY E 82 15.58 30.34 -7.34
C GLY E 82 15.95 28.90 -7.17
N GLU E 83 15.26 27.99 -7.86
CA GLU E 83 15.46 26.60 -7.51
C GLU E 83 16.88 26.13 -7.74
N ASN E 84 17.69 26.89 -8.45
CA ASN E 84 19.05 26.43 -8.59
C ASN E 84 19.97 26.99 -7.54
N GLY E 85 19.61 28.11 -6.97
CA GLY E 85 20.49 28.71 -6.00
C GLY E 85 21.00 29.97 -6.64
N TRP E 86 21.87 30.65 -5.94
CA TRP E 86 22.50 31.83 -6.50
C TRP E 86 22.95 31.52 -7.92
N THR E 87 22.76 32.47 -8.81
CA THR E 87 23.03 32.16 -10.21
C THR E 87 23.87 33.21 -10.96
N PHE E 88 24.46 32.82 -12.10
CA PHE E 88 25.13 33.80 -13.01
C PHE E 88 24.40 34.05 -14.31
N LEU E 89 23.19 33.50 -14.44
CA LEU E 89 22.38 33.69 -15.63
C LEU E 89 22.26 35.16 -15.80
N PRO E 90 22.12 35.63 -17.03
CA PRO E 90 22.18 37.08 -17.23
C PRO E 90 21.06 37.82 -16.46
N GLY E 91 21.33 39.06 -16.09
CA GLY E 91 20.35 39.89 -15.42
C GLY E 91 20.94 41.27 -15.19
N ASP E 92 20.29 42.06 -14.34
CA ASP E 92 20.86 43.36 -14.05
C ASP E 92 22.05 43.16 -13.16
N ASP E 93 23.11 43.91 -13.39
CA ASP E 93 24.25 43.94 -12.47
C ASP E 93 25.06 42.64 -12.48
N VAL E 94 24.57 41.65 -13.22
CA VAL E 94 25.23 40.35 -13.25
C VAL E 94 26.58 40.43 -13.96
N VAL E 95 27.50 39.52 -13.66
CA VAL E 95 28.86 39.61 -14.19
C VAL E 95 29.46 38.23 -14.20
N PRO E 96 29.45 37.59 -15.37
CA PRO E 96 29.51 36.10 -15.41
C PRO E 96 30.75 35.48 -14.78
N ASP E 97 30.69 34.16 -14.53
CA ASP E 97 31.83 33.45 -13.95
C ASP E 97 32.98 33.47 -14.96
N SER E 98 33.75 34.54 -14.90
CA SER E 98 34.93 34.74 -15.74
C SER E 98 36.05 33.95 -15.12
N ILE E 99 35.90 32.63 -15.03
CA ILE E 99 36.92 31.71 -14.51
C ILE E 99 36.50 30.24 -14.61
N ASN E 100 35.21 29.97 -14.74
CA ASN E 100 34.68 28.63 -15.12
C ASN E 100 33.41 28.72 -15.99
N GLY E 101 32.85 27.57 -16.34
CA GLY E 101 31.56 27.61 -17.01
C GLY E 101 30.57 28.40 -16.15
N ALA E 102 30.05 27.71 -15.15
CA ALA E 102 29.34 28.31 -14.04
C ALA E 102 28.22 29.20 -14.49
N ASP E 103 27.10 28.53 -14.72
CA ASP E 103 25.80 29.16 -14.71
C ASP E 103 25.37 29.32 -13.25
N TYR E 104 25.59 28.26 -12.47
CA TYR E 104 25.23 28.25 -11.07
C TYR E 104 26.41 28.43 -10.08
N LEU E 105 26.17 29.01 -8.90
CA LEU E 105 27.25 29.17 -7.97
C LEU E 105 27.68 27.80 -7.56
N TYR E 106 26.77 26.85 -7.46
CA TYR E 106 27.18 25.59 -6.87
C TYR E 106 28.30 24.93 -7.70
N GLN E 107 28.35 25.31 -8.97
CA GLN E 107 29.37 24.75 -9.85
C GLN E 107 30.74 25.24 -9.47
N VAL E 108 30.82 26.39 -8.79
CA VAL E 108 32.10 26.88 -8.29
C VAL E 108 32.57 25.93 -7.21
N TYR E 109 31.75 25.72 -6.20
CA TYR E 109 32.13 24.82 -5.10
C TYR E 109 32.58 23.48 -5.62
N THR E 110 31.84 23.04 -6.62
CA THR E 110 31.94 21.70 -7.16
C THR E 110 33.18 21.48 -8.04
N ALA E 111 33.49 22.48 -8.87
CA ALA E 111 34.60 22.39 -9.82
C ALA E 111 35.93 22.09 -9.14
N ALA E 112 36.03 22.46 -7.88
CA ALA E 112 37.22 22.25 -7.10
C ALA E 112 37.09 21.01 -6.21
N ASP E 113 35.87 20.69 -5.80
CA ASP E 113 35.64 19.57 -4.92
C ASP E 113 34.35 18.88 -5.38
N PRO E 114 34.51 17.95 -6.32
CA PRO E 114 33.44 17.27 -7.04
C PRO E 114 32.40 16.65 -6.12
N THR E 115 32.70 16.42 -4.85
CA THR E 115 31.67 15.86 -3.97
C THR E 115 31.12 16.85 -2.92
N TYR E 116 31.90 17.85 -2.57
CA TYR E 116 31.51 18.82 -1.56
C TYR E 116 30.09 18.78 -1.04
N THR E 117 29.94 18.37 0.21
CA THR E 117 28.65 18.31 0.86
C THR E 117 28.46 19.43 1.86
N GLY E 118 28.16 20.63 1.36
CA GLY E 118 27.89 21.74 2.26
C GLY E 118 26.87 22.69 1.68
N ARG E 119 26.76 23.88 2.25
CA ARG E 119 25.81 24.82 1.69
C ARG E 119 26.60 25.72 0.76
N VAL E 120 25.92 26.51 -0.06
CA VAL E 120 26.53 27.25 -1.18
C VAL E 120 26.20 28.73 -1.14
N THR E 121 27.16 29.50 -0.64
CA THR E 121 26.99 30.88 -0.22
C THR E 121 28.00 31.80 -0.94
N ILE E 122 27.81 33.11 -0.88
CA ILE E 122 28.88 34.08 -1.15
C ILE E 122 29.01 34.87 0.13
N PRO E 123 30.14 35.58 0.37
CA PRO E 123 31.31 35.77 -0.50
C PRO E 123 32.13 34.49 -0.62
N ILE E 124 32.81 34.36 -1.77
CA ILE E 124 33.92 33.42 -1.97
C ILE E 124 35.23 34.13 -2.36
N LEU E 125 36.33 33.82 -1.66
CA LEU E 125 37.68 34.25 -2.11
C LEU E 125 38.46 33.11 -2.80
N TRP E 126 38.62 33.28 -4.13
CA TRP E 126 39.07 32.21 -5.03
C TRP E 126 40.54 32.29 -5.36
N ASP E 127 41.22 31.16 -5.33
CA ASP E 127 42.65 31.14 -5.64
C ASP E 127 42.85 30.71 -7.09
N LYS E 128 43.02 31.69 -8.00
CA LYS E 128 43.06 31.40 -9.45
C LYS E 128 44.21 30.46 -9.74
N VAL E 129 45.27 30.59 -8.95
CA VAL E 129 46.43 29.73 -9.07
C VAL E 129 46.13 28.28 -8.65
N GLU E 130 45.98 28.01 -7.35
CA GLU E 130 45.74 26.61 -6.96
C GLU E 130 44.35 26.06 -7.32
N LYS E 131 43.53 26.85 -8.02
CA LYS E 131 42.22 26.41 -8.55
C LYS E 131 41.29 25.82 -7.46
N ARG E 132 41.02 26.65 -6.46
CA ARG E 132 40.27 26.25 -5.28
C ARG E 132 39.67 27.48 -4.53
N ILE E 133 38.68 27.22 -3.68
CA ILE E 133 38.15 28.26 -2.80
C ILE E 133 39.14 28.41 -1.68
N LEU E 134 39.71 29.60 -1.55
CA LEU E 134 40.61 29.86 -0.44
C LEU E 134 39.89 30.03 0.91
N ASN E 135 38.82 30.85 0.96
CA ASN E 135 38.07 31.24 2.19
C ASN E 135 36.67 31.81 1.89
N ASN E 136 35.59 31.17 2.37
CA ASN E 136 34.22 31.63 2.09
C ASN E 136 33.54 32.07 3.32
N GLU E 137 34.30 32.57 4.28
CA GLU E 137 33.73 33.10 5.49
C GLU E 137 33.84 34.62 5.54
N SER E 138 32.71 35.26 5.33
CA SER E 138 32.63 36.71 5.25
C SER E 138 33.58 37.44 6.21
N SER E 139 33.56 37.05 7.47
CA SER E 139 34.15 37.87 8.52
C SER E 139 35.64 37.89 8.48
N GLU E 140 36.17 36.82 7.89
CA GLU E 140 37.59 36.59 7.71
C GLU E 140 38.15 37.25 6.44
N ILE E 141 37.61 36.92 5.28
CA ILE E 141 37.96 37.65 4.06
C ILE E 141 38.05 39.14 4.32
N ILE E 142 37.20 39.66 5.17
CA ILE E 142 37.10 41.09 5.35
C ILE E 142 38.41 41.54 6.01
N ARG E 143 39.02 40.61 6.73
CA ARG E 143 40.18 40.86 7.58
C ARG E 143 41.47 40.60 6.84
N ILE E 144 41.41 39.60 5.96
CA ILE E 144 42.48 39.23 5.06
C ILE E 144 42.76 40.42 4.17
N LEU E 145 41.75 40.96 3.50
CA LEU E 145 42.02 42.08 2.62
C LEU E 145 42.68 43.25 3.38
N ASN E 146 42.34 43.38 4.67
CA ASN E 146 42.78 44.49 5.55
C ASN E 146 44.32 44.59 5.74
N SER E 147 44.92 43.42 5.98
CA SER E 147 46.37 43.25 6.03
C SER E 147 46.94 42.63 4.71
N ALA E 148 46.79 41.31 4.57
CA ALA E 148 47.50 40.48 3.59
C ALA E 148 47.94 41.10 2.25
N PHE E 149 47.38 42.24 1.88
CA PHE E 149 47.85 42.84 0.63
C PHE E 149 48.90 43.91 0.86
N ASP E 150 48.45 45.13 1.13
CA ASP E 150 49.29 46.16 1.76
C ASP E 150 50.69 46.34 1.15
N ASP E 151 51.57 45.35 1.34
CA ASP E 151 52.88 45.40 0.71
C ASP E 151 52.73 45.34 -0.82
N VAL E 152 51.95 44.38 -1.30
CA VAL E 152 51.71 44.14 -2.74
C VAL E 152 50.85 45.20 -3.49
N GLY E 153 50.83 46.46 -3.05
CA GLY E 153 50.20 47.52 -3.82
C GLY E 153 48.91 48.07 -3.25
N ALA E 154 48.49 47.47 -2.13
CA ALA E 154 47.23 47.82 -1.47
C ALA E 154 47.26 49.17 -0.78
N LEU E 155 46.16 49.91 -0.89
CA LEU E 155 45.99 51.17 -0.17
C LEU E 155 46.13 50.95 1.31
N PRO E 156 46.45 52.01 2.04
CA PRO E 156 46.73 51.91 3.46
C PRO E 156 45.49 52.22 4.30
N GLY E 157 45.26 51.43 5.33
CA GLY E 157 44.17 51.61 6.27
C GLY E 157 44.19 50.37 7.13
N ASP E 158 43.97 50.51 8.44
CA ASP E 158 43.87 49.33 9.33
C ASP E 158 42.51 49.31 10.05
N TYR E 159 41.60 48.45 9.60
CA TYR E 159 40.24 48.52 10.11
C TYR E 159 40.03 47.56 11.26
N TYR E 160 41.12 47.07 11.81
CA TYR E 160 41.06 46.29 13.00
C TYR E 160 42.27 46.69 13.87
N PRO E 161 42.39 48.01 14.15
CA PRO E 161 43.38 48.55 15.06
C PRO E 161 43.57 47.72 16.34
N ALA E 162 44.79 47.20 16.52
CA ALA E 162 45.16 46.36 17.66
C ALA E 162 44.68 46.86 19.02
N GLU E 163 44.73 48.19 19.17
CA GLU E 163 44.41 48.86 20.44
C GLU E 163 42.93 49.06 20.74
N PHE E 164 42.08 48.65 19.80
CA PHE E 164 40.63 48.78 19.95
C PHE E 164 40.01 47.43 19.70
N ARG E 165 40.88 46.56 19.20
CA ARG E 165 40.52 45.21 18.84
C ARG E 165 39.56 44.51 19.80
N PRO E 166 39.80 44.60 21.11
CA PRO E 166 38.81 43.99 21.99
C PRO E 166 37.40 44.66 21.94
N GLU E 167 37.31 46.00 21.78
CA GLU E 167 36.02 46.69 21.73
C GLU E 167 35.39 46.42 20.41
N ILE E 168 36.22 46.20 19.43
CA ILE E 168 35.66 45.88 18.14
C ILE E 168 35.15 44.44 18.14
N ASP E 169 35.51 43.63 19.10
CA ASP E 169 35.06 42.27 19.05
C ASP E 169 33.75 42.11 19.78
N ARG E 170 33.62 42.83 20.89
CA ARG E 170 32.40 42.94 21.69
C ARG E 170 31.27 43.53 20.84
N ILE E 171 31.52 44.69 20.25
CA ILE E 171 30.52 45.26 19.39
C ILE E 171 30.16 44.31 18.25
N ASN E 172 31.16 43.73 17.61
CA ASN E 172 30.86 42.79 16.54
C ASN E 172 29.97 41.66 17.01
N ALA E 173 30.29 41.12 18.18
CA ALA E 173 29.67 39.87 18.57
C ALA E 173 28.19 40.09 18.75
N ARG E 174 27.84 41.27 19.27
CA ARG E 174 26.46 41.65 19.53
C ARG E 174 25.76 42.06 18.24
N VAL E 175 26.31 43.06 17.55
CA VAL E 175 25.68 43.48 16.31
C VAL E 175 25.46 42.30 15.40
N TYR E 176 26.29 41.28 15.48
CA TYR E 176 26.14 40.15 14.59
C TYR E 176 24.94 39.29 14.95
N GLU E 177 24.73 39.09 16.24
CA GLU E 177 23.89 38.02 16.65
C GLU E 177 22.48 38.49 16.80
N THR E 178 22.30 39.79 16.80
CA THR E 178 20.98 40.29 17.06
C THR E 178 20.47 41.17 15.99
N LEU E 179 21.39 41.59 15.14
CA LEU E 179 21.09 42.51 14.04
C LEU E 179 21.44 41.86 12.67
N ASN E 180 22.72 41.62 12.40
CA ASN E 180 23.11 41.02 11.15
C ASN E 180 22.27 39.80 10.90
N ASN E 181 22.19 38.95 11.88
CA ASN E 181 21.49 37.72 11.71
C ASN E 181 20.12 37.92 12.31
N GLY E 182 20.05 38.98 13.11
CA GLY E 182 18.81 39.38 13.71
C GLY E 182 17.70 39.53 12.70
N VAL E 183 17.94 40.23 11.60
CA VAL E 183 16.87 40.45 10.64
C VAL E 183 16.42 39.10 10.12
N TYR E 184 17.35 38.23 9.74
CA TYR E 184 16.93 36.91 9.24
C TYR E 184 16.16 36.07 10.26
N ARG E 185 16.63 36.03 11.50
CA ARG E 185 15.92 35.22 12.47
C ARG E 185 14.54 35.78 12.67
N SER E 186 14.39 37.08 12.77
CA SER E 186 13.06 37.66 12.77
C SER E 186 12.22 37.32 11.55
N GLY E 187 12.69 37.74 10.40
CA GLY E 187 11.91 37.57 9.19
C GLY E 187 11.57 36.15 8.79
N PHE E 188 12.34 35.19 9.24
CA PHE E 188 12.21 33.80 8.76
C PHE E 188 11.59 32.88 9.81
N ALA E 189 11.23 33.46 10.96
CA ALA E 189 10.62 32.70 12.04
C ALA E 189 9.23 32.33 11.61
N THR E 190 8.77 31.18 12.07
CA THR E 190 7.49 30.63 11.63
C THR E 190 6.51 30.69 12.77
N THR E 191 6.86 31.42 13.81
CA THR E 191 6.12 31.36 15.05
C THR E 191 5.97 32.75 15.54
N GLN E 192 4.75 33.12 15.91
CA GLN E 192 4.58 34.44 16.49
C GLN E 192 5.60 34.72 17.59
N GLU E 193 5.87 33.72 18.43
CA GLU E 193 6.81 33.88 19.55
C GLU E 193 8.31 33.87 19.10
N ALA E 194 8.70 32.97 18.20
CA ALA E 194 10.05 32.94 17.68
C ALA E 194 10.38 34.28 17.00
N TYR E 195 9.44 34.77 16.22
CA TYR E 195 9.48 36.13 15.75
C TYR E 195 9.77 37.11 16.87
N GLU E 196 8.87 37.18 17.84
CA GLU E 196 9.05 38.22 18.84
C GLU E 196 10.39 38.05 19.59
N GLU E 197 10.79 36.82 19.80
CA GLU E 197 12.03 36.58 20.49
C GLU E 197 13.26 37.06 19.69
N ALA E 198 13.12 37.31 18.39
CA ALA E 198 14.19 37.97 17.64
C ALA E 198 13.96 39.45 17.33
N PHE E 199 12.78 39.89 16.85
CA PHE E 199 12.54 41.32 16.56
C PHE E 199 12.98 42.20 17.76
N TYR E 200 12.68 41.75 18.97
CA TYR E 200 12.86 42.60 20.16
C TYR E 200 14.33 42.87 20.51
N PRO E 201 15.08 41.81 20.81
CA PRO E 201 16.48 41.96 21.19
C PRO E 201 17.16 42.77 20.14
N LEU E 202 16.72 42.70 18.90
CA LEU E 202 17.36 43.49 17.84
C LEU E 202 17.12 44.97 18.08
N PHE E 203 15.88 45.39 18.27
CA PHE E 203 15.71 46.81 18.49
C PHE E 203 16.46 47.23 19.76
N ASP E 204 16.54 46.35 20.77
CA ASP E 204 17.30 46.64 21.99
C ASP E 204 18.71 46.99 21.58
N THR E 205 19.29 46.19 20.68
CA THR E 205 20.57 46.50 20.05
C THR E 205 20.62 47.83 19.28
N LEU E 206 19.69 48.15 18.37
CA LEU E 206 19.72 49.53 17.81
C LEU E 206 19.67 50.58 18.92
N ASP E 207 18.77 50.44 19.90
CA ASP E 207 18.63 51.40 20.97
C ASP E 207 19.96 51.72 21.63
N TRP E 208 20.80 50.69 21.72
CA TRP E 208 22.10 50.85 22.30
C TRP E 208 23.05 51.51 21.33
N LEU E 209 23.41 50.80 20.27
CA LEU E 209 24.08 51.47 19.14
C LEU E 209 23.74 52.95 19.09
N GLU E 210 22.48 53.30 19.12
CA GLU E 210 22.08 54.70 19.04
C GLU E 210 22.71 55.49 20.17
N GLU E 211 22.74 54.98 21.39
CA GLU E 211 23.43 55.73 22.45
C GLU E 211 24.95 55.66 22.40
N HIS E 212 25.45 54.50 22.01
CA HIS E 212 26.87 54.39 21.87
C HIS E 212 27.39 55.41 20.87
N LEU E 213 26.52 55.89 19.99
CA LEU E 213 26.95 56.85 18.99
C LEU E 213 26.43 58.22 19.29
N THR E 214 26.20 58.56 20.57
CA THR E 214 25.61 59.89 20.78
C THR E 214 26.65 60.97 20.71
N GLY E 215 27.81 60.73 21.31
CA GLY E 215 28.91 61.66 21.17
C GLY E 215 29.78 61.43 19.94
N ARG E 216 29.73 60.21 19.40
CA ARG E 216 30.69 59.74 18.43
C ARG E 216 30.39 60.02 16.95
N GLU E 217 31.37 59.67 16.11
CA GLU E 217 31.27 59.78 14.64
C GLU E 217 31.60 58.46 13.95
N TRP E 218 32.14 57.52 14.71
CA TRP E 218 32.27 56.13 14.26
C TRP E 218 32.18 55.31 15.53
N LEU E 219 31.98 54.01 15.38
CA LEU E 219 31.69 53.21 16.55
C LEU E 219 32.89 53.18 17.45
N VAL E 220 33.82 52.26 17.14
CA VAL E 220 35.01 52.12 17.97
C VAL E 220 36.03 53.17 17.59
N GLY E 221 36.82 53.59 18.58
CA GLY E 221 37.78 54.67 18.38
C GLY E 221 37.05 55.87 17.80
N ASP E 222 37.79 56.73 17.12
CA ASP E 222 37.11 57.66 16.26
C ASP E 222 37.67 57.36 14.88
N ARG E 223 38.27 56.19 14.74
CA ARG E 223 38.60 55.68 13.41
C ARG E 223 37.26 55.26 12.69
N LEU E 224 37.33 54.90 11.41
CA LEU E 224 36.31 54.02 10.85
C LEU E 224 36.88 52.62 10.96
N THR E 225 36.09 51.66 11.45
CA THR E 225 36.62 50.32 11.71
C THR E 225 35.82 49.18 11.13
N GLU E 226 36.32 47.98 11.32
CA GLU E 226 35.67 46.78 10.81
C GLU E 226 34.24 46.71 11.35
N ALA E 227 34.03 47.25 12.54
CA ALA E 227 32.73 47.13 13.15
C ALA E 227 31.66 47.96 12.43
N ASP E 228 32.07 49.10 11.88
CA ASP E 228 31.15 49.97 11.17
C ASP E 228 30.90 49.45 9.79
N ILE E 229 31.72 48.50 9.37
CA ILE E 229 31.57 47.99 8.02
C ILE E 229 30.69 46.78 8.07
N ARG E 230 30.77 45.99 9.14
CA ARG E 230 29.89 44.85 9.37
C ARG E 230 28.43 45.27 9.65
N LEU E 231 28.30 46.42 10.31
CA LEU E 231 27.01 46.96 10.67
C LEU E 231 26.37 47.70 9.50
N PHE E 232 27.17 48.33 8.67
CA PHE E 232 26.57 49.14 7.64
C PHE E 232 25.72 48.37 6.63
N PRO E 233 26.21 47.23 6.12
CA PRO E 233 25.38 46.51 5.13
C PRO E 233 23.96 46.12 5.62
N THR E 234 23.74 45.80 6.91
CA THR E 234 22.40 45.60 7.47
C THR E 234 21.59 46.89 7.60
N LEU E 235 22.18 47.97 8.07
CA LEU E 235 21.46 49.20 8.15
C LEU E 235 20.95 49.73 6.81
N VAL E 236 21.76 49.68 5.77
CA VAL E 236 21.40 50.32 4.51
C VAL E 236 20.24 49.56 3.83
N ARG E 237 20.19 48.26 4.06
CA ARG E 237 19.08 47.49 3.52
C ARG E 237 17.85 47.57 4.43
N PHE E 238 17.96 48.25 5.57
CA PHE E 238 16.91 48.17 6.57
C PHE E 238 15.56 48.78 6.16
N ASP E 239 15.43 50.10 6.17
CA ASP E 239 14.11 50.68 5.91
C ASP E 239 13.59 50.23 4.54
N ALA E 240 14.46 49.75 3.66
CA ALA E 240 13.98 49.39 2.32
C ALA E 240 13.53 47.93 2.19
N ILE E 241 14.04 47.06 3.04
CA ILE E 241 13.75 45.64 2.93
C ILE E 241 13.43 45.02 4.27
N TYR E 242 14.37 45.05 5.21
CA TYR E 242 14.13 44.42 6.50
C TYR E 242 12.87 44.97 7.17
N HIS E 243 12.66 46.27 7.08
CA HIS E 243 11.53 46.87 7.79
C HIS E 243 10.19 46.36 7.34
N GLY E 244 9.99 46.24 6.03
CA GLY E 244 8.77 45.65 5.52
C GLY E 244 8.87 44.13 5.45
N HIS E 245 9.65 43.67 4.48
CA HIS E 245 9.79 42.24 4.19
C HIS E 245 10.07 41.37 5.40
N PHE E 246 10.94 41.77 6.31
CA PHE E 246 11.25 40.90 7.45
C PHE E 246 10.55 41.32 8.76
N LYS E 247 9.51 42.15 8.64
CA LYS E 247 8.67 42.51 9.79
C LYS E 247 9.46 43.15 10.94
N CYS E 248 10.51 43.88 10.60
CA CYS E 248 11.34 44.50 11.61
C CYS E 248 10.90 45.93 11.76
N ASN E 249 9.64 46.11 12.15
CA ASN E 249 8.95 47.39 11.95
C ASN E 249 8.64 48.19 13.19
N LEU E 250 9.31 47.87 14.30
CA LEU E 250 9.14 48.70 15.49
C LEU E 250 9.42 50.21 15.25
N ARG E 251 10.63 50.56 14.77
CA ARG E 251 10.96 51.93 14.35
C ARG E 251 11.64 51.73 12.99
N ARG E 252 11.86 52.82 12.25
CA ARG E 252 12.70 52.77 11.05
C ARG E 252 14.06 53.25 11.49
N ILE E 253 15.10 52.86 10.78
CA ILE E 253 16.39 53.43 11.02
C ILE E 253 16.31 54.92 10.86
N ALA E 254 15.54 55.39 9.90
CA ALA E 254 15.30 56.84 9.80
C ALA E 254 14.92 57.49 11.12
N ASP E 255 14.38 56.67 12.03
CA ASP E 255 13.81 57.15 13.28
C ASP E 255 14.85 57.25 14.37
N TYR E 256 15.99 56.61 14.15
CA TYR E 256 17.17 56.74 15.00
C TYR E 256 18.22 57.74 14.47
N PRO E 257 18.14 59.04 14.81
CA PRO E 257 18.95 60.02 14.09
C PRO E 257 20.47 59.79 14.14
N ASN E 258 20.98 59.22 15.22
CA ASN E 258 22.41 59.01 15.30
C ASN E 258 22.91 57.92 14.34
N LEU E 259 22.23 56.79 14.32
CA LEU E 259 22.50 55.74 13.35
C LEU E 259 22.32 56.29 11.93
N SER E 260 21.32 57.12 11.71
CA SER E 260 21.10 57.71 10.40
C SER E 260 22.24 58.59 9.90
N ARG E 261 22.82 59.42 10.79
CA ARG E 261 24.09 60.09 10.50
C ARG E 261 25.15 59.07 9.97
N LEU E 262 25.54 58.09 10.78
CA LEU E 262 26.49 57.07 10.32
C LEU E 262 26.09 56.41 9.00
N VAL E 263 24.83 56.02 8.87
CA VAL E 263 24.39 55.43 7.63
C VAL E 263 24.67 56.41 6.51
N GLY E 264 24.15 57.63 6.63
CA GLY E 264 24.22 58.61 5.55
C GLY E 264 25.65 58.91 5.15
N LYS E 265 26.47 59.06 6.18
CA LYS E 265 27.89 59.29 6.04
C LYS E 265 28.61 58.23 5.21
N LEU E 266 28.60 56.99 5.66
CA LEU E 266 29.27 55.90 4.99
C LEU E 266 28.80 55.66 3.53
N ALA E 267 27.61 56.11 3.19
CA ALA E 267 27.07 55.86 1.86
C ALA E 267 27.34 57.01 0.91
N SER E 268 27.65 58.18 1.47
CA SER E 268 28.01 59.40 0.72
C SER E 268 29.45 59.28 0.26
N HIS E 269 30.24 58.65 1.11
CA HIS E 269 31.61 58.22 0.83
C HIS E 269 31.75 57.58 -0.54
N GLU E 270 32.27 58.33 -1.51
CA GLU E 270 32.72 57.75 -2.78
C GLU E 270 33.59 56.58 -2.42
N ARG E 271 33.59 55.55 -3.24
CA ARG E 271 34.28 54.33 -2.84
C ARG E 271 33.43 53.32 -2.07
N VAL E 272 32.47 53.75 -1.24
CA VAL E 272 31.51 52.78 -0.74
C VAL E 272 30.27 52.87 -1.58
N ALA E 273 29.88 54.10 -1.90
CA ALA E 273 28.73 54.35 -2.74
C ALA E 273 28.61 53.36 -3.91
N PRO E 274 29.64 53.26 -4.76
CA PRO E 274 29.56 52.29 -5.86
C PRO E 274 29.01 50.93 -5.42
N THR E 275 29.27 50.49 -4.16
CA THR E 275 28.90 49.12 -3.73
C THR E 275 27.45 48.89 -3.34
N ILE E 276 26.68 49.97 -3.26
CA ILE E 276 25.30 49.91 -2.81
C ILE E 276 24.47 49.96 -4.06
N ASN E 277 23.59 48.98 -4.19
CA ASN E 277 22.57 49.04 -5.23
C ASN E 277 21.31 48.42 -4.64
N LEU E 278 20.41 49.27 -4.16
CA LEU E 278 19.21 48.84 -3.44
C LEU E 278 18.17 48.16 -4.32
N ARG E 279 17.87 48.79 -5.45
CA ARG E 279 16.97 48.20 -6.43
C ARG E 279 17.32 46.73 -6.57
N HIS E 280 18.59 46.42 -6.76
CA HIS E 280 18.98 45.02 -6.91
C HIS E 280 18.63 44.29 -5.63
N ALA E 281 18.92 44.88 -4.48
CA ALA E 281 18.73 44.15 -3.24
C ALA E 281 17.24 43.93 -3.06
N LYS E 282 16.47 45.01 -3.16
CA LYS E 282 15.04 44.83 -3.02
C LYS E 282 14.61 43.69 -3.92
N ALA E 283 15.08 43.73 -5.17
CA ALA E 283 14.72 42.68 -6.11
C ALA E 283 14.97 41.31 -5.49
N HIS E 284 16.16 41.12 -4.96
CA HIS E 284 16.54 39.78 -4.55
C HIS E 284 15.66 39.29 -3.43
N TYR E 285 15.55 40.08 -2.35
CA TYR E 285 14.75 39.75 -1.15
C TYR E 285 13.26 39.52 -1.37
N TYR E 286 12.60 40.46 -2.05
CA TYR E 286 11.21 40.25 -2.32
C TYR E 286 11.00 39.16 -3.38
N GLY E 287 12.01 39.02 -4.21
CA GLY E 287 11.90 38.09 -5.31
C GLY E 287 12.14 36.63 -4.99
N SER E 288 12.87 36.36 -3.92
CA SER E 288 13.46 35.04 -3.77
C SER E 288 13.10 34.25 -2.49
N HIS E 289 12.20 34.80 -1.69
CA HIS E 289 11.74 34.15 -0.48
C HIS E 289 10.23 33.88 -0.55
N PRO E 290 9.80 33.03 -1.48
CA PRO E 290 8.39 32.68 -1.65
C PRO E 290 7.71 32.18 -0.39
N SER E 291 8.46 31.73 0.62
CA SER E 291 7.85 31.33 1.90
C SER E 291 7.44 32.51 2.77
N VAL E 292 7.69 33.74 2.31
CA VAL E 292 7.46 34.93 3.08
C VAL E 292 6.74 35.96 2.23
N ASN E 293 6.91 35.89 0.91
CA ASN E 293 6.28 36.89 0.03
C ASN E 293 6.04 36.23 -1.28
N PRO E 294 5.02 35.38 -1.31
CA PRO E 294 4.88 34.36 -2.34
C PRO E 294 4.44 34.91 -3.70
N THR E 295 3.98 36.15 -3.76
CA THR E 295 3.52 36.71 -5.04
C THR E 295 4.79 37.13 -5.75
N GLY E 296 5.76 37.47 -4.93
CA GLY E 296 7.04 37.88 -5.46
C GLY E 296 7.03 39.35 -5.78
N ILE E 297 5.89 40.00 -5.62
CA ILE E 297 5.83 41.40 -5.96
C ILE E 297 6.81 42.26 -5.15
N VAL E 298 7.45 43.21 -5.81
CA VAL E 298 8.39 44.05 -5.12
C VAL E 298 7.80 45.39 -4.96
N PRO E 299 7.73 45.86 -3.70
CA PRO E 299 7.10 47.12 -3.27
C PRO E 299 7.68 48.26 -4.04
N VAL E 300 6.85 49.26 -4.33
CA VAL E 300 7.28 50.51 -4.93
C VAL E 300 8.24 51.23 -4.02
N GLY E 301 8.44 50.60 -2.85
CA GLY E 301 9.56 50.84 -1.94
C GLY E 301 9.31 52.08 -1.17
N PRO E 302 10.06 52.31 -0.10
CA PRO E 302 10.11 53.69 0.46
C PRO E 302 10.74 54.60 -0.59
N ALA E 303 10.09 55.73 -0.90
CA ALA E 303 10.51 56.64 -1.97
C ALA E 303 11.96 57.04 -1.79
N GLN E 304 12.32 57.53 -0.62
CA GLN E 304 13.74 57.61 -0.30
C GLN E 304 14.03 57.02 1.07
N PRO E 305 14.53 55.78 1.09
CA PRO E 305 14.87 54.95 2.25
C PRO E 305 16.07 55.40 3.04
N LEU E 306 16.90 56.22 2.39
CA LEU E 306 18.18 56.71 2.89
C LEU E 306 18.13 58.23 3.10
N PRO E 307 19.22 58.81 3.65
CA PRO E 307 19.29 60.27 3.81
C PRO E 307 20.32 60.95 2.89
N GLY E 308 21.59 60.90 3.35
CA GLY E 308 22.71 61.63 2.79
C GLY E 308 23.64 62.24 3.85
N LEU E 309 23.49 63.55 4.10
CA LEU E 309 24.25 64.31 5.11
C LEU E 309 23.50 65.62 5.50
N THR E 310 23.79 66.17 6.69
CA THR E 310 23.19 67.44 7.17
C THR E 310 24.26 68.54 7.45
N LEU E 311 24.34 69.02 8.70
CA LEU E 311 25.38 69.98 9.12
C LEU E 311 26.66 69.20 9.57
N GLN E 312 27.72 69.24 8.74
CA GLN E 312 28.93 68.38 8.84
C GLN E 312 29.48 68.04 10.25
N SER E 313 30.52 68.76 10.67
CA SER E 313 31.23 68.50 11.93
C SER E 313 31.93 69.77 12.46
N GLY F 2 -14.67 33.09 0.60
CA GLY F 2 -15.79 32.19 0.43
C GLY F 2 -17.09 32.91 0.13
N LEU F 3 -18.09 32.20 -0.43
CA LEU F 3 -19.42 32.79 -0.68
C LEU F 3 -20.53 31.90 -0.23
N LEU F 4 -21.74 32.44 -0.27
CA LEU F 4 -22.92 31.63 -0.18
C LEU F 4 -23.44 31.52 -1.62
N ILE F 5 -23.77 30.30 -2.04
CA ILE F 5 -24.41 30.05 -3.34
C ILE F 5 -25.60 29.12 -3.15
N ASP F 6 -26.83 29.63 -3.33
CA ASP F 6 -28.07 28.97 -2.88
C ASP F 6 -27.82 28.53 -1.46
N GLY F 7 -26.88 29.27 -0.89
CA GLY F 7 -25.92 28.81 0.08
C GLY F 7 -26.48 28.16 1.29
N VAL F 8 -25.85 27.04 1.64
CA VAL F 8 -24.69 26.47 0.94
C VAL F 8 -23.48 27.42 0.79
N TRP F 9 -22.61 27.34 1.80
CA TRP F 9 -21.37 28.11 1.89
C TRP F 9 -20.25 27.42 1.14
N ARG F 10 -19.71 28.07 0.12
CA ARG F 10 -18.71 27.43 -0.72
C ARG F 10 -17.30 28.07 -0.59
N ASP F 11 -16.44 27.40 0.19
CA ASP F 11 -15.10 27.88 0.56
C ASP F 11 -14.23 28.06 -0.69
N THR F 16 -17.88 22.42 -10.50
CA THR F 16 -17.19 21.88 -11.67
C THR F 16 -17.11 22.94 -12.80
N LYS F 17 -17.99 23.95 -12.70
CA LYS F 17 -18.09 25.07 -13.65
C LYS F 17 -17.76 26.44 -13.01
N SER F 18 -17.37 27.41 -13.84
CA SER F 18 -16.96 28.75 -13.35
C SER F 18 -18.18 29.57 -12.79
N SER F 19 -19.02 30.14 -13.66
CA SER F 19 -19.95 31.25 -13.29
C SER F 19 -21.27 30.86 -12.55
N GLY F 20 -22.27 30.32 -13.29
CA GLY F 20 -22.21 30.15 -14.74
C GLY F 20 -23.37 30.78 -15.54
N GLY F 21 -24.40 31.22 -14.80
CA GLY F 21 -25.65 31.78 -15.33
C GLY F 21 -26.54 32.35 -14.21
N ARG F 22 -26.44 31.71 -13.04
CA ARG F 22 -26.53 32.37 -11.76
C ARG F 22 -25.06 32.76 -11.50
N PHE F 23 -24.67 33.95 -11.98
CA PHE F 23 -23.35 34.46 -11.66
C PHE F 23 -23.54 35.11 -10.32
N VAL F 24 -22.46 35.34 -9.59
CA VAL F 24 -22.61 35.87 -8.25
C VAL F 24 -22.52 37.39 -8.19
N ARG F 25 -23.54 38.02 -7.66
CA ARG F 25 -23.59 39.45 -7.64
C ARG F 25 -22.48 39.94 -6.70
N LYS F 26 -21.58 40.78 -7.19
CA LYS F 26 -20.44 41.25 -6.41
C LYS F 26 -20.82 42.38 -5.47
N GLU F 27 -21.88 43.11 -5.83
CA GLU F 27 -22.30 44.31 -5.11
C GLU F 27 -22.96 43.96 -3.81
N SER F 28 -23.36 45.02 -3.13
CA SER F 28 -24.07 44.93 -1.87
C SER F 28 -25.56 44.77 -2.12
N GLN F 29 -26.10 43.59 -1.77
CA GLN F 29 -27.50 43.28 -2.06
C GLN F 29 -28.69 43.82 -1.19
N TYR F 30 -28.46 44.46 -0.05
CA TYR F 30 -29.58 44.93 0.76
C TYR F 30 -29.61 46.43 0.93
N ARG F 31 -30.53 47.09 0.24
CA ARG F 31 -30.50 48.56 0.17
C ARG F 31 -31.69 49.33 0.78
N GLY F 32 -32.25 48.88 1.90
CA GLY F 32 -33.39 49.58 2.50
C GLY F 32 -32.99 50.85 3.22
N GLY F 33 -33.95 51.56 3.85
CA GLY F 33 -33.71 52.92 4.37
C GLY F 33 -33.55 53.72 3.11
N LEU F 34 -33.23 55.00 3.24
CA LEU F 34 -33.22 55.93 2.08
C LEU F 34 -34.67 56.39 1.75
N ASP F 35 -34.97 57.67 1.83
CA ASP F 35 -36.37 58.13 1.71
C ASP F 35 -36.97 58.30 3.09
N ALA F 36 -38.17 58.92 3.16
CA ALA F 36 -38.82 59.17 4.46
C ALA F 36 -39.19 58.00 5.51
N GLY F 37 -38.31 56.98 5.64
CA GLY F 37 -38.35 55.87 6.61
C GLY F 37 -36.98 55.45 7.20
N PHE F 38 -36.39 56.41 7.93
CA PHE F 38 -37.04 57.53 8.69
C PHE F 38 -37.91 56.92 9.81
N ARG F 39 -38.50 55.83 9.38
CA ARG F 39 -39.12 54.85 10.24
C ARG F 39 -37.94 54.06 10.88
N GLY F 40 -36.96 54.90 11.35
CA GLY F 40 -35.90 54.62 12.33
C GLY F 40 -36.29 54.64 13.84
N GLU F 41 -36.30 53.49 14.51
CA GLU F 41 -36.94 53.34 15.83
C GLU F 41 -35.99 52.79 16.96
N PRO F 42 -36.04 53.35 18.19
CA PRO F 42 -35.11 52.84 19.23
C PRO F 42 -35.38 51.41 19.44
N GLY F 43 -34.36 50.61 19.65
CA GLY F 43 -34.51 49.19 19.88
C GLY F 43 -34.68 48.28 18.69
N ARG F 44 -35.29 48.78 17.60
CA ARG F 44 -35.65 47.92 16.49
C ARG F 44 -34.51 47.36 15.66
N TYR F 45 -33.42 48.11 15.52
CA TYR F 45 -32.28 47.76 14.63
C TYR F 45 -30.99 47.30 15.31
N HIS F 46 -30.28 46.40 14.65
CA HIS F 46 -29.10 45.75 15.23
C HIS F 46 -27.98 45.84 14.23
N LEU F 47 -26.77 46.16 14.69
CA LEU F 47 -25.64 46.32 13.79
C LEU F 47 -24.60 45.24 13.95
N TYR F 48 -24.37 44.49 12.88
CA TYR F 48 -23.32 43.44 12.83
C TYR F 48 -22.06 44.05 12.36
N ALA F 49 -21.02 44.07 13.17
CA ALA F 49 -19.79 44.74 12.74
C ALA F 49 -18.48 44.09 13.16
N GLY F 50 -17.44 44.90 13.13
CA GLY F 50 -16.13 44.44 13.56
C GLY F 50 -15.17 45.58 13.81
N PHE F 51 -14.11 45.28 14.54
CA PHE F 51 -13.07 46.29 14.75
C PHE F 51 -12.11 46.35 13.58
N ALA F 52 -12.03 45.27 12.81
CA ALA F 52 -10.99 45.17 11.83
C ALA F 52 -11.36 45.77 10.48
N CYS F 53 -12.56 45.56 9.99
CA CYS F 53 -12.78 45.99 8.61
C CYS F 53 -13.25 47.41 8.58
N PRO F 54 -12.60 48.23 7.74
CA PRO F 54 -12.84 49.67 7.74
C PRO F 54 -14.22 50.04 7.19
N TRP F 55 -14.85 49.15 6.43
CA TRP F 55 -16.20 49.43 6.02
C TRP F 55 -17.05 49.45 7.29
N ALA F 56 -17.18 48.35 8.01
CA ALA F 56 -17.73 48.42 9.37
C ALA F 56 -17.29 49.67 10.20
N HIS F 57 -15.99 49.93 10.32
CA HIS F 57 -15.55 51.14 11.02
C HIS F 57 -16.35 52.38 10.65
N ARG F 58 -16.59 52.60 9.35
CA ARG F 58 -17.39 53.75 8.92
C ARG F 58 -18.63 53.86 9.82
N VAL F 59 -19.50 52.85 9.75
CA VAL F 59 -20.70 52.86 10.59
C VAL F 59 -20.50 52.86 12.10
N LEU F 60 -19.50 52.17 12.61
CA LEU F 60 -19.15 52.37 14.02
C LEU F 60 -18.96 53.84 14.40
N ILE F 61 -18.21 54.56 13.56
CA ILE F 61 -17.94 55.94 13.85
C ILE F 61 -19.22 56.71 13.81
N MET F 62 -20.04 56.46 12.80
CA MET F 62 -21.27 57.23 12.71
C MET F 62 -22.20 56.90 13.86
N ARG F 63 -22.30 55.59 14.21
CA ARG F 63 -23.12 55.13 15.34
C ARG F 63 -22.74 55.83 16.63
N ALA F 64 -21.43 55.96 16.82
CA ALA F 64 -20.86 56.65 17.96
C ALA F 64 -21.20 58.15 18.00
N LEU F 65 -21.05 58.86 16.88
CA LEU F 65 -21.17 60.32 16.86
C LEU F 65 -22.62 60.78 16.99
N LYS F 66 -23.56 59.91 16.66
CA LYS F 66 -24.96 60.26 16.73
C LYS F 66 -25.57 59.82 18.03
N GLY F 67 -24.75 59.28 18.94
CA GLY F 67 -25.24 58.76 20.21
C GLY F 67 -26.40 57.78 20.05
N LEU F 68 -26.10 56.66 19.41
CA LEU F 68 -27.12 55.68 19.13
C LEU F 68 -26.63 54.31 19.59
N GLU F 69 -25.67 54.30 20.52
CA GLU F 69 -25.03 53.05 20.89
C GLU F 69 -25.97 52.21 21.74
N GLU F 70 -26.85 52.87 22.43
CA GLU F 70 -27.82 52.17 23.27
C GLU F 70 -29.13 51.95 22.49
N MET F 71 -29.38 52.67 21.40
CA MET F 71 -30.58 52.39 20.62
C MET F 71 -30.34 51.51 19.39
N ILE F 72 -29.09 51.18 19.14
CA ILE F 72 -28.77 50.21 18.12
C ILE F 72 -27.74 49.27 18.71
N SER F 73 -28.15 48.06 19.10
CA SER F 73 -27.18 47.11 19.62
C SER F 73 -26.24 46.56 18.55
N VAL F 74 -25.07 46.06 18.97
CA VAL F 74 -24.09 45.46 18.04
C VAL F 74 -23.65 44.06 18.39
N SER F 75 -23.20 43.36 17.37
CA SER F 75 -22.46 42.12 17.55
C SER F 75 -21.15 42.37 16.84
N MET F 76 -20.12 41.65 17.24
CA MET F 76 -18.81 42.06 16.80
C MET F 76 -17.99 40.82 16.54
N VAL F 77 -17.52 40.71 15.30
CA VAL F 77 -16.95 39.45 14.83
C VAL F 77 -15.53 39.25 15.26
N ASN F 78 -15.14 37.98 15.31
CA ASN F 78 -13.78 37.57 15.58
C ASN F 78 -12.83 38.25 14.60
N ALA F 79 -11.55 38.28 14.92
CA ALA F 79 -10.61 38.96 14.08
C ALA F 79 -10.13 38.02 12.97
N TYR F 80 -10.22 36.72 13.26
CA TYR F 80 -9.73 35.72 12.34
C TYR F 80 -10.78 35.28 11.34
N MET F 81 -10.52 35.55 10.06
CA MET F 81 -11.45 35.29 8.97
C MET F 81 -10.96 34.10 8.20
N GLY F 82 -11.52 32.92 8.53
CA GLY F 82 -10.94 31.65 8.12
C GLY F 82 -11.70 31.00 6.99
N GLU F 83 -11.84 29.69 7.06
CA GLU F 83 -12.60 28.99 6.05
C GLU F 83 -14.10 29.27 6.14
N ASN F 84 -14.58 29.66 7.32
CA ASN F 84 -16.00 30.00 7.44
C ASN F 84 -16.29 31.49 7.29
N GLY F 85 -15.22 32.20 7.02
CA GLY F 85 -15.40 33.62 6.85
C GLY F 85 -15.54 34.21 8.21
N TRP F 86 -16.22 35.35 8.28
CA TRP F 86 -16.29 36.05 9.54
C TRP F 86 -17.02 35.19 10.56
N THR F 87 -16.43 35.08 11.72
CA THR F 87 -16.90 34.18 12.77
C THR F 87 -17.41 34.97 13.97
N PHE F 88 -18.12 34.33 14.88
CA PHE F 88 -18.44 34.96 16.15
C PHE F 88 -17.92 34.10 17.26
N LEU F 89 -17.00 33.21 16.95
CA LEU F 89 -16.35 32.39 17.95
C LEU F 89 -15.63 33.26 18.96
N PRO F 90 -15.51 32.78 20.19
CA PRO F 90 -14.75 33.30 21.31
C PRO F 90 -13.85 34.48 21.07
N GLY F 91 -12.69 34.32 20.47
CA GLY F 91 -11.78 35.48 20.30
C GLY F 91 -11.78 36.86 21.05
N ASP F 92 -10.84 37.74 20.72
CA ASP F 92 -10.76 39.06 21.40
C ASP F 92 -11.74 40.04 20.82
N ASP F 93 -12.38 40.83 21.65
CA ASP F 93 -13.24 41.90 21.15
C ASP F 93 -14.51 41.35 20.55
N VAL F 94 -14.65 40.03 20.51
CA VAL F 94 -15.86 39.40 19.98
C VAL F 94 -17.08 39.67 20.85
N VAL F 95 -18.23 39.88 20.23
CA VAL F 95 -19.50 40.09 20.91
C VAL F 95 -20.49 39.33 20.05
N PRO F 96 -21.03 38.25 20.61
CA PRO F 96 -21.77 37.19 19.95
C PRO F 96 -23.06 37.65 19.36
N ASP F 97 -23.57 36.81 18.48
CA ASP F 97 -24.83 37.07 17.85
C ASP F 97 -25.96 36.81 18.88
N SER F 98 -26.16 37.77 19.78
CA SER F 98 -27.42 37.80 20.51
C SER F 98 -28.39 37.71 19.39
N ILE F 99 -29.65 37.69 19.67
CA ILE F 99 -30.56 37.90 18.52
C ILE F 99 -30.47 36.87 17.35
N ASN F 100 -29.94 35.67 17.57
CA ASN F 100 -29.84 34.61 16.54
C ASN F 100 -28.83 33.52 16.87
N GLY F 101 -27.83 33.85 17.71
CA GLY F 101 -26.70 32.99 18.02
C GLY F 101 -25.92 32.28 16.92
N ALA F 102 -25.70 32.92 15.78
CA ALA F 102 -24.88 32.28 14.75
C ALA F 102 -23.45 32.10 15.24
N ASP F 103 -22.79 31.09 14.70
CA ASP F 103 -21.35 30.98 14.78
C ASP F 103 -20.68 31.75 13.68
N TYR F 104 -21.19 31.59 12.48
CA TYR F 104 -20.56 32.14 11.30
C TYR F 104 -21.36 33.31 10.73
N LEU F 105 -20.70 34.31 10.16
CA LEU F 105 -21.49 35.45 9.74
C LEU F 105 -22.43 34.98 8.68
N TYR F 106 -21.99 33.99 7.88
CA TYR F 106 -22.85 33.57 6.80
C TYR F 106 -24.18 33.03 7.30
N GLN F 107 -24.24 32.60 8.56
CA GLN F 107 -25.50 32.02 9.05
C GLN F 107 -26.58 33.03 9.27
N VAL F 108 -26.13 34.29 9.36
CA VAL F 108 -26.99 35.44 9.57
C VAL F 108 -27.72 35.75 8.30
N TYR F 109 -27.04 35.60 7.16
CA TYR F 109 -27.64 35.90 5.86
C TYR F 109 -28.73 34.88 5.55
N THR F 110 -28.39 33.66 5.89
CA THR F 110 -29.20 32.49 5.67
C THR F 110 -30.49 32.59 6.40
N ALA F 111 -30.40 32.92 7.68
CA ALA F 111 -31.54 33.07 8.55
C ALA F 111 -32.70 33.84 7.91
N ALA F 112 -32.38 34.90 7.19
CA ALA F 112 -33.41 35.61 6.48
C ALA F 112 -33.68 34.96 5.12
N ASP F 113 -32.65 34.72 4.32
CA ASP F 113 -32.86 34.24 2.95
C ASP F 113 -32.17 32.90 2.58
N PRO F 114 -32.69 31.74 3.07
CA PRO F 114 -32.05 30.41 3.03
C PRO F 114 -31.58 29.92 1.66
N THR F 115 -31.99 30.58 0.59
CA THR F 115 -31.35 30.38 -0.70
C THR F 115 -30.10 31.28 -0.86
N TYR F 116 -30.28 32.59 -0.58
CA TYR F 116 -29.27 33.65 -0.79
C TYR F 116 -27.98 33.33 -1.58
N THR F 117 -27.77 34.03 -2.68
CA THR F 117 -26.55 33.84 -3.43
C THR F 117 -25.85 35.16 -3.41
N GLY F 118 -24.62 35.21 -2.87
CA GLY F 118 -23.99 36.50 -2.61
C GLY F 118 -22.76 36.50 -1.70
N ARG F 119 -22.12 37.66 -1.66
CA ARG F 119 -20.98 37.85 -0.79
C ARG F 119 -21.50 37.93 0.65
N VAL F 120 -20.72 37.48 1.64
CA VAL F 120 -21.10 37.57 3.04
C VAL F 120 -20.22 38.60 3.72
N THR F 121 -20.74 39.82 3.88
CA THR F 121 -19.95 40.97 4.35
C THR F 121 -20.51 41.64 5.58
N ILE F 122 -19.74 42.60 6.10
CA ILE F 122 -20.20 43.55 7.10
C ILE F 122 -19.81 44.92 6.60
N PRO F 123 -20.38 46.00 7.17
CA PRO F 123 -21.35 46.03 8.28
C PRO F 123 -22.69 45.59 7.76
N ILE F 124 -23.61 45.26 8.65
CA ILE F 124 -24.97 44.83 8.32
C ILE F 124 -25.87 45.50 9.29
N LEU F 125 -27.02 45.97 8.84
CA LEU F 125 -27.97 46.55 9.77
C LEU F 125 -29.28 45.79 9.66
N TRP F 126 -29.65 45.17 10.78
CA TRP F 126 -30.65 44.13 10.81
C TRP F 126 -31.89 44.69 11.44
N ASP F 127 -33.05 44.38 10.87
CA ASP F 127 -34.36 44.81 11.37
C ASP F 127 -34.80 43.72 12.30
N LYS F 128 -34.73 43.92 13.62
CA LYS F 128 -35.02 42.81 14.55
C LYS F 128 -36.45 42.32 14.43
N VAL F 129 -37.39 43.26 14.26
CA VAL F 129 -38.81 42.95 14.11
C VAL F 129 -39.12 42.10 12.86
N GLU F 130 -38.70 42.57 11.69
CA GLU F 130 -38.95 41.82 10.45
C GLU F 130 -37.96 40.65 10.23
N LYS F 131 -36.96 40.56 11.10
CA LYS F 131 -36.12 39.38 11.17
C LYS F 131 -35.44 39.20 9.86
N ARG F 132 -34.78 40.26 9.40
CA ARG F 132 -34.22 40.28 8.05
C ARG F 132 -33.30 41.47 7.91
N ILE F 133 -32.42 41.38 6.92
CA ILE F 133 -31.45 42.44 6.72
C ILE F 133 -32.00 43.65 6.00
N LEU F 134 -31.88 44.83 6.63
CA LEU F 134 -32.37 46.07 6.05
C LEU F 134 -31.42 46.63 5.02
N ASN F 135 -30.23 46.98 5.46
CA ASN F 135 -29.23 47.44 4.56
C ASN F 135 -27.82 46.95 4.93
N ASN F 136 -27.05 46.47 3.96
CA ASN F 136 -25.75 45.96 4.26
C ASN F 136 -24.76 46.65 3.38
N GLU F 137 -25.11 47.85 2.97
CA GLU F 137 -24.20 48.74 2.27
C GLU F 137 -23.60 49.84 3.16
N SER F 138 -22.34 49.62 3.52
CA SER F 138 -21.48 50.56 4.23
C SER F 138 -21.85 52.04 4.12
N SER F 139 -21.95 52.54 2.90
CA SER F 139 -22.11 53.98 2.68
C SER F 139 -23.55 54.45 2.83
N GLU F 140 -24.50 53.53 2.67
CA GLU F 140 -25.90 53.89 2.82
C GLU F 140 -26.29 53.83 4.30
N ILE F 141 -25.80 52.82 5.01
CA ILE F 141 -26.07 52.78 6.43
C ILE F 141 -25.61 54.11 7.01
N ILE F 142 -24.37 54.48 6.69
CA ILE F 142 -23.81 55.75 7.14
C ILE F 142 -24.85 56.88 7.08
N ARG F 143 -25.57 56.92 5.98
CA ARG F 143 -26.45 58.02 5.66
C ARG F 143 -27.72 57.90 6.43
N ILE F 144 -28.18 56.65 6.60
CA ILE F 144 -29.38 56.38 7.40
C ILE F 144 -29.21 56.77 8.85
N LEU F 145 -28.09 56.39 9.45
CA LEU F 145 -27.97 56.71 10.84
C LEU F 145 -27.84 58.22 10.92
N ASN F 146 -27.42 58.83 9.83
CA ASN F 146 -27.18 60.26 9.83
C ASN F 146 -28.40 61.11 10.15
N SER F 147 -29.56 60.60 9.80
CA SER F 147 -30.77 61.38 9.98
C SER F 147 -32.02 60.63 10.50
N ALA F 148 -32.12 59.33 10.23
CA ALA F 148 -33.37 58.60 10.42
C ALA F 148 -33.78 58.49 11.87
N PHE F 149 -32.84 58.78 12.76
CA PHE F 149 -33.09 58.63 14.18
C PHE F 149 -33.13 59.99 14.83
N ASP F 150 -33.20 61.01 14.01
CA ASP F 150 -33.02 62.36 14.54
C ASP F 150 -34.13 62.74 15.51
N ASP F 151 -35.32 62.11 15.34
CA ASP F 151 -36.57 62.48 16.05
C ASP F 151 -36.97 61.61 17.25
N VAL F 152 -36.00 61.10 17.98
CA VAL F 152 -36.25 59.89 18.70
C VAL F 152 -35.01 59.76 19.55
N GLY F 153 -34.13 60.75 19.43
CA GLY F 153 -33.10 60.98 20.42
C GLY F 153 -31.67 60.93 19.96
N ALA F 154 -31.47 60.77 18.66
CA ALA F 154 -30.10 60.83 18.19
C ALA F 154 -29.59 62.23 18.40
N LEU F 155 -28.32 62.31 18.75
CA LEU F 155 -27.61 63.57 18.88
C LEU F 155 -27.70 64.31 17.58
N PRO F 156 -27.80 65.65 17.67
CA PRO F 156 -27.92 66.46 16.48
C PRO F 156 -26.63 66.25 15.72
N GLY F 157 -26.73 66.17 14.41
CA GLY F 157 -25.57 66.01 13.53
C GLY F 157 -26.04 65.88 12.09
N ASP F 158 -25.33 66.53 11.17
CA ASP F 158 -25.59 66.35 9.75
C ASP F 158 -24.25 66.23 9.12
N TYR F 159 -23.91 64.99 8.75
CA TYR F 159 -22.63 64.68 8.18
C TYR F 159 -22.67 64.60 6.67
N TYR F 160 -23.83 64.92 6.12
CA TYR F 160 -23.98 64.96 4.67
C TYR F 160 -24.90 66.11 4.38
N PRO F 161 -24.52 67.31 4.84
CA PRO F 161 -25.34 68.50 4.68
C PRO F 161 -25.57 68.79 3.20
N ALA F 162 -26.81 69.17 2.88
CA ALA F 162 -27.21 69.36 1.50
C ALA F 162 -26.29 70.31 0.73
N GLU F 163 -25.88 71.41 1.38
CA GLU F 163 -25.10 72.43 0.67
C GLU F 163 -23.89 71.82 -0.02
N PHE F 164 -23.15 71.00 0.73
CA PHE F 164 -21.87 70.55 0.25
C PHE F 164 -21.90 69.16 -0.35
N ARG F 165 -23.09 68.63 -0.59
CA ARG F 165 -23.16 67.27 -1.09
C ARG F 165 -22.33 67.04 -2.35
N PRO F 166 -22.43 67.96 -3.31
CA PRO F 166 -21.56 67.98 -4.48
C PRO F 166 -20.07 67.82 -4.14
N GLU F 167 -19.55 68.62 -3.22
CA GLU F 167 -18.14 68.46 -2.94
C GLU F 167 -17.86 67.13 -2.24
N ILE F 168 -18.74 66.75 -1.31
CA ILE F 168 -18.61 65.52 -0.58
C ILE F 168 -18.65 64.35 -1.57
N ASP F 169 -19.69 64.27 -2.40
CA ASP F 169 -19.83 63.18 -3.38
C ASP F 169 -18.55 62.96 -4.18
N ARG F 170 -17.95 64.08 -4.58
CA ARG F 170 -16.83 64.10 -5.53
C ARG F 170 -15.65 63.47 -4.86
N ILE F 171 -15.22 64.09 -3.77
CA ILE F 171 -14.15 63.62 -2.91
C ILE F 171 -14.33 62.18 -2.54
N ASN F 172 -15.56 61.85 -2.17
CA ASN F 172 -15.89 60.47 -1.84
C ASN F 172 -15.69 59.50 -2.98
N ALA F 173 -16.06 59.90 -4.18
CA ALA F 173 -15.87 59.02 -5.30
C ALA F 173 -14.39 58.78 -5.56
N ARG F 174 -13.56 59.79 -5.35
CA ARG F 174 -12.15 59.62 -5.64
C ARG F 174 -11.58 58.73 -4.57
N VAL F 175 -11.78 59.15 -3.33
CA VAL F 175 -11.18 58.44 -2.23
C VAL F 175 -11.57 56.97 -2.23
N TYR F 176 -12.83 56.70 -2.50
CA TYR F 176 -13.32 55.34 -2.52
C TYR F 176 -12.62 54.41 -3.49
N GLU F 177 -12.59 54.80 -4.75
CA GLU F 177 -12.02 53.95 -5.76
C GLU F 177 -10.48 53.90 -5.76
N THR F 178 -9.79 54.91 -5.27
CA THR F 178 -8.33 54.89 -5.37
C THR F 178 -7.58 54.67 -4.05
N LEU F 179 -8.29 54.90 -2.92
CA LEU F 179 -7.71 54.77 -1.58
C LEU F 179 -8.43 53.74 -0.72
N ASN F 180 -9.71 53.95 -0.43
CA ASN F 180 -10.48 52.96 0.32
C ASN F 180 -10.29 51.56 -0.27
N ASN F 181 -10.53 51.43 -1.56
CA ASN F 181 -10.29 50.19 -2.25
C ASN F 181 -8.86 50.08 -2.77
N GLY F 182 -8.25 51.21 -3.02
CA GLY F 182 -6.91 51.21 -3.54
C GLY F 182 -5.99 50.32 -2.73
N VAL F 183 -6.01 50.46 -1.41
CA VAL F 183 -5.11 49.65 -0.60
C VAL F 183 -5.26 48.14 -0.89
N TYR F 184 -6.46 47.71 -1.27
CA TYR F 184 -6.75 46.29 -1.43
C TYR F 184 -6.32 45.81 -2.79
N ARG F 185 -6.54 46.65 -3.80
CA ARG F 185 -6.08 46.31 -5.13
C ARG F 185 -4.56 46.21 -5.09
N SER F 186 -3.92 47.17 -4.47
CA SER F 186 -2.50 47.01 -4.27
C SER F 186 -2.16 45.66 -3.64
N GLY F 187 -2.81 45.39 -2.52
CA GLY F 187 -2.45 44.27 -1.69
C GLY F 187 -2.73 42.96 -2.36
N PHE F 188 -3.90 42.85 -2.98
CA PHE F 188 -4.20 41.58 -3.62
C PHE F 188 -3.84 41.42 -5.07
N ALA F 189 -3.12 42.41 -5.60
CA ALA F 189 -2.58 42.37 -6.97
C ALA F 189 -1.65 41.18 -7.06
N THR F 190 -1.70 40.42 -8.14
CA THR F 190 -0.92 39.20 -8.23
C THR F 190 0.24 39.26 -9.22
N THR F 191 0.40 40.40 -9.89
CA THR F 191 1.54 40.64 -10.76
C THR F 191 2.14 41.97 -10.42
N GLN F 192 3.43 42.13 -10.71
CA GLN F 192 4.01 43.43 -10.58
C GLN F 192 3.21 44.54 -11.28
N GLU F 193 2.81 44.33 -12.53
CA GLU F 193 2.13 45.42 -13.22
C GLU F 193 0.81 45.79 -12.57
N ALA F 194 0.06 44.80 -12.09
CA ALA F 194 -1.23 45.05 -11.45
C ALA F 194 -1.07 45.83 -10.14
N TYR F 195 -0.12 45.41 -9.33
CA TYR F 195 0.29 46.17 -8.17
C TYR F 195 0.61 47.62 -8.52
N GLU F 196 1.58 47.82 -9.41
CA GLU F 196 1.96 49.20 -9.74
C GLU F 196 0.82 50.03 -10.30
N GLU F 197 -0.16 49.36 -10.89
CA GLU F 197 -1.27 50.03 -11.50
C GLU F 197 -2.27 50.64 -10.50
N ALA F 198 -2.34 50.05 -9.30
CA ALA F 198 -3.20 50.56 -8.24
C ALA F 198 -2.37 51.42 -7.31
N PHE F 199 -1.14 50.96 -7.02
CA PHE F 199 -0.33 51.66 -6.01
C PHE F 199 -0.08 53.14 -6.29
N TYR F 200 0.23 53.47 -7.52
CA TYR F 200 0.51 54.84 -7.88
C TYR F 200 -0.71 55.76 -7.79
N PRO F 201 -1.79 55.51 -8.59
CA PRO F 201 -2.95 56.38 -8.44
C PRO F 201 -3.35 56.59 -6.97
N LEU F 202 -3.05 55.61 -6.12
CA LEU F 202 -3.39 55.67 -4.71
C LEU F 202 -2.56 56.76 -4.02
N PHE F 203 -1.25 56.74 -4.22
CA PHE F 203 -0.44 57.78 -3.62
C PHE F 203 -0.68 59.13 -4.29
N ASP F 204 -1.03 59.14 -5.58
CA ASP F 204 -1.44 60.37 -6.24
C ASP F 204 -2.61 61.00 -5.48
N THR F 205 -3.63 60.20 -5.18
CA THR F 205 -4.77 60.66 -4.38
C THR F 205 -4.42 61.15 -2.96
N LEU F 206 -3.45 60.51 -2.34
CA LEU F 206 -2.93 61.02 -1.08
C LEU F 206 -2.26 62.38 -1.30
N ASP F 207 -1.43 62.50 -2.34
CA ASP F 207 -0.76 63.75 -2.67
C ASP F 207 -1.83 64.80 -2.82
N TRP F 208 -2.88 64.44 -3.54
CA TRP F 208 -4.02 65.32 -3.71
C TRP F 208 -4.67 65.75 -2.40
N LEU F 209 -4.95 64.78 -1.53
CA LEU F 209 -5.56 65.12 -0.26
C LEU F 209 -4.66 66.02 0.60
N GLU F 210 -3.36 65.72 0.67
CA GLU F 210 -2.45 66.56 1.45
C GLU F 210 -2.55 68.00 1.00
N GLU F 211 -2.71 68.20 -0.31
CA GLU F 211 -2.85 69.54 -0.88
C GLU F 211 -4.19 70.17 -0.47
N HIS F 212 -5.23 69.38 -0.59
CA HIS F 212 -6.57 69.87 -0.34
C HIS F 212 -6.76 70.33 1.09
N LEU F 213 -5.99 69.76 2.01
CA LEU F 213 -6.25 69.94 3.42
C LEU F 213 -5.28 70.93 3.94
N THR F 214 -4.81 71.76 3.03
CA THR F 214 -3.65 72.55 3.37
C THR F 214 -3.94 73.68 4.37
N GLY F 215 -5.04 74.41 4.19
CA GLY F 215 -5.45 75.38 5.21
C GLY F 215 -6.68 74.94 5.97
N ARG F 216 -7.08 73.70 5.71
CA ARG F 216 -8.34 73.21 6.17
C ARG F 216 -8.20 72.37 7.45
N GLU F 217 -9.31 72.22 8.17
CA GLU F 217 -9.34 71.41 9.37
C GLU F 217 -10.07 70.12 9.04
N TRP F 218 -10.92 70.20 8.02
CA TRP F 218 -11.69 69.07 7.51
C TRP F 218 -11.81 69.12 5.99
N LEU F 219 -12.09 67.98 5.39
CA LEU F 219 -12.18 67.90 3.95
C LEU F 219 -13.16 68.87 3.29
N VAL F 220 -14.29 69.13 3.93
CA VAL F 220 -15.35 69.84 3.24
C VAL F 220 -16.08 70.72 4.20
N GLY F 221 -16.58 71.85 3.71
CA GLY F 221 -17.12 72.84 4.60
C GLY F 221 -15.99 73.14 5.56
N ASP F 222 -16.31 73.74 6.69
CA ASP F 222 -15.30 73.64 7.71
C ASP F 222 -15.89 72.82 8.80
N ARG F 223 -16.69 71.84 8.36
CA ARG F 223 -17.36 70.90 9.21
C ARG F 223 -16.70 69.55 9.06
N LEU F 224 -16.76 68.72 10.11
CA LEU F 224 -16.68 67.26 9.96
C LEU F 224 -17.92 66.70 9.27
N THR F 225 -17.70 65.87 8.26
CA THR F 225 -18.79 65.35 7.43
C THR F 225 -18.37 63.99 6.97
N GLU F 226 -19.29 63.27 6.33
CA GLU F 226 -19.06 61.86 6.02
C GLU F 226 -17.84 61.64 5.17
N ALA F 227 -17.38 62.66 4.49
CA ALA F 227 -16.21 62.50 3.68
C ALA F 227 -15.01 62.22 4.56
N ASP F 228 -14.94 62.86 5.74
CA ASP F 228 -13.84 62.54 6.65
C ASP F 228 -14.09 61.18 7.27
N ILE F 229 -15.34 60.91 7.64
CA ILE F 229 -15.70 59.64 8.24
C ILE F 229 -15.45 58.43 7.37
N ARG F 230 -15.53 58.60 6.05
CA ARG F 230 -15.20 57.46 5.18
C ARG F 230 -13.71 57.38 4.88
N LEU F 231 -12.99 58.50 5.00
CA LEU F 231 -11.56 58.45 4.71
C LEU F 231 -10.82 57.95 5.93
N PHE F 232 -11.35 58.25 7.10
CA PHE F 232 -10.61 57.97 8.30
C PHE F 232 -10.24 56.47 8.47
N PRO F 233 -11.23 55.58 8.42
CA PRO F 233 -10.92 54.15 8.58
C PRO F 233 -9.68 53.71 7.79
N THR F 234 -9.57 54.15 6.54
CA THR F 234 -8.41 53.78 5.76
C THR F 234 -7.11 54.41 6.21
N LEU F 235 -7.11 55.70 6.53
CA LEU F 235 -5.88 56.28 7.08
C LEU F 235 -5.45 55.59 8.37
N VAL F 236 -6.35 55.42 9.31
CA VAL F 236 -5.95 54.97 10.64
C VAL F 236 -5.28 53.58 10.64
N ARG F 237 -5.51 52.81 9.59
CA ARG F 237 -4.93 51.48 9.53
C ARG F 237 -3.77 51.49 8.54
N PHE F 238 -3.52 52.68 7.96
CA PHE F 238 -2.55 52.82 6.85
C PHE F 238 -1.14 52.49 7.32
N ASP F 239 -0.62 53.26 8.27
CA ASP F 239 0.74 53.04 8.71
C ASP F 239 0.92 51.67 9.40
N ALA F 240 -0.05 51.25 10.21
CA ALA F 240 0.06 49.94 10.88
C ALA F 240 -0.16 48.68 10.02
N ILE F 241 -0.91 48.77 8.94
CA ILE F 241 -1.30 47.55 8.24
C ILE F 241 -1.07 47.70 6.74
N TYR F 242 -1.70 48.72 6.15
CA TYR F 242 -1.66 48.79 4.69
C TYR F 242 -0.24 48.93 4.16
N HIS F 243 0.56 49.71 4.86
CA HIS F 243 1.85 50.13 4.36
C HIS F 243 2.82 48.99 4.33
N GLY F 244 2.73 48.11 5.32
CA GLY F 244 3.52 46.89 5.28
C GLY F 244 2.81 45.77 4.54
N HIS F 245 1.66 45.33 5.04
CA HIS F 245 0.93 44.20 4.44
C HIS F 245 0.65 44.39 2.93
N PHE F 246 0.07 45.52 2.56
CA PHE F 246 -0.36 45.67 1.19
C PHE F 246 0.61 46.49 0.41
N LYS F 247 1.82 46.62 0.95
CA LYS F 247 2.90 47.30 0.25
C LYS F 247 2.51 48.68 -0.17
N CYS F 248 1.73 49.39 0.61
CA CYS F 248 1.43 50.75 0.18
C CYS F 248 2.46 51.64 0.82
N ASN F 249 3.70 51.52 0.35
CA ASN F 249 4.80 52.03 1.13
C ASN F 249 5.62 53.14 0.49
N LEU F 250 5.01 53.98 -0.31
CA LEU F 250 5.82 55.01 -0.93
C LEU F 250 6.27 55.96 0.16
N ARG F 251 5.31 56.37 0.99
CA ARG F 251 5.53 57.23 2.14
C ARG F 251 4.57 56.69 3.22
N ARG F 252 4.68 57.19 4.45
CA ARG F 252 3.77 56.82 5.50
C ARG F 252 2.79 57.96 5.59
N ILE F 253 1.64 57.76 6.19
CA ILE F 253 0.81 58.91 6.48
C ILE F 253 1.51 59.89 7.44
N ALA F 254 2.49 59.41 8.18
CA ALA F 254 3.30 60.30 8.99
C ALA F 254 4.10 61.26 8.13
N ASP F 255 4.23 60.99 6.83
CA ASP F 255 5.02 61.87 5.97
C ASP F 255 4.16 62.95 5.34
N TYR F 256 2.85 62.79 5.46
CA TYR F 256 1.94 63.87 5.13
C TYR F 256 1.49 64.58 6.41
N PRO F 257 2.00 65.80 6.61
CA PRO F 257 1.71 66.48 7.87
C PRO F 257 0.27 66.90 7.92
N ASN F 258 -0.37 67.21 6.79
CA ASN F 258 -1.76 67.66 6.91
C ASN F 258 -2.74 66.55 7.08
N LEU F 259 -2.56 65.44 6.39
CA LEU F 259 -3.40 64.26 6.55
C LEU F 259 -3.15 63.79 7.95
N SER F 260 -1.89 63.77 8.36
CA SER F 260 -1.61 63.36 9.73
C SER F 260 -2.27 64.24 10.82
N ARG F 261 -2.49 65.54 10.57
CA ARG F 261 -3.22 66.38 11.52
C ARG F 261 -4.66 65.88 11.61
N LEU F 262 -5.34 65.82 10.47
CA LEU F 262 -6.68 65.22 10.39
C LEU F 262 -6.79 63.83 11.10
N VAL F 263 -5.95 62.85 10.75
CA VAL F 263 -6.03 61.55 11.39
C VAL F 263 -5.98 61.66 12.91
N GLY F 264 -5.00 62.41 13.42
CA GLY F 264 -4.86 62.63 14.85
C GLY F 264 -6.11 63.25 15.46
N LYS F 265 -6.62 64.30 14.84
CA LYS F 265 -7.80 64.97 15.36
C LYS F 265 -9.01 64.04 15.49
N LEU F 266 -9.35 63.26 14.48
CA LEU F 266 -10.45 62.31 14.64
C LEU F 266 -10.11 61.22 15.68
N ALA F 267 -8.87 60.75 15.68
CA ALA F 267 -8.57 59.62 16.54
C ALA F 267 -8.73 60.05 17.98
N SER F 268 -8.45 61.31 18.24
CA SER F 268 -8.41 61.84 19.60
C SER F 268 -9.74 62.49 20.03
N HIS F 269 -10.72 62.47 19.13
CA HIS F 269 -12.12 62.84 19.42
C HIS F 269 -12.76 61.72 20.27
N GLU F 270 -13.05 62.00 21.54
CA GLU F 270 -13.70 60.97 22.41
C GLU F 270 -14.98 60.68 21.69
N ARG F 271 -15.51 59.48 21.78
CA ARG F 271 -16.63 59.19 20.85
C ARG F 271 -16.18 58.47 19.58
N VAL F 272 -15.08 58.91 18.98
CA VAL F 272 -14.50 58.12 17.90
C VAL F 272 -13.41 57.23 18.50
N ALA F 273 -12.66 57.76 19.45
CA ALA F 273 -11.49 57.02 19.88
C ALA F 273 -11.79 55.57 20.27
N PRO F 274 -12.94 55.35 20.93
CA PRO F 274 -13.22 53.99 21.39
C PRO F 274 -13.73 53.07 20.29
N THR F 275 -13.67 53.53 19.04
CA THR F 275 -14.07 52.66 17.95
C THR F 275 -12.86 52.05 17.25
N ILE F 276 -11.70 52.53 17.64
CA ILE F 276 -10.43 52.17 17.03
C ILE F 276 -9.83 51.08 17.85
N ASN F 277 -9.45 49.97 17.24
CA ASN F 277 -8.67 48.97 17.92
C ASN F 277 -7.66 48.41 16.93
N LEU F 278 -6.53 49.07 16.82
CA LEU F 278 -5.55 48.73 15.83
C LEU F 278 -4.98 47.34 16.03
N ARG F 279 -4.79 46.92 17.28
CA ARG F 279 -4.20 45.62 17.55
C ARG F 279 -5.09 44.50 17.03
N HIS F 280 -6.40 44.64 17.21
CA HIS F 280 -7.33 43.72 16.62
C HIS F 280 -7.10 43.80 15.13
N ALA F 281 -7.39 44.96 14.53
CA ALA F 281 -7.22 45.15 13.07
C ALA F 281 -5.97 44.52 12.49
N LYS F 282 -4.82 44.82 13.08
CA LYS F 282 -3.59 44.12 12.68
C LYS F 282 -3.69 42.60 12.71
N ALA F 283 -4.26 42.01 13.75
CA ALA F 283 -4.33 40.55 13.82
C ALA F 283 -5.11 40.02 12.64
N HIS F 284 -6.17 40.73 12.29
CA HIS F 284 -7.00 40.26 11.22
C HIS F 284 -6.24 40.20 9.92
N TYR F 285 -5.71 41.34 9.50
CA TYR F 285 -5.01 41.41 8.22
C TYR F 285 -3.81 40.46 8.12
N TYR F 286 -2.89 40.50 9.07
CA TYR F 286 -1.74 39.61 8.98
C TYR F 286 -2.06 38.14 9.14
N GLY F 287 -3.21 37.81 9.69
CA GLY F 287 -3.51 36.43 9.99
C GLY F 287 -4.66 35.80 9.22
N SER F 288 -5.27 36.59 8.36
CA SER F 288 -6.41 36.11 7.64
C SER F 288 -6.12 36.02 6.16
N HIS F 289 -4.94 36.48 5.74
CA HIS F 289 -4.67 36.67 4.31
C HIS F 289 -3.47 35.86 3.85
N PRO F 290 -3.59 34.53 3.89
CA PRO F 290 -2.45 33.62 3.70
C PRO F 290 -1.94 33.63 2.26
N SER F 291 -2.75 34.18 1.35
CA SER F 291 -2.32 34.47 -0.02
C SER F 291 -1.23 35.54 -0.06
N VAL F 292 -1.20 36.40 0.95
CA VAL F 292 -0.35 37.57 1.03
C VAL F 292 0.68 37.36 2.12
N ASN F 293 0.25 36.85 3.26
CA ASN F 293 1.18 36.70 4.38
C ASN F 293 1.03 35.31 4.93
N PRO F 294 1.77 34.38 4.36
CA PRO F 294 1.39 32.98 4.56
C PRO F 294 1.85 32.46 5.90
N THR F 295 2.69 33.20 6.64
CA THR F 295 3.15 32.65 7.93
C THR F 295 2.16 33.02 9.03
N GLY F 296 1.28 33.95 8.66
CA GLY F 296 0.36 34.53 9.59
C GLY F 296 0.98 35.31 10.73
N ILE F 297 2.31 35.43 10.77
CA ILE F 297 2.95 36.30 11.75
C ILE F 297 2.39 37.75 11.70
N VAL F 298 2.17 38.33 12.87
CA VAL F 298 1.71 39.72 12.96
C VAL F 298 2.85 40.56 13.51
N PRO F 299 3.45 41.43 12.66
CA PRO F 299 4.66 42.14 13.03
C PRO F 299 4.40 42.92 14.30
N VAL F 300 5.46 43.16 15.04
CA VAL F 300 5.41 43.85 16.28
C VAL F 300 4.84 45.28 16.08
N GLY F 301 4.31 45.53 14.86
CA GLY F 301 3.60 46.77 14.48
C GLY F 301 4.53 47.94 14.57
N PRO F 302 4.13 49.09 14.08
CA PRO F 302 4.98 50.24 14.41
C PRO F 302 4.70 50.68 15.84
N ALA F 303 5.65 50.59 16.75
CA ALA F 303 5.42 51.07 18.09
C ALA F 303 4.95 52.46 17.88
N GLN F 304 3.82 52.79 18.48
CA GLN F 304 3.14 54.07 18.18
C GLN F 304 3.06 54.58 16.72
N PRO F 305 1.99 54.15 15.96
CA PRO F 305 1.74 54.47 14.54
C PRO F 305 0.86 55.69 14.35
N LEU F 306 0.56 56.39 15.45
CA LEU F 306 -0.49 57.37 15.44
C LEU F 306 -0.12 58.41 16.45
N PRO F 307 0.38 59.56 15.98
CA PRO F 307 0.81 60.56 16.96
C PRO F 307 -0.36 61.25 17.74
N GLY F 308 -1.28 61.90 17.00
CA GLY F 308 -2.46 62.51 17.61
C GLY F 308 -2.90 63.91 17.10
N LEU F 309 -3.45 64.71 18.03
CA LEU F 309 -4.06 66.04 17.74
C LEU F 309 -3.24 67.26 18.25
N THR F 310 -2.51 67.91 17.33
CA THR F 310 -1.70 69.13 17.59
C THR F 310 -1.63 70.11 16.37
N LEU F 311 -2.31 71.26 16.48
CA LEU F 311 -2.23 72.34 15.47
C LEU F 311 -2.48 73.74 16.09
N GLN F 312 -3.46 73.83 16.98
CA GLN F 312 -3.88 75.10 17.58
C GLN F 312 -3.51 75.19 19.08
N SER F 313 -4.17 76.10 19.81
CA SER F 313 -3.93 76.30 21.24
C SER F 313 -4.65 75.26 22.12
N GLY G 2 -8.25 -37.01 26.22
CA GLY G 2 -8.70 -37.72 25.03
C GLY G 2 -7.80 -37.56 23.80
N LEU G 3 -8.40 -37.45 22.62
CA LEU G 3 -7.63 -37.14 21.43
C LEU G 3 -8.38 -36.33 20.38
N LEU G 4 -7.65 -35.88 19.35
CA LEU G 4 -8.27 -35.15 18.27
C LEU G 4 -8.74 -36.20 17.28
N ILE G 5 -9.79 -35.84 16.57
CA ILE G 5 -10.41 -36.67 15.55
C ILE G 5 -11.35 -35.71 14.82
N ASP G 6 -10.97 -35.38 13.59
CA ASP G 6 -11.77 -34.55 12.71
C ASP G 6 -11.22 -33.14 12.61
N GLY G 7 -11.07 -32.40 13.70
CA GLY G 7 -11.54 -32.70 15.03
C GLY G 7 -11.40 -31.36 15.69
N VAL G 8 -12.12 -31.04 16.76
CA VAL G 8 -12.91 -31.97 17.55
C VAL G 8 -11.97 -32.70 18.51
N TRP G 9 -11.92 -32.20 19.74
CA TRP G 9 -11.20 -32.84 20.81
C TRP G 9 -12.17 -33.74 21.57
N ARG G 10 -12.15 -35.01 21.24
CA ARG G 10 -13.11 -35.93 21.81
C ARG G 10 -12.44 -36.79 22.87
N ASP G 11 -13.01 -36.79 24.08
CA ASP G 11 -12.41 -37.49 25.22
C ASP G 11 -12.78 -38.98 25.26
N ALA G 12 -14.03 -39.29 24.88
CA ALA G 12 -14.59 -40.64 24.91
C ALA G 12 -14.52 -41.39 23.57
N TRP G 13 -15.35 -42.43 23.44
CA TRP G 13 -15.37 -43.32 22.29
C TRP G 13 -16.37 -42.90 21.21
N GLY G 21 -18.17 -43.80 13.35
CA GLY G 21 -17.07 -42.88 13.52
C GLY G 21 -15.91 -43.17 12.55
N ARG G 22 -14.70 -42.73 12.89
CA ARG G 22 -13.49 -42.98 12.10
C ARG G 22 -12.60 -44.00 12.85
N PHE G 23 -11.54 -44.50 12.20
CA PHE G 23 -10.44 -45.22 12.87
C PHE G 23 -9.19 -44.31 12.90
N VAL G 24 -8.31 -44.49 13.89
CA VAL G 24 -7.38 -43.42 14.29
C VAL G 24 -5.88 -43.54 14.06
N ARG G 25 -5.32 -44.74 14.25
CA ARG G 25 -3.88 -44.94 14.05
C ARG G 25 -3.06 -44.32 15.19
N LYS G 26 -2.33 -45.17 15.90
CA LYS G 26 -1.72 -44.78 17.16
C LYS G 26 -0.50 -43.88 17.01
N GLU G 27 0.32 -44.17 16.01
CA GLU G 27 1.64 -43.56 15.95
C GLU G 27 1.62 -42.09 15.53
N SER G 28 2.83 -41.57 15.38
CA SER G 28 3.03 -40.15 15.23
C SER G 28 3.14 -39.86 13.75
N GLN G 29 2.41 -38.84 13.32
CA GLN G 29 2.11 -38.68 11.90
C GLN G 29 3.03 -37.78 11.10
N TYR G 30 3.92 -37.04 11.77
CA TYR G 30 4.76 -36.05 11.08
C TYR G 30 6.20 -36.52 11.03
N ARG G 31 6.71 -36.88 9.85
CA ARG G 31 8.06 -37.47 9.81
C ARG G 31 9.15 -36.75 8.98
N GLY G 32 9.17 -35.42 9.02
CA GLY G 32 10.08 -34.63 8.21
C GLY G 32 11.46 -34.67 8.79
N GLY G 33 12.39 -33.92 8.21
CA GLY G 33 13.79 -33.97 8.60
C GLY G 33 14.26 -35.36 8.21
N LEU G 34 15.28 -35.88 8.87
CA LEU G 34 15.69 -37.26 8.59
C LEU G 34 16.48 -37.37 7.28
N ASP G 35 15.98 -36.72 6.24
CA ASP G 35 16.41 -36.99 4.88
C ASP G 35 17.71 -36.35 4.36
N ALA G 36 17.69 -36.13 3.06
CA ALA G 36 18.85 -35.71 2.28
C ALA G 36 19.90 -34.83 2.97
N GLY G 37 19.86 -33.56 2.55
CA GLY G 37 20.86 -32.58 2.85
C GLY G 37 20.27 -31.18 2.97
N PHE G 38 19.44 -30.98 3.98
CA PHE G 38 19.12 -31.99 4.98
C PHE G 38 18.15 -31.35 5.95
N ARG G 39 18.21 -30.02 5.97
CA ARG G 39 17.78 -29.17 7.07
C ARG G 39 19.07 -28.36 7.40
N GLY G 40 19.11 -27.49 8.41
CA GLY G 40 18.02 -26.98 9.22
C GLY G 40 18.58 -25.71 9.88
N GLU G 41 17.80 -24.65 10.03
CA GLU G 41 18.43 -23.35 10.25
C GLU G 41 18.13 -22.62 11.59
N PRO G 42 19.02 -21.68 11.99
CA PRO G 42 18.91 -21.21 13.38
C PRO G 42 17.84 -20.20 13.44
N GLY G 43 16.95 -20.35 14.42
CA GLY G 43 15.86 -19.41 14.63
C GLY G 43 14.57 -19.88 14.01
N ARG G 44 14.67 -20.78 13.04
CA ARG G 44 13.49 -21.18 12.31
C ARG G 44 12.61 -22.16 13.06
N TYR G 45 13.18 -22.88 14.02
CA TYR G 45 12.48 -24.02 14.57
C TYR G 45 12.08 -23.84 16.03
N HIS G 46 10.97 -24.46 16.42
CA HIS G 46 10.42 -24.32 17.78
C HIS G 46 10.06 -25.70 18.37
N LEU G 47 10.18 -25.86 19.68
CA LEU G 47 10.02 -27.18 20.26
C LEU G 47 9.04 -27.13 21.37
N TYR G 48 7.97 -27.87 21.21
CA TYR G 48 6.97 -27.99 22.25
C TYR G 48 7.35 -29.17 23.14
N ALA G 49 7.95 -28.97 24.29
CA ALA G 49 8.17 -30.12 25.16
C ALA G 49 7.50 -30.00 26.53
N GLY G 50 8.27 -30.34 27.57
CA GLY G 50 7.78 -30.39 28.93
C GLY G 50 8.66 -31.22 29.85
N PHE G 51 8.39 -31.12 31.14
CA PHE G 51 9.27 -31.75 32.11
C PHE G 51 8.79 -33.10 32.49
N ALA G 52 7.47 -33.25 32.50
CA ALA G 52 6.87 -34.55 32.82
C ALA G 52 7.30 -35.65 31.82
N CYS G 53 6.82 -35.56 30.58
CA CYS G 53 6.90 -36.71 29.67
C CYS G 53 8.30 -37.01 29.14
N PRO G 54 8.73 -38.29 29.22
CA PRO G 54 10.14 -38.64 28.96
C PRO G 54 10.46 -38.74 27.49
N TRP G 55 9.47 -38.96 26.63
CA TRP G 55 9.82 -39.02 25.20
C TRP G 55 10.28 -37.63 24.86
N ALA G 56 9.59 -36.65 25.43
CA ALA G 56 9.97 -35.26 25.24
C ALA G 56 11.34 -35.02 25.87
N HIS G 57 11.52 -35.56 27.06
CA HIS G 57 12.76 -35.41 27.77
C HIS G 57 14.00 -35.78 26.94
N ARG G 58 13.86 -36.74 26.04
CA ARG G 58 15.00 -37.12 25.20
C ARG G 58 15.47 -35.93 24.38
N VAL G 59 14.55 -35.38 23.59
CA VAL G 59 14.88 -34.27 22.71
C VAL G 59 15.36 -33.05 23.51
N LEU G 60 14.86 -32.89 24.73
CA LEU G 60 15.40 -31.86 25.63
C LEU G 60 16.88 -32.03 25.84
N ILE G 61 17.26 -33.26 26.17
CA ILE G 61 18.65 -33.60 26.35
C ILE G 61 19.44 -33.43 25.06
N MET G 62 18.93 -33.98 23.94
CA MET G 62 19.71 -33.84 22.71
C MET G 62 19.87 -32.36 22.44
N ARG G 63 18.78 -31.59 22.56
CA ARG G 63 18.86 -30.14 22.37
C ARG G 63 20.00 -29.52 23.19
N ALA G 64 20.14 -29.96 24.43
CA ALA G 64 21.07 -29.35 25.34
C ALA G 64 22.50 -29.72 25.02
N LEU G 65 22.71 -31.00 24.68
CA LEU G 65 24.06 -31.50 24.40
C LEU G 65 24.57 -30.95 23.08
N LYS G 66 23.68 -30.79 22.09
CA LYS G 66 24.11 -30.27 20.79
C LYS G 66 24.17 -28.75 20.84
N GLY G 67 23.99 -28.21 22.04
CA GLY G 67 24.09 -26.77 22.28
C GLY G 67 23.14 -25.93 21.46
N LEU G 68 21.85 -26.17 21.59
CA LEU G 68 20.87 -25.62 20.68
C LEU G 68 19.81 -24.86 21.41
N GLU G 69 20.12 -24.36 22.60
CA GLU G 69 19.11 -23.70 23.40
C GLU G 69 18.71 -22.31 22.89
N GLU G 70 19.54 -21.70 22.05
CA GLU G 70 19.19 -20.37 21.57
C GLU G 70 18.57 -20.39 20.18
N MET G 71 19.15 -21.17 19.27
CA MET G 71 18.58 -21.30 17.94
C MET G 71 17.29 -22.17 17.87
N ILE G 72 16.97 -22.87 18.96
CA ILE G 72 15.67 -23.59 19.06
C ILE G 72 14.83 -23.24 20.30
N SER G 73 13.90 -22.31 20.14
CA SER G 73 13.05 -21.86 21.25
C SER G 73 12.10 -22.96 21.71
N VAL G 74 11.57 -22.85 22.92
CA VAL G 74 10.73 -23.90 23.45
C VAL G 74 9.37 -23.44 23.98
N SER G 75 8.51 -24.40 24.30
CA SER G 75 7.38 -24.15 25.17
C SER G 75 7.18 -25.36 26.06
N MET G 76 6.75 -25.14 27.28
CA MET G 76 6.73 -26.23 28.21
C MET G 76 5.35 -26.38 28.82
N VAL G 77 4.77 -27.56 28.65
CA VAL G 77 3.41 -27.87 29.08
C VAL G 77 3.23 -27.94 30.59
N ASN G 78 1.99 -27.73 31.01
CA ASN G 78 1.67 -27.84 32.43
C ASN G 78 1.76 -29.28 32.93
N ALA G 79 2.21 -29.48 34.17
CA ALA G 79 2.28 -30.82 34.76
C ALA G 79 0.94 -31.58 34.71
N TYR G 80 -0.18 -30.87 34.89
CA TYR G 80 -1.50 -31.54 34.93
C TYR G 80 -2.05 -31.87 33.56
N MET G 81 -2.40 -33.14 33.35
CA MET G 81 -2.98 -33.56 32.10
C MET G 81 -4.45 -33.95 32.32
N GLY G 82 -5.36 -32.99 32.14
CA GLY G 82 -6.77 -33.18 32.41
C GLY G 82 -7.66 -33.14 31.17
N GLU G 83 -8.92 -32.71 31.36
CA GLU G 83 -9.96 -32.78 30.34
C GLU G 83 -9.51 -32.47 28.91
N ASN G 84 -8.46 -31.66 28.76
CA ASN G 84 -8.05 -31.16 27.43
C ASN G 84 -6.69 -31.65 26.99
N GLY G 85 -6.15 -32.58 27.74
CA GLY G 85 -4.89 -33.15 27.38
C GLY G 85 -3.87 -32.21 27.94
N TRP G 86 -2.70 -32.22 27.32
CA TRP G 86 -1.65 -31.29 27.70
C TRP G 86 -2.14 -29.85 27.53
N THR G 87 -1.58 -28.98 28.35
CA THR G 87 -2.11 -27.66 28.61
C THR G 87 -0.95 -26.66 28.67
N PHE G 88 -1.24 -25.37 28.51
CA PHE G 88 -0.26 -24.32 28.75
C PHE G 88 -0.71 -23.35 29.83
N LEU G 89 -1.88 -23.61 30.39
CA LEU G 89 -2.32 -22.81 31.50
C LEU G 89 -1.14 -22.63 32.47
N PRO G 90 -1.13 -21.52 33.20
CA PRO G 90 -0.06 -21.24 34.15
C PRO G 90 -0.03 -22.27 35.25
N GLY G 91 1.13 -22.41 35.86
CA GLY G 91 1.41 -23.52 36.75
C GLY G 91 2.90 -23.58 36.65
N ASP G 92 3.53 -24.46 37.40
CA ASP G 92 4.98 -24.47 37.48
C ASP G 92 5.63 -24.92 36.20
N ASP G 93 6.86 -24.46 36.00
CA ASP G 93 7.63 -24.81 34.84
C ASP G 93 6.89 -24.71 33.51
N VAL G 94 5.70 -24.13 33.51
CA VAL G 94 5.07 -23.75 32.25
C VAL G 94 5.84 -22.64 31.48
N VAL G 95 5.91 -22.76 30.17
CA VAL G 95 6.41 -21.72 29.27
C VAL G 95 5.40 -21.64 28.15
N PRO G 96 4.62 -20.57 28.08
CA PRO G 96 3.44 -20.62 27.21
C PRO G 96 3.79 -20.66 25.74
N ASP G 97 2.76 -20.90 24.95
CA ASP G 97 2.88 -21.12 23.53
C ASP G 97 3.11 -19.80 22.83
N SER G 98 4.39 -19.42 22.67
CA SER G 98 4.75 -18.07 22.19
C SER G 98 4.44 -17.88 20.72
N ILE G 99 4.19 -19.00 20.04
CA ILE G 99 3.91 -19.03 18.61
C ILE G 99 2.49 -18.60 18.22
N ASN G 100 1.48 -19.41 18.56
CA ASN G 100 0.07 -19.03 18.36
C ASN G 100 -0.79 -19.07 19.65
N GLY G 101 -0.22 -18.61 20.76
CA GLY G 101 -0.95 -18.40 22.01
C GLY G 101 -1.94 -19.45 22.49
N ALA G 102 -1.83 -20.68 21.99
CA ALA G 102 -2.74 -21.76 22.34
C ALA G 102 -2.82 -22.07 23.83
N ASP G 103 -4.03 -22.35 24.30
CA ASP G 103 -4.27 -22.79 25.66
C ASP G 103 -4.01 -24.27 25.83
N TYR G 104 -4.48 -25.04 24.86
CA TYR G 104 -4.38 -26.49 24.93
C TYR G 104 -3.41 -27.01 23.87
N LEU G 105 -2.79 -28.17 24.09
CA LEU G 105 -1.81 -28.64 23.11
C LEU G 105 -2.50 -28.96 21.78
N TYR G 106 -3.74 -29.45 21.85
CA TYR G 106 -4.43 -29.83 20.63
C TYR G 106 -4.67 -28.67 19.69
N GLN G 107 -4.83 -27.48 20.25
CA GLN G 107 -4.99 -26.30 19.44
C GLN G 107 -3.76 -26.10 18.60
N VAL G 108 -2.62 -26.61 19.07
CA VAL G 108 -1.41 -26.47 18.32
C VAL G 108 -1.37 -27.41 17.13
N TYR G 109 -2.00 -28.58 17.23
CA TYR G 109 -2.03 -29.50 16.08
C TYR G 109 -2.94 -28.92 15.03
N THR G 110 -4.01 -28.35 15.56
CA THR G 110 -5.10 -27.74 14.83
C THR G 110 -4.68 -26.61 13.92
N ALA G 111 -4.01 -25.62 14.48
CA ALA G 111 -3.54 -24.47 13.72
C ALA G 111 -2.96 -24.84 12.39
N ALA G 112 -2.22 -25.93 12.37
CA ALA G 112 -1.53 -26.41 11.18
C ALA G 112 -2.49 -27.06 10.21
N ASP G 113 -3.42 -27.89 10.72
CA ASP G 113 -4.35 -28.64 9.88
C ASP G 113 -5.65 -28.90 10.65
N PRO G 114 -6.71 -28.13 10.33
CA PRO G 114 -7.91 -28.10 11.17
C PRO G 114 -8.73 -29.37 11.07
N THR G 115 -8.41 -30.22 10.10
CA THR G 115 -9.06 -31.54 10.00
C THR G 115 -8.11 -32.70 10.31
N TYR G 116 -7.44 -32.58 11.44
CA TYR G 116 -6.45 -33.55 11.84
C TYR G 116 -7.15 -34.54 12.74
N THR G 117 -7.05 -35.81 12.36
CA THR G 117 -7.39 -36.92 13.23
C THR G 117 -6.10 -37.62 13.61
N GLY G 118 -5.93 -37.91 14.90
CA GLY G 118 -4.66 -38.39 15.44
C GLY G 118 -4.48 -38.18 16.95
N ARG G 119 -3.31 -38.47 17.46
CA ARG G 119 -3.10 -38.25 18.88
C ARG G 119 -2.55 -36.86 19.10
N VAL G 120 -2.83 -36.27 20.26
CA VAL G 120 -2.19 -35.01 20.60
C VAL G 120 -1.06 -35.26 21.60
N THR G 121 0.18 -35.05 21.16
CA THR G 121 1.39 -35.45 21.92
C THR G 121 2.66 -34.58 21.75
N ILE G 122 3.47 -34.47 22.81
CA ILE G 122 4.80 -33.86 22.68
C ILE G 122 5.79 -34.99 22.68
N PRO G 123 7.01 -34.77 22.18
CA PRO G 123 7.52 -33.49 21.69
C PRO G 123 7.07 -33.18 20.27
N ILE G 124 7.08 -31.90 19.89
CA ILE G 124 6.77 -31.42 18.55
C ILE G 124 7.88 -30.51 18.07
N LEU G 125 8.32 -30.70 16.84
CA LEU G 125 9.34 -29.86 16.24
C LEU G 125 8.64 -29.01 15.18
N TRP G 126 8.46 -27.74 15.48
CA TRP G 126 7.60 -26.86 14.70
C TRP G 126 8.36 -25.96 13.73
N ASP G 127 7.86 -25.85 12.52
CA ASP G 127 8.50 -24.97 11.57
C ASP G 127 7.79 -23.62 11.71
N LYS G 128 8.39 -22.73 12.50
CA LYS G 128 7.91 -21.37 12.67
C LYS G 128 7.43 -20.82 11.33
N VAL G 129 8.29 -20.93 10.31
CA VAL G 129 8.09 -20.35 8.96
C VAL G 129 6.95 -20.95 8.13
N GLU G 130 7.01 -22.24 7.85
CA GLU G 130 5.97 -22.89 7.06
C GLU G 130 4.73 -23.09 7.91
N LYS G 131 4.83 -22.68 9.17
CA LYS G 131 3.70 -22.65 10.11
C LYS G 131 3.04 -24.02 10.33
N ARG G 132 3.82 -25.09 10.23
CA ARG G 132 3.29 -26.44 10.40
C ARG G 132 4.20 -27.24 11.32
N ILE G 133 3.78 -28.49 11.60
CA ILE G 133 4.61 -29.44 12.33
C ILE G 133 5.59 -30.17 11.41
N LEU G 134 6.87 -30.18 11.74
CA LEU G 134 7.84 -30.86 10.92
C LEU G 134 7.93 -32.33 11.32
N ASN G 135 7.99 -32.61 12.61
CA ASN G 135 8.15 -33.99 13.04
C ASN G 135 7.73 -34.10 14.46
N ASN G 136 6.98 -35.13 14.81
CA ASN G 136 6.59 -35.32 16.20
C ASN G 136 6.82 -36.73 16.69
N GLU G 137 7.92 -37.31 16.23
CA GLU G 137 8.37 -38.61 16.68
C GLU G 137 9.70 -38.49 17.41
N SER G 138 9.64 -38.62 18.74
CA SER G 138 10.81 -38.56 19.61
C SER G 138 12.13 -39.04 18.98
N SER G 139 12.25 -40.34 18.67
CA SER G 139 13.50 -40.92 18.13
C SER G 139 14.05 -40.22 16.90
N GLU G 140 13.17 -39.62 16.11
CA GLU G 140 13.55 -38.96 14.87
C GLU G 140 14.02 -37.52 15.12
N ILE G 141 13.25 -36.78 15.91
CA ILE G 141 13.70 -35.46 16.36
C ILE G 141 15.16 -35.56 16.83
N ILE G 142 15.40 -36.46 17.77
CA ILE G 142 16.76 -36.79 18.19
C ILE G 142 17.76 -36.78 17.05
N ARG G 143 17.50 -37.59 16.01
CA ARG G 143 18.49 -37.76 14.95
C ARG G 143 18.69 -36.46 14.25
N ILE G 144 17.63 -35.64 14.18
CA ILE G 144 17.67 -34.36 13.47
C ILE G 144 18.59 -33.39 14.14
N LEU G 145 18.36 -33.18 15.44
CA LEU G 145 19.20 -32.29 16.24
C LEU G 145 20.66 -32.77 16.19
N ASN G 146 20.84 -34.09 16.24
CA ASN G 146 22.15 -34.75 16.13
C ASN G 146 23.07 -34.26 14.98
N SER G 147 22.46 -33.72 13.91
CA SER G 147 23.20 -33.44 12.70
C SER G 147 22.84 -32.14 11.98
N ALA G 148 21.54 -31.85 11.89
CA ALA G 148 21.03 -30.85 10.96
C ALA G 148 21.62 -29.47 11.18
N PHE G 149 21.97 -29.22 12.43
CA PHE G 149 22.45 -27.91 12.81
C PHE G 149 23.97 -27.79 12.86
N ASP G 150 24.67 -28.92 12.72
CA ASP G 150 26.13 -28.96 12.91
C ASP G 150 26.88 -27.89 12.08
N ASP G 151 26.23 -27.36 11.05
CA ASP G 151 26.88 -26.42 10.13
C ASP G 151 26.62 -24.94 10.47
N VAL G 152 25.57 -24.67 11.25
CA VAL G 152 25.16 -23.31 11.54
C VAL G 152 25.10 -23.04 13.02
N GLY G 153 26.02 -23.64 13.76
CA GLY G 153 26.12 -23.29 15.16
C GLY G 153 26.32 -24.40 16.17
N ALA G 154 25.71 -25.54 15.90
CA ALA G 154 25.76 -26.66 16.84
C ALA G 154 27.15 -26.93 17.45
N LEU G 155 27.12 -27.57 18.63
CA LEU G 155 28.31 -28.14 19.24
C LEU G 155 28.65 -29.43 18.50
N PRO G 156 29.92 -29.89 18.58
CA PRO G 156 30.25 -31.11 17.83
C PRO G 156 29.65 -32.23 18.60
N GLY G 157 29.54 -33.40 17.98
CA GLY G 157 29.03 -34.55 18.71
C GLY G 157 28.04 -35.36 17.91
N ASP G 158 28.43 -36.61 17.68
CA ASP G 158 27.59 -37.57 16.97
C ASP G 158 27.22 -38.69 17.91
N TYR G 159 25.92 -38.82 18.14
CA TYR G 159 25.39 -39.76 19.09
C TYR G 159 24.72 -40.93 18.35
N TYR G 160 24.99 -41.04 17.05
CA TYR G 160 24.48 -42.11 16.22
C TYR G 160 25.40 -42.12 15.03
N PRO G 161 26.67 -42.52 15.26
CA PRO G 161 27.72 -42.55 14.22
C PRO G 161 27.79 -43.92 13.55
N ALA G 162 27.92 -43.93 12.22
CA ALA G 162 27.95 -45.16 11.43
C ALA G 162 28.50 -46.34 12.21
N GLU G 163 29.80 -46.27 12.50
CA GLU G 163 30.56 -47.34 13.15
C GLU G 163 29.68 -48.22 14.05
N PHE G 164 28.86 -47.62 14.90
CA PHE G 164 28.13 -48.42 15.87
C PHE G 164 26.62 -48.46 15.63
N ARG G 165 26.13 -47.83 14.57
CA ARG G 165 24.67 -47.76 14.36
C ARG G 165 23.90 -49.09 14.56
N PRO G 166 24.34 -50.17 13.90
CA PRO G 166 23.57 -51.43 14.03
C PRO G 166 23.45 -51.96 15.46
N GLU G 167 24.43 -51.69 16.34
CA GLU G 167 24.32 -52.09 17.77
C GLU G 167 23.37 -51.19 18.58
N ILE G 168 23.36 -49.89 18.28
CA ILE G 168 22.48 -48.95 18.95
C ILE G 168 21.03 -49.31 18.65
N ASP G 169 20.78 -49.62 17.37
CA ASP G 169 19.47 -50.04 16.91
C ASP G 169 19.05 -51.29 17.68
N ARG G 170 19.95 -52.28 17.71
CA ARG G 170 19.77 -53.58 18.39
C ARG G 170 19.26 -53.39 19.81
N ILE G 171 20.02 -52.63 20.61
CA ILE G 171 19.66 -52.34 22.00
C ILE G 171 18.33 -51.58 22.05
N ASN G 172 18.35 -50.33 21.60
CA ASN G 172 17.19 -49.45 21.62
C ASN G 172 15.92 -50.22 21.40
N ALA G 173 15.91 -50.99 20.32
CA ALA G 173 14.70 -51.66 19.92
C ALA G 173 14.23 -52.58 21.04
N ARG G 174 15.12 -52.96 21.95
CA ARG G 174 14.68 -53.68 23.16
C ARG G 174 14.26 -52.81 24.32
N VAL G 175 15.12 -51.86 24.72
CA VAL G 175 14.78 -50.95 25.80
C VAL G 175 13.44 -50.33 25.52
N TYR G 176 13.26 -49.91 24.28
CA TYR G 176 11.98 -49.42 23.88
C TYR G 176 10.90 -50.42 24.28
N GLU G 177 10.68 -51.40 23.42
CA GLU G 177 9.45 -52.18 23.55
C GLU G 177 9.15 -52.65 24.96
N THR G 178 10.20 -52.84 25.75
CA THR G 178 10.02 -53.54 27.00
C THR G 178 10.21 -52.70 28.26
N LEU G 179 10.78 -51.50 28.08
CA LEU G 179 11.16 -50.61 29.21
C LEU G 179 10.59 -49.19 29.14
N ASN G 180 10.99 -48.45 28.10
CA ASN G 180 10.55 -47.08 27.86
C ASN G 180 9.06 -47.12 27.81
N ASN G 181 8.58 -48.04 26.98
CA ASN G 181 7.19 -48.26 26.84
C ASN G 181 6.70 -49.23 27.89
N GLY G 182 7.64 -49.99 28.44
CA GLY G 182 7.30 -51.06 29.34
C GLY G 182 6.60 -50.65 30.61
N VAL G 183 7.19 -49.69 31.28
CA VAL G 183 6.69 -49.20 32.55
C VAL G 183 5.24 -48.71 32.43
N TYR G 184 4.91 -48.20 31.24
CA TYR G 184 3.58 -47.69 30.98
C TYR G 184 2.68 -48.88 30.86
N ARG G 185 3.17 -49.90 30.13
CA ARG G 185 2.32 -51.03 29.81
C ARG G 185 1.84 -51.75 31.08
N SER G 186 2.74 -51.91 32.05
CA SER G 186 2.40 -52.43 33.38
C SER G 186 1.48 -51.52 34.19
N GLY G 187 1.79 -50.22 34.19
CA GLY G 187 1.02 -49.22 34.91
C GLY G 187 -0.44 -49.09 34.47
N PHE G 188 -0.67 -49.07 33.17
CA PHE G 188 -2.03 -49.01 32.69
C PHE G 188 -2.57 -50.38 32.34
N ALA G 189 -2.54 -51.27 33.32
CA ALA G 189 -2.87 -52.66 33.02
C ALA G 189 -4.11 -53.11 33.79
N THR G 190 -5.24 -53.18 33.11
CA THR G 190 -6.48 -53.45 33.81
C THR G 190 -6.52 -54.71 34.64
N THR G 191 -5.91 -55.78 34.12
CA THR G 191 -5.91 -57.12 34.75
C THR G 191 -4.60 -57.57 35.39
N GLN G 192 -4.75 -58.22 36.55
CA GLN G 192 -3.63 -58.72 37.36
C GLN G 192 -2.72 -59.58 36.52
N GLU G 193 -3.30 -60.21 35.51
CA GLU G 193 -2.56 -61.06 34.60
C GLU G 193 -1.74 -60.23 33.62
N ALA G 194 -2.41 -59.34 32.87
CA ALA G 194 -1.73 -58.51 31.86
C ALA G 194 -0.60 -57.65 32.42
N TYR G 195 -0.79 -57.22 33.67
CA TYR G 195 0.26 -56.61 34.44
C TYR G 195 1.50 -57.50 34.49
N GLU G 196 1.37 -58.71 35.05
CA GLU G 196 2.55 -59.57 35.30
C GLU G 196 3.24 -59.81 33.98
N GLU G 197 2.45 -59.83 32.93
CA GLU G 197 2.92 -60.07 31.58
C GLU G 197 3.88 -59.01 31.06
N ALA G 198 3.81 -57.80 31.62
CA ALA G 198 4.65 -56.72 31.11
C ALA G 198 5.71 -56.35 32.12
N PHE G 199 5.33 -56.46 33.40
CA PHE G 199 6.21 -56.11 34.51
C PHE G 199 7.50 -56.92 34.54
N TYR G 200 7.39 -58.23 34.27
CA TYR G 200 8.57 -59.12 34.32
C TYR G 200 9.58 -58.94 33.15
N PRO G 201 9.15 -59.23 31.91
CA PRO G 201 10.12 -59.07 30.81
C PRO G 201 10.79 -57.68 30.87
N LEU G 202 10.13 -56.78 31.59
CA LEU G 202 10.63 -55.43 31.80
C LEU G 202 11.83 -55.54 32.72
N PHE G 203 11.58 -56.07 33.91
CA PHE G 203 12.62 -56.28 34.90
C PHE G 203 13.75 -57.15 34.38
N ASP G 204 13.41 -58.13 33.55
CA ASP G 204 14.40 -58.91 32.85
C ASP G 204 15.41 -57.99 32.20
N THR G 205 14.93 -57.03 31.42
CA THR G 205 15.81 -56.09 30.69
C THR G 205 16.68 -55.24 31.60
N LEU G 206 16.15 -54.89 32.76
CA LEU G 206 17.04 -54.22 33.69
C LEU G 206 18.21 -55.19 33.86
N ASP G 207 17.89 -56.42 34.26
CA ASP G 207 18.88 -57.48 34.45
C ASP G 207 19.92 -57.46 33.35
N TRP G 208 19.46 -57.62 32.12
CA TRP G 208 20.35 -57.68 30.97
C TRP G 208 21.23 -56.43 30.92
N LEU G 209 20.57 -55.30 30.95
CA LEU G 209 21.23 -54.00 30.86
C LEU G 209 22.31 -53.91 31.95
N GLU G 210 21.97 -54.40 33.14
CA GLU G 210 22.83 -54.22 34.29
C GLU G 210 24.10 -54.97 33.96
N GLU G 211 23.94 -56.20 33.46
CA GLU G 211 25.05 -57.08 33.11
C GLU G 211 25.85 -56.54 31.95
N HIS G 212 25.16 -56.14 30.90
CA HIS G 212 25.79 -55.39 29.82
C HIS G 212 26.70 -54.22 30.30
N LEU G 213 26.28 -53.51 31.34
CA LEU G 213 26.93 -52.26 31.75
C LEU G 213 28.07 -52.46 32.71
N THR G 214 28.57 -53.68 32.71
CA THR G 214 29.52 -54.10 33.72
C THR G 214 30.89 -53.48 33.51
N GLY G 215 31.60 -53.96 32.50
CA GLY G 215 32.92 -53.43 32.21
C GLY G 215 32.91 -52.14 31.41
N ARG G 216 31.72 -51.68 31.05
CA ARG G 216 31.59 -50.52 30.21
C ARG G 216 31.25 -49.31 31.07
N GLU G 217 31.34 -48.11 30.48
CA GLU G 217 30.96 -46.86 31.16
C GLU G 217 29.73 -46.25 30.49
N TRP G 218 29.54 -46.61 29.21
CA TRP G 218 28.38 -46.25 28.40
C TRP G 218 27.81 -47.55 27.82
N LEU G 219 26.67 -47.48 27.14
CA LEU G 219 26.14 -48.68 26.54
C LEU G 219 26.95 -49.04 25.30
N VAL G 220 26.54 -48.49 24.16
CA VAL G 220 27.25 -48.69 22.90
C VAL G 220 28.49 -47.84 22.90
N GLY G 221 29.48 -48.23 22.08
CA GLY G 221 30.77 -47.55 21.98
C GLY G 221 31.30 -47.54 23.39
N ASP G 222 32.42 -46.88 23.64
CA ASP G 222 32.58 -46.46 25.01
C ASP G 222 32.60 -45.01 24.92
N ARG G 223 31.37 -44.52 24.80
CA ARG G 223 31.05 -43.14 24.52
C ARG G 223 29.54 -42.95 24.66
N LEU G 224 29.18 -41.75 25.09
CA LEU G 224 27.79 -41.40 25.14
C LEU G 224 27.14 -41.39 23.73
N THR G 225 26.05 -42.15 23.60
CA THR G 225 25.26 -42.08 22.39
C THR G 225 23.79 -42.16 22.68
N GLU G 226 23.04 -42.24 21.59
CA GLU G 226 21.64 -41.92 21.64
C GLU G 226 20.99 -43.01 22.43
N ALA G 227 21.69 -44.14 22.48
CA ALA G 227 21.18 -45.33 23.14
C ALA G 227 20.93 -45.00 24.59
N ASP G 228 21.89 -44.31 25.17
CA ASP G 228 21.85 -43.91 26.57
C ASP G 228 20.84 -42.77 26.82
N ILE G 229 20.67 -41.90 25.84
CA ILE G 229 19.80 -40.75 25.96
C ILE G 229 18.33 -41.18 25.96
N ARG G 230 18.07 -42.31 25.33
CA ARG G 230 16.76 -42.91 25.34
C ARG G 230 16.57 -43.81 26.58
N LEU G 231 17.66 -44.38 27.09
CA LEU G 231 17.57 -45.16 28.31
C LEU G 231 17.33 -44.20 29.47
N PHE G 232 18.10 -43.13 29.53
CA PHE G 232 18.07 -42.23 30.69
C PHE G 232 16.69 -41.70 31.17
N PRO G 233 15.88 -41.10 30.28
CA PRO G 233 14.64 -40.54 30.79
C PRO G 233 13.80 -41.53 31.54
N THR G 234 13.84 -42.82 31.17
CA THR G 234 12.94 -43.75 31.85
C THR G 234 13.57 -44.20 33.16
N LEU G 235 14.90 -44.16 33.21
CA LEU G 235 15.61 -44.52 34.42
C LEU G 235 15.44 -43.45 35.48
N VAL G 236 15.59 -42.19 35.06
CA VAL G 236 15.64 -41.06 35.99
C VAL G 236 14.29 -40.83 36.64
N ARG G 237 13.24 -41.35 36.02
CA ARG G 237 11.90 -41.26 36.57
C ARG G 237 11.51 -42.55 37.27
N PHE G 238 12.40 -43.54 37.24
CA PHE G 238 12.01 -44.90 37.60
C PHE G 238 11.78 -45.01 39.08
N ASP G 239 12.79 -44.59 39.82
CA ASP G 239 12.79 -44.78 41.25
C ASP G 239 11.69 -43.98 41.98
N ALA G 240 11.27 -42.86 41.41
CA ALA G 240 10.38 -41.96 42.13
C ALA G 240 8.97 -41.88 41.53
N ILE G 241 8.80 -42.43 40.34
CA ILE G 241 7.46 -42.45 39.76
C ILE G 241 6.99 -43.86 39.45
N TYR G 242 7.71 -44.55 38.56
CA TYR G 242 7.29 -45.86 38.09
C TYR G 242 7.25 -46.92 39.20
N HIS G 243 8.35 -47.00 39.95
CA HIS G 243 8.42 -47.99 41.00
C HIS G 243 7.19 -48.02 41.91
N GLY G 244 6.50 -46.91 42.03
CA GLY G 244 5.35 -46.88 42.92
C GLY G 244 4.01 -46.67 42.26
N HIS G 245 3.96 -45.74 41.33
CA HIS G 245 2.71 -45.41 40.68
C HIS G 245 2.42 -46.47 39.63
N PHE G 246 3.49 -46.95 39.02
CA PHE G 246 3.37 -47.95 37.98
C PHE G 246 3.68 -49.39 38.44
N LYS G 247 3.74 -49.60 39.76
CA LYS G 247 3.97 -50.92 40.35
C LYS G 247 5.11 -51.74 39.68
N CYS G 248 6.10 -51.03 39.15
CA CYS G 248 7.32 -51.64 38.68
C CYS G 248 8.29 -51.72 39.83
N ASN G 249 7.87 -52.42 40.87
CA ASN G 249 8.66 -52.44 42.08
C ASN G 249 9.33 -53.78 42.42
N LEU G 250 9.76 -54.55 41.43
CA LEU G 250 10.38 -55.82 41.77
C LEU G 250 11.64 -55.59 42.57
N ARG G 251 12.42 -54.60 42.13
CA ARG G 251 13.40 -53.91 42.98
C ARG G 251 13.52 -52.49 42.46
N ARG G 252 14.57 -51.79 42.82
CA ARG G 252 14.71 -50.38 42.46
C ARG G 252 15.94 -50.21 41.64
N ILE G 253 16.06 -49.08 40.98
CA ILE G 253 17.28 -48.87 40.22
C ILE G 253 18.41 -48.64 41.20
N ALA G 254 18.09 -48.34 42.45
CA ALA G 254 19.17 -48.07 43.36
C ALA G 254 19.87 -49.41 43.55
N ASP G 255 19.09 -50.48 43.40
CA ASP G 255 19.57 -51.84 43.64
C ASP G 255 20.52 -52.38 42.57
N TYR G 256 20.52 -51.80 41.38
CA TYR G 256 21.44 -52.24 40.34
C TYR G 256 22.62 -51.29 40.38
N PRO G 257 23.77 -51.76 40.87
CA PRO G 257 24.96 -50.93 41.00
C PRO G 257 25.36 -50.28 39.69
N ASN G 258 25.42 -51.08 38.63
CA ASN G 258 25.86 -50.60 37.32
C ASN G 258 24.95 -49.55 36.69
N LEU G 259 23.64 -49.82 36.70
CA LEU G 259 22.68 -48.88 36.15
C LEU G 259 22.80 -47.55 36.86
N SER G 260 22.67 -47.55 38.19
CA SER G 260 22.84 -46.34 38.94
C SER G 260 24.06 -45.52 38.51
N ARG G 261 25.24 -46.13 38.47
CA ARG G 261 26.42 -45.43 37.96
C ARG G 261 26.09 -44.65 36.67
N LEU G 262 25.40 -45.29 35.72
CA LEU G 262 25.01 -44.60 34.49
C LEU G 262 23.98 -43.46 34.71
N VAL G 263 22.79 -43.76 35.21
CA VAL G 263 21.94 -42.68 35.67
C VAL G 263 22.68 -41.57 36.43
N GLY G 264 23.46 -41.93 37.44
CA GLY G 264 24.27 -40.94 38.15
C GLY G 264 25.25 -40.13 37.28
N LYS G 265 25.97 -40.80 36.40
CA LYS G 265 26.86 -40.14 35.44
C LYS G 265 26.14 -39.08 34.55
N LEU G 266 25.08 -39.49 33.85
CA LEU G 266 24.29 -38.53 33.09
C LEU G 266 23.68 -37.41 33.96
N ALA G 267 22.89 -37.78 34.96
CA ALA G 267 22.22 -36.77 35.79
C ALA G 267 23.15 -35.70 36.38
N SER G 268 24.45 -35.88 36.16
CA SER G 268 25.41 -35.01 36.82
C SER G 268 26.04 -34.10 35.80
N HIS G 269 25.84 -34.48 34.55
CA HIS G 269 26.39 -33.76 33.41
C HIS G 269 25.76 -32.37 33.34
N GLU G 270 26.61 -31.34 33.44
CA GLU G 270 26.19 -29.98 33.12
C GLU G 270 25.54 -30.06 31.76
N ARG G 271 24.55 -29.23 31.46
CA ARG G 271 23.82 -29.33 30.17
C ARG G 271 22.65 -30.32 30.19
N VAL G 272 22.86 -31.50 30.75
CA VAL G 272 21.79 -32.46 30.95
C VAL G 272 20.98 -32.20 32.22
N ALA G 273 21.68 -31.97 33.34
CA ALA G 273 21.02 -31.78 34.64
C ALA G 273 19.88 -30.75 34.62
N PRO G 274 20.09 -29.63 33.92
CA PRO G 274 19.04 -28.63 33.98
C PRO G 274 17.76 -29.11 33.31
N THR G 275 17.81 -30.27 32.64
CA THR G 275 16.67 -30.78 31.88
C THR G 275 15.81 -31.67 32.72
N ILE G 276 16.29 -31.96 33.92
CA ILE G 276 15.59 -32.82 34.87
C ILE G 276 14.81 -32.01 35.88
N ASN G 277 13.55 -32.37 36.09
CA ASN G 277 12.78 -31.71 37.12
C ASN G 277 11.79 -32.70 37.75
N LEU G 278 12.33 -33.49 38.67
CA LEU G 278 11.60 -34.60 39.21
C LEU G 278 10.33 -34.16 39.91
N ARG G 279 10.36 -32.99 40.54
CA ARG G 279 9.19 -32.49 41.28
C ARG G 279 7.98 -32.37 40.34
N HIS G 280 8.26 -31.93 39.11
CA HIS G 280 7.25 -31.76 38.09
C HIS G 280 6.78 -33.10 37.52
N ALA G 281 7.70 -34.00 37.21
CA ALA G 281 7.30 -35.32 36.71
C ALA G 281 6.32 -35.99 37.65
N LYS G 282 6.75 -36.14 38.90
CA LYS G 282 5.91 -36.77 39.90
C LYS G 282 4.50 -36.19 39.91
N ALA G 283 4.45 -34.86 39.87
CA ALA G 283 3.20 -34.14 39.93
C ALA G 283 2.33 -34.54 38.75
N HIS G 284 2.95 -34.58 37.58
CA HIS G 284 2.23 -34.99 36.40
C HIS G 284 1.53 -36.32 36.60
N TYR G 285 2.33 -37.34 36.93
CA TYR G 285 1.91 -38.74 36.92
C TYR G 285 0.88 -39.04 37.95
N TYR G 286 1.21 -38.72 39.19
CA TYR G 286 0.30 -38.98 40.29
C TYR G 286 -0.99 -38.14 40.17
N GLY G 287 -0.87 -36.99 39.52
CA GLY G 287 -1.97 -36.09 39.48
C GLY G 287 -2.79 -36.20 38.21
N SER G 288 -2.23 -36.87 37.21
CA SER G 288 -2.91 -36.93 35.91
C SER G 288 -3.52 -38.30 35.62
N HIS G 289 -3.28 -39.26 36.49
CA HIS G 289 -3.63 -40.64 36.16
C HIS G 289 -4.64 -41.06 37.22
N PRO G 290 -5.92 -41.04 36.86
CA PRO G 290 -6.97 -41.19 37.89
C PRO G 290 -7.45 -42.62 37.90
N SER G 291 -7.29 -43.22 36.72
CA SER G 291 -7.54 -44.63 36.42
C SER G 291 -6.63 -45.46 37.29
N VAL G 292 -5.46 -44.90 37.57
CA VAL G 292 -4.42 -45.53 38.35
C VAL G 292 -4.37 -45.01 39.77
N ASN G 293 -4.18 -43.70 39.94
CA ASN G 293 -4.12 -43.10 41.28
C ASN G 293 -5.20 -42.06 41.55
N PRO G 294 -6.39 -42.53 41.93
CA PRO G 294 -7.54 -41.62 42.02
C PRO G 294 -7.36 -40.45 43.02
N THR G 295 -6.92 -40.70 44.25
CA THR G 295 -6.81 -39.63 45.26
C THR G 295 -6.14 -38.38 44.68
N GLY G 296 -5.25 -38.58 43.72
CA GLY G 296 -4.47 -37.51 43.15
C GLY G 296 -3.26 -37.14 43.99
N ILE G 297 -3.20 -37.67 45.21
CA ILE G 297 -2.09 -37.33 46.09
C ILE G 297 -0.72 -37.65 45.48
N VAL G 298 0.25 -36.78 45.68
CA VAL G 298 1.60 -37.07 45.21
C VAL G 298 2.46 -37.44 46.41
N PRO G 299 3.04 -38.65 46.36
CA PRO G 299 3.83 -39.24 47.44
C PRO G 299 4.85 -38.24 47.87
N VAL G 300 4.96 -38.00 49.17
CA VAL G 300 5.97 -37.07 49.66
C VAL G 300 7.37 -37.43 49.16
N GLY G 301 7.45 -38.51 48.38
CA GLY G 301 8.57 -38.77 47.48
C GLY G 301 9.72 -39.60 48.01
N PRO G 302 10.37 -40.37 47.15
CA PRO G 302 11.65 -40.95 47.62
C PRO G 302 12.68 -39.82 47.84
N ALA G 303 13.08 -39.58 49.08
CA ALA G 303 13.97 -38.46 49.33
C ALA G 303 15.32 -38.85 48.78
N GLN G 304 15.99 -37.89 48.14
CA GLN G 304 17.17 -38.19 47.29
C GLN G 304 17.13 -39.53 46.50
N PRO G 305 16.40 -39.58 45.37
CA PRO G 305 16.18 -40.83 44.64
C PRO G 305 17.37 -41.23 43.76
N LEU G 306 18.38 -40.36 43.67
CA LEU G 306 19.46 -40.55 42.70
C LEU G 306 20.80 -40.84 43.32
N PRO G 307 20.79 -41.38 44.54
CA PRO G 307 21.86 -41.23 45.54
C PRO G 307 22.90 -40.11 45.23
N GLY G 308 22.41 -38.96 44.73
CA GLY G 308 23.22 -37.78 44.42
C GLY G 308 24.65 -38.05 43.98
N LEU G 309 24.83 -38.94 42.99
CA LEU G 309 26.15 -39.40 42.51
C LEU G 309 27.12 -39.90 43.63
N THR G 310 27.93 -40.92 43.32
CA THR G 310 28.94 -41.46 44.28
C THR G 310 30.41 -41.61 43.71
N LEU G 311 30.84 -40.64 42.88
CA LEU G 311 32.14 -40.62 42.15
C LEU G 311 32.07 -41.16 40.68
N GLN G 312 33.17 -41.01 39.92
CA GLN G 312 33.23 -41.51 38.53
C GLN G 312 34.55 -42.24 38.21
N SER G 313 34.57 -42.96 37.08
CA SER G 313 35.73 -43.71 36.57
C SER G 313 35.90 -43.51 35.05
N GLY H 2 -18.99 -52.70 23.91
CA GLY H 2 -18.49 -53.59 22.89
C GLY H 2 -16.97 -53.62 22.74
N LEU H 3 -16.22 -53.92 23.80
CA LEU H 3 -14.76 -53.80 23.76
C LEU H 3 -13.98 -54.81 24.60
N LEU H 4 -12.99 -55.47 24.03
CA LEU H 4 -12.11 -56.30 24.88
C LEU H 4 -10.92 -55.48 25.37
N ILE H 5 -10.74 -55.46 26.69
CA ILE H 5 -9.64 -54.69 27.30
C ILE H 5 -8.37 -55.45 27.64
N ASP H 6 -8.45 -56.50 28.45
CA ASP H 6 -7.25 -57.30 28.63
C ASP H 6 -7.37 -58.81 28.40
N GLY H 7 -8.54 -59.32 28.03
CA GLY H 7 -9.82 -58.74 28.36
C GLY H 7 -10.42 -59.82 29.24
N VAL H 8 -11.18 -59.51 30.30
CA VAL H 8 -11.83 -58.23 30.53
C VAL H 8 -12.64 -57.81 29.32
N TRP H 9 -13.94 -57.96 29.40
CA TRP H 9 -14.77 -57.42 28.32
C TRP H 9 -15.64 -56.32 28.88
N ARG H 10 -15.55 -55.13 28.28
CA ARG H 10 -16.16 -53.94 28.86
C ARG H 10 -17.38 -53.48 28.09
N ASP H 11 -18.55 -53.67 28.72
CA ASP H 11 -19.86 -53.60 28.04
C ASP H 11 -20.03 -52.34 27.19
N ALA H 12 -19.57 -51.21 27.72
CA ALA H 12 -19.66 -49.92 27.03
C ALA H 12 -18.33 -49.18 27.04
N TRP H 13 -17.34 -49.69 26.29
CA TRP H 13 -16.01 -49.09 26.22
C TRP H 13 -15.32 -48.93 27.59
N TYR H 14 -14.00 -48.73 27.57
CA TYR H 14 -13.24 -48.50 28.79
C TYR H 14 -13.25 -46.99 29.11
N ASP H 15 -14.47 -46.43 29.17
CA ASP H 15 -14.69 -45.00 29.43
C ASP H 15 -15.60 -44.77 30.64
N SER H 19 -9.60 -43.15 28.63
CA SER H 19 -8.98 -42.57 27.42
C SER H 19 -7.80 -41.62 27.73
N GLY H 20 -6.64 -42.20 28.03
CA GLY H 20 -6.47 -43.65 28.07
C GLY H 20 -5.92 -44.17 29.40
N GLY H 21 -4.60 -44.14 29.55
CA GLY H 21 -3.68 -43.62 28.53
C GLY H 21 -3.21 -44.66 27.53
N ARG H 22 -4.17 -45.21 26.79
CA ARG H 22 -3.97 -46.17 25.72
C ARG H 22 -5.37 -46.64 25.39
N PHE H 23 -5.55 -47.36 24.29
CA PHE H 23 -4.48 -47.76 23.37
C PHE H 23 -4.79 -46.96 22.09
N VAL H 24 -5.86 -47.36 21.38
CA VAL H 24 -6.61 -48.60 21.66
C VAL H 24 -6.84 -49.46 20.42
N ARG H 25 -6.08 -49.19 19.37
CA ARG H 25 -6.13 -50.00 18.17
C ARG H 25 -7.40 -49.82 17.32
N LYS H 26 -8.52 -50.43 17.75
CA LYS H 26 -9.81 -50.32 17.02
C LYS H 26 -9.84 -50.72 15.49
N GLU H 27 -8.67 -50.92 14.87
CA GLU H 27 -8.60 -51.39 13.48
C GLU H 27 -8.78 -52.90 13.44
N SER H 28 -8.76 -53.46 12.23
CA SER H 28 -8.79 -54.91 12.06
C SER H 28 -7.39 -55.49 12.35
N GLN H 29 -7.29 -56.31 13.40
CA GLN H 29 -6.00 -56.69 14.00
C GLN H 29 -5.16 -57.89 13.48
N TYR H 30 -5.76 -58.82 12.74
CA TYR H 30 -5.01 -59.96 12.24
C TYR H 30 -4.92 -59.93 10.71
N ARG H 31 -3.71 -59.88 10.18
CA ARG H 31 -3.51 -59.64 8.74
C ARG H 31 -2.66 -60.66 7.98
N GLY H 32 -2.89 -61.94 8.26
CA GLY H 32 -2.18 -63.05 7.63
C GLY H 32 -2.70 -63.48 6.26
N GLY H 33 -1.94 -64.29 5.55
CA GLY H 33 -2.30 -64.67 4.19
C GLY H 33 -1.42 -63.91 3.21
N LEU H 34 -1.79 -63.99 1.92
CA LEU H 34 -1.08 -63.29 0.84
C LEU H 34 0.31 -63.80 0.40
N ASP H 35 0.38 -64.22 -0.87
CA ASP H 35 1.60 -64.54 -1.64
C ASP H 35 2.07 -66.01 -1.63
N ALA H 36 2.36 -66.53 -0.45
CA ALA H 36 2.95 -67.85 -0.24
C ALA H 36 2.31 -68.55 1.00
N GLY H 37 0.98 -68.41 1.09
CA GLY H 37 0.18 -69.04 2.14
C GLY H 37 -1.30 -68.68 2.06
N PHE H 38 -1.84 -68.59 0.83
CA PHE H 38 -1.38 -69.33 -0.38
C PHE H 38 -1.13 -70.79 -0.02
N ARG H 39 -1.53 -71.12 1.20
CA ARG H 39 -1.69 -72.49 1.63
C ARG H 39 -3.17 -72.84 1.36
N GLY H 40 -3.83 -73.53 2.27
CA GLY H 40 -5.24 -73.83 2.09
C GLY H 40 -5.71 -75.23 2.37
N GLU H 41 -4.94 -75.97 3.16
CA GLU H 41 -5.33 -77.29 3.64
C GLU H 41 -6.85 -77.36 3.97
N PRO H 42 -7.69 -77.93 3.06
CA PRO H 42 -9.12 -78.03 3.37
C PRO H 42 -9.42 -78.48 4.82
N GLY H 43 -10.52 -78.00 5.39
CA GLY H 43 -10.94 -78.41 6.71
C GLY H 43 -10.18 -77.74 7.85
N ARG H 44 -8.91 -77.39 7.58
CA ARG H 44 -8.03 -76.69 8.54
C ARG H 44 -8.45 -75.24 8.77
N TYR H 45 -9.37 -74.79 7.92
CA TYR H 45 -9.79 -73.42 7.95
C TYR H 45 -11.28 -73.28 8.30
N HIS H 46 -11.54 -72.51 9.36
CA HIS H 46 -12.89 -72.25 9.89
C HIS H 46 -13.23 -70.79 9.76
N LEU H 47 -14.51 -70.50 9.60
CA LEU H 47 -14.98 -69.13 9.36
C LEU H 47 -16.15 -68.77 10.29
N TYR H 48 -15.91 -67.79 11.16
CA TYR H 48 -16.96 -67.20 12.00
C TYR H 48 -17.58 -66.02 11.27
N ALA H 49 -18.90 -65.89 11.37
CA ALA H 49 -19.69 -64.93 10.59
C ALA H 49 -21.09 -64.81 11.13
N GLY H 50 -22.00 -64.43 10.24
CA GLY H 50 -23.37 -64.23 10.64
C GLY H 50 -24.15 -63.64 9.49
N PHE H 51 -25.47 -63.56 9.69
CA PHE H 51 -26.39 -63.21 8.64
C PHE H 51 -26.66 -61.71 8.55
N ALA H 52 -26.46 -61.01 9.68
CA ALA H 52 -26.60 -59.54 9.77
C ALA H 52 -25.41 -58.79 9.16
N CYS H 53 -24.30 -58.71 9.89
CA CYS H 53 -23.10 -57.98 9.46
C CYS H 53 -22.85 -58.06 7.93
N PRO H 54 -22.79 -56.91 7.22
CA PRO H 54 -22.54 -56.80 5.77
C PRO H 54 -21.10 -57.13 5.43
N TRP H 55 -20.26 -57.09 6.44
CA TRP H 55 -18.84 -57.32 6.26
C TRP H 55 -18.61 -58.81 6.26
N ALA H 56 -19.39 -59.52 7.06
CA ALA H 56 -19.36 -60.98 7.04
C ALA H 56 -20.01 -61.42 5.74
N HIS H 57 -21.20 -60.89 5.50
CA HIS H 57 -21.95 -61.22 4.29
C HIS H 57 -21.12 -61.11 3.01
N ARG H 58 -20.01 -60.37 3.08
CA ARG H 58 -19.11 -60.21 1.95
C ARG H 58 -18.47 -61.54 1.59
N VAL H 59 -17.93 -62.22 2.60
CA VAL H 59 -17.25 -63.49 2.36
C VAL H 59 -18.25 -64.64 2.14
N LEU H 60 -19.29 -64.77 2.96
CA LEU H 60 -20.26 -65.85 2.72
C LEU H 60 -20.65 -65.86 1.26
N ILE H 61 -20.55 -64.71 0.60
CA ILE H 61 -20.59 -64.68 -0.86
C ILE H 61 -19.34 -65.40 -1.39
N MET H 62 -18.21 -64.70 -1.46
CA MET H 62 -16.97 -65.26 -2.03
C MET H 62 -16.84 -66.79 -1.77
N ARG H 63 -16.88 -67.23 -0.51
CA ARG H 63 -16.93 -68.65 -0.20
C ARG H 63 -18.01 -69.33 -1.06
N ALA H 64 -19.29 -69.16 -0.73
CA ALA H 64 -20.37 -69.78 -1.51
C ALA H 64 -20.41 -69.29 -2.97
N LEU H 65 -19.24 -69.12 -3.57
CA LEU H 65 -19.16 -68.71 -4.95
C LEU H 65 -17.93 -69.38 -5.49
N LYS H 66 -17.14 -69.89 -4.56
CA LYS H 66 -16.03 -70.75 -4.90
C LYS H 66 -16.14 -72.13 -4.18
N GLY H 67 -17.40 -72.57 -4.01
CA GLY H 67 -17.74 -73.89 -3.55
C GLY H 67 -17.32 -74.27 -2.16
N LEU H 68 -16.39 -73.51 -1.59
CA LEU H 68 -15.82 -73.83 -0.29
C LEU H 68 -16.83 -74.04 0.83
N GLU H 69 -18.12 -74.11 0.48
CA GLU H 69 -19.15 -74.31 1.49
C GLU H 69 -18.86 -75.54 2.34
N GLU H 70 -18.39 -76.60 1.66
CA GLU H 70 -18.08 -77.85 2.34
C GLU H 70 -16.62 -77.82 2.82
N MET H 71 -15.73 -77.38 1.94
CA MET H 71 -14.30 -77.34 2.22
C MET H 71 -13.93 -76.48 3.43
N ILE H 72 -14.76 -75.47 3.73
CA ILE H 72 -14.50 -74.54 4.84
C ILE H 72 -15.66 -74.39 5.81
N SER H 73 -15.41 -74.87 7.04
CA SER H 73 -16.39 -75.01 8.12
C SER H 73 -16.97 -73.64 8.45
N VAL H 74 -18.13 -73.59 9.12
CA VAL H 74 -18.69 -72.26 9.50
C VAL H 74 -19.61 -72.15 10.74
N SER H 75 -19.46 -71.05 11.47
CA SER H 75 -20.39 -70.72 12.54
C SER H 75 -21.20 -69.45 12.23
N MET H 76 -22.38 -69.33 12.80
CA MET H 76 -23.22 -68.17 12.58
C MET H 76 -23.56 -67.57 13.93
N VAL H 77 -23.96 -66.30 13.99
CA VAL H 77 -24.12 -65.61 15.28
C VAL H 77 -25.52 -65.06 15.51
N ASN H 78 -25.93 -65.08 16.79
CA ASN H 78 -27.24 -64.60 17.20
C ASN H 78 -27.40 -63.25 16.57
N ALA H 79 -28.56 -63.00 15.99
CA ALA H 79 -28.84 -61.69 15.44
C ALA H 79 -28.89 -60.60 16.55
N TYR H 80 -28.87 -61.01 17.81
CA TYR H 80 -28.82 -60.02 18.86
C TYR H 80 -27.39 -59.66 19.22
N MET H 81 -27.15 -58.35 19.30
CA MET H 81 -25.86 -57.77 19.65
C MET H 81 -26.04 -56.97 20.92
N GLY H 82 -25.84 -57.64 22.07
CA GLY H 82 -26.15 -57.06 23.36
C GLY H 82 -24.94 -56.73 24.22
N GLU H 83 -25.10 -56.86 25.55
CA GLU H 83 -24.05 -56.52 26.51
C GLU H 83 -22.77 -57.36 26.42
N ASN H 84 -22.78 -58.36 25.55
CA ASN H 84 -21.71 -59.32 25.45
C ASN H 84 -21.15 -59.33 24.03
N GLY H 85 -21.57 -58.36 23.23
CA GLY H 85 -21.12 -58.32 21.86
C GLY H 85 -21.95 -59.31 21.08
N TRP H 86 -21.36 -59.89 20.04
CA TRP H 86 -22.04 -60.95 19.28
C TRP H 86 -22.03 -62.24 20.08
N THR H 87 -23.16 -62.93 20.07
CA THR H 87 -23.25 -64.17 20.82
C THR H 87 -23.57 -65.40 19.94
N PHE H 88 -23.29 -66.58 20.47
CA PHE H 88 -23.70 -67.81 19.80
C PHE H 88 -24.93 -68.43 20.46
N LEU H 89 -25.53 -67.72 21.41
CA LEU H 89 -26.64 -68.28 22.17
C LEU H 89 -27.70 -68.74 21.20
N PRO H 90 -28.55 -69.69 21.63
CA PRO H 90 -29.52 -70.31 20.72
C PRO H 90 -30.42 -69.28 20.07
N GLY H 91 -30.39 -69.20 18.75
CA GLY H 91 -31.29 -68.33 18.02
C GLY H 91 -31.34 -68.58 16.52
N ASP H 92 -32.41 -68.08 15.91
CA ASP H 92 -32.69 -68.36 14.50
C ASP H 92 -31.47 -68.03 13.66
N ASP H 93 -31.09 -68.98 12.80
CA ASP H 93 -29.94 -68.91 11.91
C ASP H 93 -28.58 -69.08 12.60
N VAL H 94 -28.57 -69.29 13.93
CA VAL H 94 -27.37 -69.60 14.72
C VAL H 94 -26.68 -70.93 14.34
N VAL H 95 -25.36 -70.96 14.38
CA VAL H 95 -24.62 -72.19 14.10
C VAL H 95 -23.40 -72.23 15.04
N PRO H 96 -23.64 -72.70 16.26
CA PRO H 96 -22.78 -72.67 17.43
C PRO H 96 -21.28 -72.80 17.18
N ASP H 97 -20.51 -72.54 18.22
CA ASP H 97 -19.06 -72.52 18.09
C ASP H 97 -18.52 -73.93 18.16
N SER H 98 -18.59 -74.64 17.04
CA SER H 98 -17.90 -75.91 16.96
C SER H 98 -16.46 -75.53 17.15
N ILE H 99 -15.66 -76.42 17.72
CA ILE H 99 -14.23 -76.11 17.91
C ILE H 99 -14.04 -75.01 18.94
N ASN H 100 -13.30 -75.32 20.00
CA ASN H 100 -13.21 -74.39 21.15
C ASN H 100 -14.53 -73.66 21.43
N GLY H 101 -15.53 -74.44 21.88
CA GLY H 101 -16.93 -74.07 21.86
C GLY H 101 -17.28 -73.06 22.90
N ALA H 102 -17.62 -71.87 22.42
CA ALA H 102 -17.67 -70.66 23.23
C ALA H 102 -19.01 -69.98 23.11
N ASP H 103 -19.46 -69.44 24.24
CA ASP H 103 -20.70 -68.67 24.35
C ASP H 103 -20.76 -67.32 23.59
N TYR H 104 -19.70 -66.53 23.70
CA TYR H 104 -19.72 -65.20 23.15
C TYR H 104 -18.58 -65.03 22.17
N LEU H 105 -18.84 -64.29 21.12
CA LEU H 105 -17.84 -64.16 20.08
C LEU H 105 -16.49 -63.74 20.61
N TYR H 106 -16.46 -63.09 21.76
CA TYR H 106 -15.21 -62.56 22.29
C TYR H 106 -14.35 -63.67 22.88
N GLN H 107 -15.00 -64.68 23.45
CA GLN H 107 -14.28 -65.84 23.97
C GLN H 107 -13.29 -66.37 22.92
N VAL H 108 -13.65 -66.19 21.66
CA VAL H 108 -12.78 -66.55 20.55
C VAL H 108 -11.42 -65.86 20.61
N TYR H 109 -11.39 -64.54 20.74
CA TYR H 109 -10.10 -63.86 20.79
C TYR H 109 -9.36 -64.26 22.07
N THR H 110 -10.12 -64.28 23.17
CA THR H 110 -9.69 -64.70 24.51
C THR H 110 -8.90 -66.01 24.49
N ALA H 111 -9.41 -66.96 23.71
CA ALA H 111 -8.78 -68.25 23.47
C ALA H 111 -7.35 -68.10 22.97
N ALA H 112 -7.16 -67.90 21.68
CA ALA H 112 -5.79 -67.75 21.12
C ALA H 112 -4.84 -66.71 21.82
N ASP H 113 -5.42 -65.66 22.39
CA ASP H 113 -4.67 -64.58 23.04
C ASP H 113 -5.43 -64.14 24.28
N PRO H 114 -4.95 -64.53 25.47
CA PRO H 114 -5.78 -64.28 26.67
C PRO H 114 -5.63 -62.85 27.22
N THR H 115 -4.72 -62.05 26.66
CA THR H 115 -4.58 -60.63 27.02
C THR H 115 -4.78 -59.75 25.80
N TYR H 116 -5.85 -60.03 25.08
CA TYR H 116 -6.09 -59.32 23.84
C TYR H 116 -6.77 -58.04 24.21
N THR H 117 -6.54 -57.01 23.39
CA THR H 117 -7.10 -55.67 23.59
C THR H 117 -7.46 -55.01 22.26
N GLY H 118 -8.70 -55.19 21.83
CA GLY H 118 -9.10 -54.80 20.48
C GLY H 118 -10.60 -54.89 20.38
N ARG H 119 -11.16 -54.65 19.20
CA ARG H 119 -12.61 -54.78 19.11
C ARG H 119 -12.93 -56.15 18.57
N VAL H 120 -14.13 -56.62 18.88
CA VAL H 120 -14.56 -57.99 18.60
C VAL H 120 -15.44 -58.11 17.34
N THR H 121 -14.83 -58.50 16.24
CA THR H 121 -15.55 -58.44 14.98
C THR H 121 -15.79 -59.81 14.36
N ILE H 122 -16.51 -59.78 13.23
CA ILE H 122 -16.71 -60.92 12.32
C ILE H 122 -16.79 -60.29 10.96
N PRO H 123 -16.31 -60.96 9.92
CA PRO H 123 -15.70 -62.28 9.76
C PRO H 123 -14.33 -62.52 10.40
N ILE H 124 -14.15 -63.73 10.91
CA ILE H 124 -12.87 -64.23 11.37
C ILE H 124 -12.52 -65.47 10.57
N LEU H 125 -11.31 -65.53 10.05
CA LEU H 125 -10.84 -66.73 9.39
C LEU H 125 -9.86 -67.42 10.35
N TRP H 126 -10.30 -68.55 10.90
CA TRP H 126 -9.54 -69.25 11.94
C TRP H 126 -8.67 -70.40 11.40
N ASP H 127 -7.44 -70.48 11.88
CA ASP H 127 -6.44 -71.42 11.37
C ASP H 127 -6.38 -72.59 12.32
N LYS H 128 -7.31 -73.54 12.10
CA LYS H 128 -7.60 -74.65 13.04
C LYS H 128 -6.37 -75.36 13.61
N VAL H 129 -5.42 -75.64 12.75
CA VAL H 129 -4.20 -76.32 13.15
C VAL H 129 -3.28 -75.46 14.03
N GLU H 130 -3.02 -74.23 13.62
CA GLU H 130 -2.15 -73.37 14.43
C GLU H 130 -2.89 -72.78 15.63
N LYS H 131 -4.18 -73.08 15.74
CA LYS H 131 -4.95 -72.80 16.97
C LYS H 131 -5.17 -71.30 17.24
N ARG H 132 -5.44 -70.53 16.19
CA ARG H 132 -5.48 -69.07 16.28
C ARG H 132 -6.40 -68.38 15.24
N ILE H 133 -6.29 -67.05 15.15
CA ILE H 133 -6.93 -66.31 14.07
C ILE H 133 -5.90 -65.84 13.07
N LEU H 134 -6.26 -65.89 11.79
CA LEU H 134 -5.26 -65.72 10.76
C LEU H 134 -5.38 -64.36 10.13
N ASN H 135 -6.64 -63.99 9.88
CA ASN H 135 -6.98 -62.71 9.24
C ASN H 135 -8.45 -62.39 9.50
N ASN H 136 -8.73 -61.15 9.94
CA ASN H 136 -10.11 -60.76 10.14
C ASN H 136 -10.42 -59.38 9.61
N GLU H 137 -9.82 -59.09 8.47
CA GLU H 137 -10.27 -57.99 7.67
C GLU H 137 -11.03 -58.53 6.45
N SER H 138 -12.35 -58.44 6.46
CA SER H 138 -13.18 -58.96 5.37
C SER H 138 -12.69 -58.58 3.95
N SER H 139 -11.89 -57.53 3.83
CA SER H 139 -11.39 -57.15 2.52
C SER H 139 -10.18 -57.98 2.18
N GLU H 140 -9.66 -58.67 3.18
CA GLU H 140 -8.47 -59.48 3.05
C GLU H 140 -8.84 -60.97 3.06
N ILE H 141 -9.88 -61.30 3.81
CA ILE H 141 -10.41 -62.65 3.77
C ILE H 141 -10.89 -62.88 2.37
N ILE H 142 -11.82 -62.04 1.92
CA ILE H 142 -12.43 -62.12 0.59
C ILE H 142 -11.45 -62.45 -0.55
N ARG H 143 -10.23 -61.96 -0.44
CA ARG H 143 -9.26 -62.05 -1.52
C ARG H 143 -8.39 -63.30 -1.35
N ILE H 144 -8.18 -63.71 -0.10
CA ILE H 144 -7.52 -64.97 0.23
C ILE H 144 -8.32 -66.17 -0.32
N LEU H 145 -9.66 -66.07 -0.33
CA LEU H 145 -10.53 -67.09 -0.95
C LEU H 145 -10.50 -67.12 -2.50
N ASN H 146 -9.84 -66.15 -3.11
CA ASN H 146 -9.87 -65.99 -4.56
C ASN H 146 -8.64 -66.64 -5.23
N SER H 147 -7.45 -66.25 -4.74
CA SER H 147 -6.16 -66.63 -5.34
C SER H 147 -5.33 -67.62 -4.47
N ALA H 148 -6.02 -68.35 -3.59
CA ALA H 148 -5.48 -69.57 -2.96
C ALA H 148 -6.60 -70.57 -3.13
N PHE H 149 -6.32 -71.86 -2.92
CA PHE H 149 -7.32 -72.91 -3.17
C PHE H 149 -7.70 -73.17 -4.64
N ASP H 150 -7.14 -72.37 -5.57
CA ASP H 150 -7.22 -72.66 -7.00
C ASP H 150 -6.47 -73.97 -7.36
N ASP H 151 -5.60 -74.42 -6.44
CA ASP H 151 -4.94 -75.72 -6.50
C ASP H 151 -5.79 -76.75 -5.80
N VAL H 152 -5.83 -76.64 -4.48
CA VAL H 152 -6.58 -77.53 -3.61
C VAL H 152 -8.10 -77.59 -3.92
N GLY H 153 -8.50 -77.34 -5.16
CA GLY H 153 -9.88 -77.58 -5.59
C GLY H 153 -11.00 -76.56 -5.37
N ALA H 154 -10.81 -75.37 -5.95
CA ALA H 154 -11.74 -74.27 -5.75
C ALA H 154 -12.93 -74.43 -6.67
N LEU H 155 -13.00 -73.58 -7.67
CA LEU H 155 -14.00 -73.56 -8.73
C LEU H 155 -13.42 -72.68 -9.83
N PRO H 156 -14.25 -72.09 -10.70
CA PRO H 156 -13.63 -71.02 -11.50
C PRO H 156 -13.36 -69.76 -10.66
N GLY H 157 -13.35 -68.60 -11.32
CA GLY H 157 -13.47 -67.33 -10.60
C GLY H 157 -12.19 -66.62 -10.22
N ASP H 158 -11.89 -65.54 -10.93
CA ASP H 158 -10.83 -64.63 -10.55
C ASP H 158 -11.42 -63.24 -10.49
N TYR H 159 -12.05 -62.92 -9.36
CA TYR H 159 -12.76 -61.65 -9.19
C TYR H 159 -11.84 -60.48 -8.88
N TYR H 160 -10.53 -60.71 -8.93
CA TYR H 160 -9.57 -59.63 -8.81
C TYR H 160 -8.62 -59.69 -9.98
N PRO H 161 -9.19 -59.73 -11.19
CA PRO H 161 -8.46 -59.82 -12.45
C PRO H 161 -7.43 -58.71 -12.63
N ALA H 162 -6.17 -59.09 -12.76
CA ALA H 162 -5.10 -58.11 -12.81
C ALA H 162 -5.32 -57.09 -13.92
N GLU H 163 -6.06 -57.48 -14.95
CA GLU H 163 -6.35 -56.57 -16.06
C GLU H 163 -7.23 -55.41 -15.59
N PHE H 164 -7.94 -55.63 -14.48
CA PHE H 164 -8.96 -54.70 -14.03
C PHE H 164 -8.72 -54.18 -12.60
N ARG H 165 -7.55 -54.45 -12.05
CA ARG H 165 -7.24 -54.02 -10.68
C ARG H 165 -7.26 -52.51 -10.41
N PRO H 166 -6.83 -51.69 -11.39
CA PRO H 166 -6.93 -50.25 -11.15
C PRO H 166 -8.39 -49.88 -10.95
N GLU H 167 -9.20 -50.08 -11.99
CA GLU H 167 -10.61 -49.68 -11.95
C GLU H 167 -11.39 -50.27 -10.77
N ILE H 168 -10.89 -51.34 -10.17
CA ILE H 168 -11.61 -51.94 -9.05
C ILE H 168 -11.24 -51.27 -7.74
N ASP H 169 -9.95 -51.04 -7.52
CA ASP H 169 -9.48 -50.45 -6.27
C ASP H 169 -10.01 -49.03 -6.16
N ARG H 170 -10.22 -48.41 -7.31
CA ARG H 170 -10.73 -47.04 -7.41
C ARG H 170 -12.18 -47.01 -6.96
N ILE H 171 -12.99 -47.83 -7.62
CA ILE H 171 -14.41 -47.91 -7.33
C ILE H 171 -14.63 -48.41 -5.92
N ASN H 172 -13.71 -49.22 -5.43
CA ASN H 172 -13.91 -49.78 -4.11
C ASN H 172 -13.65 -48.74 -3.05
N ALA H 173 -12.61 -47.94 -3.29
CA ALA H 173 -12.34 -46.78 -2.46
C ALA H 173 -13.65 -46.04 -2.18
N ARG H 174 -14.25 -45.50 -3.26
CA ARG H 174 -15.48 -44.70 -3.15
C ARG H 174 -16.56 -45.44 -2.36
N VAL H 175 -16.92 -46.61 -2.85
CA VAL H 175 -17.93 -47.46 -2.22
C VAL H 175 -17.73 -47.66 -0.70
N TYR H 176 -16.48 -47.87 -0.29
CA TYR H 176 -16.23 -48.14 1.12
C TYR H 176 -16.44 -46.93 1.98
N GLU H 177 -15.99 -45.77 1.49
CA GLU H 177 -15.99 -44.57 2.30
C GLU H 177 -17.35 -43.94 2.38
N THR H 178 -18.03 -43.85 1.25
CA THR H 178 -19.29 -43.12 1.18
C THR H 178 -20.54 -43.96 1.33
N LEU H 179 -20.41 -45.28 1.10
CA LEU H 179 -21.56 -46.18 1.08
C LEU H 179 -21.40 -47.31 2.11
N ASN H 180 -20.29 -48.05 2.03
CA ASN H 180 -20.08 -49.14 2.98
C ASN H 180 -20.02 -48.68 4.42
N ASN H 181 -19.13 -47.73 4.70
CA ASN H 181 -19.22 -47.01 5.96
C ASN H 181 -20.22 -45.84 5.90
N GLY H 182 -20.50 -45.34 4.69
CA GLY H 182 -21.50 -44.30 4.50
C GLY H 182 -22.77 -44.51 5.32
N VAL H 183 -23.59 -45.44 4.89
CA VAL H 183 -24.81 -45.75 5.63
C VAL H 183 -24.58 -45.61 7.14
N TYR H 184 -23.50 -46.22 7.64
CA TYR H 184 -23.26 -46.23 9.06
C TYR H 184 -22.97 -44.84 9.66
N ARG H 185 -22.04 -44.09 9.04
CA ARG H 185 -21.69 -42.73 9.49
C ARG H 185 -22.98 -41.91 9.51
N SER H 186 -23.80 -42.06 8.49
CA SER H 186 -25.13 -41.48 8.53
C SER H 186 -25.89 -41.83 9.78
N GLY H 187 -26.18 -43.11 9.93
CA GLY H 187 -27.13 -43.60 10.91
C GLY H 187 -26.71 -43.41 12.34
N PHE H 188 -25.40 -43.41 12.59
CA PHE H 188 -24.94 -43.25 13.97
C PHE H 188 -24.72 -41.78 14.33
N ALA H 189 -24.32 -40.98 13.34
CA ALA H 189 -24.14 -39.55 13.50
C ALA H 189 -25.12 -38.95 14.50
N THR H 190 -24.60 -38.13 15.39
CA THR H 190 -25.33 -37.58 16.53
C THR H 190 -25.66 -36.10 16.42
N THR H 191 -25.09 -35.42 15.42
CA THR H 191 -25.46 -34.03 15.16
C THR H 191 -26.10 -33.94 13.78
N GLN H 192 -27.13 -33.14 13.67
CA GLN H 192 -27.84 -33.10 12.43
C GLN H 192 -26.94 -32.63 11.30
N GLU H 193 -25.89 -31.90 11.63
CA GLU H 193 -24.99 -31.47 10.58
C GLU H 193 -24.09 -32.62 10.11
N ALA H 194 -23.66 -33.45 11.05
CA ALA H 194 -22.70 -34.51 10.77
C ALA H 194 -23.41 -35.57 9.95
N TYR H 195 -24.67 -35.81 10.33
CA TYR H 195 -25.58 -36.65 9.59
C TYR H 195 -25.65 -36.24 8.13
N GLU H 196 -26.08 -35.00 7.90
CA GLU H 196 -26.13 -34.53 6.55
C GLU H 196 -24.75 -34.64 5.84
N GLU H 197 -23.65 -34.46 6.57
CA GLU H 197 -22.36 -34.54 5.94
C GLU H 197 -21.99 -35.98 5.47
N ALA H 198 -22.54 -36.99 6.12
CA ALA H 198 -22.33 -38.37 5.67
C ALA H 198 -23.40 -38.83 4.68
N PHE H 199 -24.66 -38.49 4.95
CA PHE H 199 -25.76 -38.92 4.12
C PHE H 199 -25.65 -38.39 2.68
N TYR H 200 -25.37 -37.11 2.48
CA TYR H 200 -25.40 -36.59 1.11
C TYR H 200 -24.38 -37.25 0.16
N PRO H 201 -23.09 -37.30 0.55
CA PRO H 201 -22.11 -37.79 -0.40
C PRO H 201 -22.38 -39.28 -0.72
N LEU H 202 -23.14 -39.90 0.18
CA LEU H 202 -23.61 -41.25 -0.03
C LEU H 202 -24.50 -41.37 -1.26
N PHE H 203 -25.56 -40.56 -1.32
CA PHE H 203 -26.41 -40.55 -2.53
C PHE H 203 -25.68 -39.97 -3.74
N ASP H 204 -24.59 -39.28 -3.48
CA ASP H 204 -23.76 -38.82 -4.56
C ASP H 204 -23.11 -40.02 -5.20
N THR H 205 -22.68 -40.97 -4.37
CA THR H 205 -22.03 -42.19 -4.84
C THR H 205 -23.03 -43.12 -5.51
N LEU H 206 -24.20 -43.33 -4.92
CA LEU H 206 -25.28 -44.00 -5.65
C LEU H 206 -25.40 -43.35 -7.02
N ASP H 207 -25.78 -42.07 -7.07
CA ASP H 207 -25.93 -41.35 -8.32
C ASP H 207 -24.86 -41.71 -9.35
N TRP H 208 -23.63 -41.81 -8.89
CA TRP H 208 -22.51 -42.06 -9.78
C TRP H 208 -22.59 -43.44 -10.34
N LEU H 209 -22.84 -44.38 -9.43
CA LEU H 209 -22.97 -45.76 -9.78
C LEU H 209 -24.07 -45.99 -10.81
N GLU H 210 -25.28 -45.51 -10.52
CA GLU H 210 -26.39 -45.64 -11.47
C GLU H 210 -25.98 -45.27 -12.88
N GLU H 211 -25.10 -44.29 -13.01
CA GLU H 211 -24.72 -43.91 -14.35
C GLU H 211 -23.54 -44.70 -14.85
N HIS H 212 -22.60 -44.99 -13.95
CA HIS H 212 -21.47 -45.81 -14.36
C HIS H 212 -21.99 -47.01 -15.08
N LEU H 213 -22.68 -47.86 -14.32
CA LEU H 213 -23.30 -49.06 -14.89
C LEU H 213 -24.59 -48.74 -15.59
N THR H 214 -24.54 -47.82 -16.55
CA THR H 214 -25.72 -47.43 -17.31
C THR H 214 -25.93 -48.29 -18.57
N GLY H 215 -24.84 -48.64 -19.24
CA GLY H 215 -24.88 -49.68 -20.27
C GLY H 215 -24.43 -51.01 -19.67
N ARG H 216 -23.53 -50.92 -18.72
CA ARG H 216 -22.95 -52.09 -18.08
C ARG H 216 -23.96 -53.04 -17.42
N GLU H 217 -23.45 -54.25 -17.15
CA GLU H 217 -24.17 -55.39 -16.64
C GLU H 217 -23.57 -55.72 -15.31
N TRP H 218 -22.26 -55.53 -15.23
CA TRP H 218 -21.59 -55.49 -13.94
C TRP H 218 -20.82 -54.20 -13.93
N LEU H 219 -20.28 -53.88 -12.76
CA LEU H 219 -19.33 -52.80 -12.57
C LEU H 219 -18.18 -52.90 -13.57
N VAL H 220 -17.05 -53.47 -13.15
CA VAL H 220 -15.89 -53.49 -14.03
C VAL H 220 -15.92 -54.68 -14.99
N GLY H 221 -15.34 -54.51 -16.19
CA GLY H 221 -15.39 -55.52 -17.24
C GLY H 221 -16.84 -55.91 -17.50
N ASP H 222 -17.07 -56.97 -18.26
CA ASP H 222 -18.43 -57.47 -18.35
C ASP H 222 -18.51 -58.65 -17.38
N ARG H 223 -17.76 -58.51 -16.29
CA ARG H 223 -17.52 -59.61 -15.35
C ARG H 223 -18.00 -59.28 -13.93
N LEU H 224 -18.50 -60.28 -13.23
CA LEU H 224 -18.62 -60.16 -11.80
C LEU H 224 -17.20 -60.03 -11.22
N THR H 225 -16.98 -59.06 -10.33
CA THR H 225 -15.71 -58.88 -9.61
C THR H 225 -16.00 -58.57 -8.15
N GLU H 226 -14.94 -58.46 -7.34
CA GLU H 226 -15.15 -58.25 -5.90
C GLU H 226 -15.77 -56.89 -5.62
N ALA H 227 -15.73 -56.01 -6.62
CA ALA H 227 -16.39 -54.71 -6.55
C ALA H 227 -17.90 -54.87 -6.37
N ASP H 228 -18.50 -55.70 -7.22
CA ASP H 228 -19.92 -56.00 -7.14
C ASP H 228 -20.24 -56.74 -5.84
N ILE H 229 -19.27 -57.50 -5.34
CA ILE H 229 -19.46 -58.30 -4.14
C ILE H 229 -19.43 -57.44 -2.87
N ARG H 230 -18.49 -56.48 -2.82
CA ARG H 230 -18.35 -55.57 -1.66
C ARG H 230 -19.54 -54.62 -1.57
N LEU H 231 -20.11 -54.27 -2.73
CA LEU H 231 -21.20 -53.32 -2.81
C LEU H 231 -22.53 -53.99 -2.53
N PHE H 232 -22.63 -55.24 -2.91
CA PHE H 232 -23.92 -55.88 -2.82
C PHE H 232 -24.49 -55.97 -1.37
N PRO H 233 -23.65 -56.35 -0.38
CA PRO H 233 -24.24 -56.53 0.94
C PRO H 233 -24.89 -55.26 1.45
N THR H 234 -24.41 -54.10 0.99
CA THR H 234 -24.94 -52.83 1.45
C THR H 234 -26.22 -52.48 0.69
N LEU H 235 -26.24 -52.68 -0.61
CA LEU H 235 -27.50 -52.47 -1.36
C LEU H 235 -28.65 -53.31 -0.84
N VAL H 236 -28.40 -54.58 -0.61
CA VAL H 236 -29.47 -55.51 -0.29
C VAL H 236 -30.05 -55.23 1.08
N ARG H 237 -29.26 -54.58 1.92
CA ARG H 237 -29.76 -54.20 3.23
C ARG H 237 -30.44 -52.80 3.22
N PHE H 238 -30.32 -52.12 2.08
CA PHE H 238 -30.83 -50.75 1.96
C PHE H 238 -32.32 -50.61 2.20
N ASP H 239 -33.14 -50.67 1.16
CA ASP H 239 -34.55 -50.33 1.34
C ASP H 239 -35.18 -50.99 2.57
N ALA H 240 -34.62 -52.12 2.98
CA ALA H 240 -35.17 -52.88 4.11
C ALA H 240 -34.74 -52.34 5.49
N ILE H 241 -33.45 -52.04 5.63
CA ILE H 241 -32.87 -51.52 6.88
C ILE H 241 -32.38 -50.06 6.83
N TYR H 242 -31.29 -49.84 6.09
CA TYR H 242 -30.60 -48.54 6.03
C TYR H 242 -31.50 -47.32 5.77
N HIS H 243 -32.37 -47.45 4.80
CA HIS H 243 -33.26 -46.38 4.44
C HIS H 243 -34.07 -45.82 5.60
N GLY H 244 -34.40 -46.63 6.60
CA GLY H 244 -35.18 -46.11 7.70
C GLY H 244 -34.41 -46.03 9.00
N HIS H 245 -33.75 -47.12 9.34
CA HIS H 245 -33.02 -47.19 10.60
C HIS H 245 -31.77 -46.29 10.60
N PHE H 246 -31.21 -46.05 9.43
CA PHE H 246 -30.05 -45.19 9.30
C PHE H 246 -30.42 -43.93 8.49
N LYS H 247 -31.68 -43.54 8.60
CA LYS H 247 -32.28 -42.45 7.82
C LYS H 247 -31.57 -42.15 6.53
N CYS H 248 -31.13 -43.15 5.78
CA CYS H 248 -30.57 -42.87 4.46
C CYS H 248 -31.68 -42.76 3.42
N ASN H 249 -32.42 -41.67 3.39
CA ASN H 249 -33.69 -41.75 2.69
C ASN H 249 -34.00 -40.68 1.70
N LEU H 250 -33.02 -40.26 0.94
CA LEU H 250 -33.29 -39.30 -0.13
C LEU H 250 -34.20 -39.98 -1.20
N ARG H 251 -33.74 -41.13 -1.68
CA ARG H 251 -34.50 -41.99 -2.57
C ARG H 251 -34.40 -43.37 -1.99
N ARG H 252 -35.19 -44.31 -2.50
CA ARG H 252 -34.97 -45.74 -2.25
C ARG H 252 -34.13 -46.31 -3.39
N ILE H 253 -33.44 -47.42 -3.13
CA ILE H 253 -32.68 -48.12 -4.18
C ILE H 253 -33.60 -48.54 -5.30
N ALA H 254 -34.80 -48.98 -4.93
CA ALA H 254 -35.83 -49.31 -5.90
C ALA H 254 -35.94 -48.22 -6.92
N ASP H 255 -35.74 -46.99 -6.47
CA ASP H 255 -35.90 -45.82 -7.33
C ASP H 255 -34.67 -45.63 -8.16
N TYR H 256 -33.85 -46.67 -8.20
CA TYR H 256 -32.70 -46.66 -9.05
C TYR H 256 -32.76 -47.88 -9.97
N PRO H 257 -33.31 -47.72 -11.19
CA PRO H 257 -33.25 -48.67 -12.30
C PRO H 257 -32.01 -49.54 -12.33
N ASN H 258 -30.95 -49.10 -13.01
CA ASN H 258 -29.75 -49.89 -13.05
C ASN H 258 -29.38 -50.52 -11.72
N LEU H 259 -28.97 -49.72 -10.74
CA LEU H 259 -28.69 -50.24 -9.40
C LEU H 259 -29.64 -51.34 -8.93
N SER H 260 -30.90 -51.28 -9.36
CA SER H 260 -31.82 -52.33 -8.98
C SER H 260 -31.65 -53.59 -9.80
N ARG H 261 -31.34 -53.44 -11.09
CA ARG H 261 -30.97 -54.59 -11.90
C ARG H 261 -29.88 -55.30 -11.14
N LEU H 262 -28.70 -54.71 -11.10
CA LEU H 262 -27.58 -55.32 -10.41
C LEU H 262 -27.97 -55.93 -9.05
N VAL H 263 -28.87 -55.31 -8.31
CA VAL H 263 -29.20 -55.92 -7.03
C VAL H 263 -29.84 -57.27 -7.20
N GLY H 264 -31.07 -57.30 -7.69
CA GLY H 264 -31.77 -58.56 -7.92
C GLY H 264 -30.94 -59.56 -8.73
N LYS H 265 -30.44 -59.13 -9.89
CA LYS H 265 -29.61 -59.98 -10.71
C LYS H 265 -28.67 -60.89 -9.87
N LEU H 266 -28.01 -60.35 -8.86
CA LEU H 266 -27.24 -61.17 -7.90
C LEU H 266 -28.06 -62.04 -6.96
N ALA H 267 -29.04 -61.45 -6.26
CA ALA H 267 -29.98 -62.19 -5.41
C ALA H 267 -30.73 -63.37 -6.08
N SER H 268 -30.74 -63.38 -7.41
CA SER H 268 -31.18 -64.52 -8.21
C SER H 268 -30.14 -65.59 -8.04
N HIS H 269 -29.11 -65.54 -8.89
CA HIS H 269 -27.91 -66.37 -8.79
C HIS H 269 -27.94 -67.31 -7.57
N GLU H 270 -28.01 -68.62 -7.84
CA GLU H 270 -28.44 -69.60 -6.82
C GLU H 270 -27.33 -70.04 -5.89
N ARG H 271 -26.19 -69.35 -5.98
CA ARG H 271 -25.12 -69.55 -5.01
C ARG H 271 -25.13 -68.46 -3.92
N VAL H 272 -25.65 -67.28 -4.26
CA VAL H 272 -25.75 -66.16 -3.31
C VAL H 272 -27.09 -66.12 -2.58
N ALA H 273 -28.18 -66.38 -3.29
CA ALA H 273 -29.49 -66.41 -2.61
C ALA H 273 -29.54 -67.13 -1.23
N PRO H 274 -28.69 -68.17 -1.03
CA PRO H 274 -28.62 -68.81 0.29
C PRO H 274 -27.94 -67.95 1.36
N THR H 275 -27.16 -66.96 0.94
CA THR H 275 -26.51 -66.06 1.88
C THR H 275 -27.49 -65.00 2.45
N ILE H 276 -28.12 -64.25 1.55
CA ILE H 276 -29.19 -63.32 1.89
C ILE H 276 -30.30 -63.86 2.83
N ASN H 277 -30.27 -63.49 4.10
CA ASN H 277 -31.51 -63.56 4.85
C ASN H 277 -31.77 -62.17 5.39
N LEU H 278 -32.94 -61.61 5.07
CA LEU H 278 -33.25 -60.26 5.53
C LEU H 278 -33.89 -60.19 6.89
N ARG H 279 -34.96 -60.97 7.09
CA ARG H 279 -35.65 -61.03 8.39
C ARG H 279 -34.66 -61.08 9.55
N HIS H 280 -33.52 -61.76 9.39
CA HIS H 280 -32.46 -61.79 10.41
C HIS H 280 -31.80 -60.41 10.47
N ALA H 281 -31.05 -60.03 9.42
CA ALA H 281 -30.40 -58.71 9.38
C ALA H 281 -31.29 -57.58 9.94
N LYS H 282 -32.58 -57.58 9.64
CA LYS H 282 -33.46 -56.64 10.33
C LYS H 282 -33.49 -56.81 11.87
N ALA H 283 -33.70 -58.02 12.38
CA ALA H 283 -33.80 -58.17 13.83
C ALA H 283 -32.52 -57.79 14.53
N HIS H 284 -31.45 -57.65 13.79
CA HIS H 284 -30.19 -57.28 14.40
C HIS H 284 -30.24 -55.80 14.59
N TYR H 285 -29.92 -55.08 13.51
CA TYR H 285 -30.03 -53.62 13.44
C TYR H 285 -31.08 -53.00 14.35
N TYR H 286 -32.36 -53.17 14.04
CA TYR H 286 -33.37 -52.55 14.88
C TYR H 286 -33.21 -52.95 16.36
N GLY H 287 -32.70 -54.15 16.58
CA GLY H 287 -32.82 -54.76 17.88
C GLY H 287 -31.66 -54.53 18.79
N SER H 288 -30.48 -54.37 18.21
CA SER H 288 -29.22 -54.27 18.95
C SER H 288 -28.57 -52.86 18.92
N HIS H 289 -29.33 -51.92 18.36
CA HIS H 289 -28.91 -50.55 18.17
C HIS H 289 -29.83 -49.63 18.94
N PRO H 290 -29.68 -49.56 20.28
CA PRO H 290 -30.61 -48.88 21.20
C PRO H 290 -30.37 -47.37 21.29
N SER H 291 -29.16 -46.95 20.88
CA SER H 291 -28.76 -45.54 20.82
C SER H 291 -29.42 -44.89 19.61
N VAL H 292 -29.64 -45.68 18.56
CA VAL H 292 -30.43 -45.23 17.43
C VAL H 292 -31.91 -45.47 17.66
N ASN H 293 -32.26 -46.65 18.16
CA ASN H 293 -33.66 -47.09 18.28
C ASN H 293 -33.93 -47.78 19.62
N PRO H 294 -34.30 -47.00 20.63
CA PRO H 294 -34.35 -47.55 21.99
C PRO H 294 -35.39 -48.65 22.10
N THR H 295 -36.62 -48.40 21.63
CA THR H 295 -37.67 -49.39 21.83
C THR H 295 -37.16 -50.82 21.51
N GLY H 296 -36.58 -51.00 20.32
CA GLY H 296 -36.08 -52.30 19.90
C GLY H 296 -36.84 -52.78 18.67
N ILE H 297 -38.16 -52.67 18.75
CA ILE H 297 -39.09 -53.00 17.67
C ILE H 297 -38.53 -53.12 16.27
N VAL H 298 -38.70 -54.31 15.69
CA VAL H 298 -38.32 -54.56 14.30
C VAL H 298 -39.53 -54.29 13.43
N PRO H 299 -39.47 -53.24 12.61
CA PRO H 299 -40.72 -52.84 11.96
C PRO H 299 -41.22 -53.96 11.09
N VAL H 300 -42.52 -53.93 10.79
CA VAL H 300 -43.19 -54.80 9.84
C VAL H 300 -42.52 -54.70 8.47
N GLY H 301 -41.40 -53.97 8.44
CA GLY H 301 -40.53 -53.83 7.27
C GLY H 301 -41.23 -53.32 6.03
N PRO H 302 -40.46 -53.14 4.95
CA PRO H 302 -41.17 -52.87 3.70
C PRO H 302 -41.67 -54.21 3.15
N ALA H 303 -42.92 -54.24 2.67
CA ALA H 303 -43.49 -55.37 1.91
C ALA H 303 -42.41 -56.28 1.32
N GLN H 304 -41.99 -55.98 0.09
CA GLN H 304 -40.80 -56.63 -0.44
C GLN H 304 -39.75 -55.57 -0.75
N PRO H 305 -38.57 -55.73 -0.16
CA PRO H 305 -37.48 -54.76 -0.32
C PRO H 305 -36.87 -54.87 -1.71
N LEU H 306 -37.16 -55.95 -2.42
CA LEU H 306 -36.45 -56.27 -3.66
C LEU H 306 -37.36 -56.46 -4.90
N PRO H 307 -36.76 -56.86 -6.03
CA PRO H 307 -37.55 -57.23 -7.22
C PRO H 307 -38.18 -58.65 -7.20
N GLY H 308 -38.25 -59.25 -8.39
CA GLY H 308 -38.88 -60.56 -8.53
C GLY H 308 -39.49 -60.79 -9.91
N LEU H 309 -38.83 -61.64 -10.71
CA LEU H 309 -39.25 -61.95 -12.08
C LEU H 309 -39.06 -60.78 -13.08
N THR H 310 -38.33 -61.04 -14.19
CA THR H 310 -38.22 -60.15 -15.37
C THR H 310 -37.83 -60.97 -16.64
N LEU H 311 -38.28 -60.53 -17.83
CA LEU H 311 -38.06 -61.25 -19.11
C LEU H 311 -36.60 -61.78 -19.26
N GLN H 312 -36.41 -62.85 -20.05
CA GLN H 312 -35.09 -63.49 -20.17
C GLN H 312 -34.26 -62.99 -21.37
N SER H 313 -34.51 -63.54 -22.56
CA SER H 313 -33.82 -63.12 -23.78
C SER H 313 -34.34 -63.90 -25.00
#